data_7RFK
#
_entry.id   7RFK
#
_cell.length_a   82.155
_cell.length_b   160.446
_cell.length_c   231.304
_cell.angle_alpha   90.000
_cell.angle_beta   90.000
_cell.angle_gamma   90.000
#
_symmetry.space_group_name_H-M   'P 21 21 21'
#
loop_
_entity.id
_entity.type
_entity.pdbx_description
1 polymer 'Site-specific DNA-methyltransferase (adenine-specific)'
2 polymer 'DNA Strand 2'
3 polymer 'DNA Strand 1'
4 non-polymer SINEFUNGIN
5 non-polymer 1,2-ETHANEDIOL
6 non-polymer 'POTASSIUM ION'
7 water water
#
loop_
_entity_poly.entity_id
_entity_poly.type
_entity_poly.pdbx_seq_one_letter_code
_entity_poly.pdbx_strand_id
1 'polypeptide(L)'
;HMDDISQDNFLLSKEYENSLDVDTKKASGIYYTPKIIVDYIVKKTLKNHDIIKNPYPRILDISCGCGNFLLEVYDILYDL
FEENIYELKKKYDENYWTVDNIHRHILNYCIYGADIDEKAISILKDSLTNKKVVNDLDESDIKINLFCCDSLKKKWRYKF
DYIVGNPPYIGHKKLEKKYKKFLLEKYSEVYKDKADLYFCFYKKIIDILKQGGIGSVITPRYFLESLSGKDLREYIKSNV
NVQEIVDFLGANIFKNIGVSSCILTFDKKKTKETYIDVFKIKNEDICINKFETLEELLKSSKFEHFNINQRLLSDEWILV
NKDDETFYNKIQEKCKYSLEDIAISFQGIITGCDKAFILSKDDVKLNLVDDKFLKCWIKSKNINKYIVDKSEYRLIYSND
IDNENTNKRILDEIIGLYKTKLENRRECKSGIRKWYELQWGREKLFFERKKIMYPYKSNENRFAIDYDNNFSSADVYSFF
IKEEYLDKFSYEYLVGILNSSVYDKYFKITAKKMSKNIYDYYPNKVMKIRIFRDNNYEEIENLSKQIISILLNKSIDKGK
VEKLQIKMDNLIMDSLGI
;
A,B,C
2 'polydeoxyribonucleotide' (DA)(DT)(DG)(DG)(DG)(DA)(DC)(DT)(DT)(DT)(DT)(DT)(DG)(DA) E,G,I
3 'polydeoxyribonucleotide' (DT)(DT)(DC)(DA)(DA)(DA)(DA)(DA)(DG)(DT)(DC)(DC)(DC)(DA) D,F,H
#
# COMPACT_ATOMS: atom_id res chain seq x y z
N GLN A 7 53.64 44.71 -19.28
CA GLN A 7 52.22 44.69 -18.94
C GLN A 7 51.95 44.13 -17.54
N ASP A 8 50.85 44.55 -16.94
CA ASP A 8 50.43 44.07 -15.62
C ASP A 8 49.25 43.12 -15.84
N ASN A 9 49.51 41.82 -15.69
CA ASN A 9 48.48 40.82 -15.92
C ASN A 9 47.45 40.74 -14.79
N PHE A 10 47.64 41.51 -13.71
CA PHE A 10 46.77 41.42 -12.54
C PHE A 10 46.06 42.72 -12.23
N LEU A 11 46.11 43.70 -13.13
CA LEU A 11 45.48 44.99 -12.88
C LEU A 11 43.98 44.94 -13.14
N LEU A 12 43.60 44.59 -14.38
CA LEU A 12 42.19 44.60 -14.76
C LEU A 12 41.39 43.59 -13.93
N SER A 13 41.95 42.41 -13.70
CA SER A 13 41.25 41.40 -12.91
C SER A 13 41.01 41.88 -11.49
N LYS A 14 42.00 42.54 -10.89
CA LYS A 14 41.84 43.08 -9.54
C LYS A 14 40.75 44.15 -9.50
N GLU A 15 40.74 45.05 -10.50
CA GLU A 15 39.68 46.08 -10.53
C GLU A 15 38.30 45.44 -10.66
N TYR A 16 38.16 44.45 -11.54
CA TYR A 16 36.89 43.77 -11.69
C TYR A 16 36.45 43.12 -10.39
N GLU A 17 37.36 42.40 -9.74
CA GLU A 17 37.00 41.74 -8.48
C GLU A 17 36.58 42.75 -7.43
N ASN A 18 37.27 43.88 -7.36
CA ASN A 18 36.88 44.92 -6.40
C ASN A 18 35.53 45.55 -6.75
N SER A 19 35.08 45.46 -8.01
CA SER A 19 33.80 46.05 -8.34
C SER A 19 32.60 45.22 -7.85
N LEU A 20 32.81 43.98 -7.43
CA LEU A 20 31.71 43.10 -7.04
C LEU A 20 31.45 43.17 -5.53
N ASP A 21 30.25 42.79 -5.14
CA ASP A 21 29.87 42.75 -3.73
C ASP A 21 30.03 41.34 -3.16
N VAL A 22 29.88 41.24 -1.84
CA VAL A 22 30.20 40.00 -1.13
C VAL A 22 29.30 38.86 -1.61
N ASP A 23 28.01 39.13 -1.78
CA ASP A 23 27.06 38.07 -2.09
C ASP A 23 27.37 37.41 -3.43
N THR A 24 27.62 38.21 -4.47
CA THR A 24 27.88 37.62 -5.78
C THR A 24 29.22 36.86 -5.81
N LYS A 25 30.23 37.41 -5.13
CA LYS A 25 31.52 36.72 -5.08
C LYS A 25 31.39 35.37 -4.37
N LYS A 26 30.69 35.34 -3.22
CA LYS A 26 30.47 34.08 -2.52
C LYS A 26 29.65 33.11 -3.38
N ALA A 27 28.62 33.61 -4.06
CA ALA A 27 27.75 32.71 -4.81
C ALA A 27 28.47 32.09 -6.00
N SER A 28 29.52 32.72 -6.51
CA SER A 28 30.24 32.11 -7.62
C SER A 28 31.71 31.80 -7.33
N GLY A 29 32.17 32.04 -6.10
CA GLY A 29 33.59 31.83 -5.79
C GLY A 29 34.51 32.75 -6.56
N ILE A 30 34.12 34.01 -6.73
CA ILE A 30 34.87 34.94 -7.57
C ILE A 30 35.93 35.58 -6.67
N TYR A 31 37.05 34.87 -6.52
CA TYR A 31 38.20 35.35 -5.75
C TYR A 31 39.46 34.95 -6.52
N TYR A 32 40.25 35.94 -6.94
CA TYR A 32 41.34 35.68 -7.86
C TYR A 32 42.66 35.44 -7.12
N THR A 33 43.55 34.70 -7.79
CA THR A 33 44.75 34.14 -7.17
C THR A 33 45.92 35.12 -7.24
N PRO A 34 46.63 35.34 -6.14
CA PRO A 34 47.76 36.30 -6.17
C PRO A 34 48.89 35.83 -7.07
N LYS A 35 49.68 36.80 -7.52
CA LYS A 35 50.69 36.53 -8.55
C LYS A 35 51.71 35.50 -8.09
N ILE A 36 52.09 35.51 -6.81
CA ILE A 36 53.15 34.60 -6.38
C ILE A 36 52.69 33.14 -6.51
N ILE A 37 51.41 32.88 -6.21
CA ILE A 37 50.87 31.53 -6.39
C ILE A 37 50.78 31.18 -7.87
N VAL A 38 50.24 32.09 -8.69
CA VAL A 38 50.13 31.82 -10.13
C VAL A 38 51.49 31.51 -10.72
N ASP A 39 52.49 32.33 -10.39
CA ASP A 39 53.83 32.11 -10.90
C ASP A 39 54.33 30.74 -10.53
N TYR A 40 54.16 30.34 -9.26
CA TYR A 40 54.64 29.03 -8.86
C TYR A 40 53.95 27.93 -9.66
N ILE A 41 52.62 27.99 -9.79
CA ILE A 41 51.89 26.90 -10.43
C ILE A 41 52.23 26.81 -11.91
N VAL A 42 52.27 27.95 -12.61
CA VAL A 42 52.60 27.96 -14.03
C VAL A 42 54.02 27.44 -14.25
N LYS A 43 54.98 27.90 -13.44
CA LYS A 43 56.35 27.42 -13.59
C LYS A 43 56.43 25.93 -13.29
N LYS A 44 55.72 25.48 -12.25
CA LYS A 44 55.69 24.07 -11.91
C LYS A 44 55.23 23.22 -13.09
N THR A 45 54.19 23.67 -13.80
CA THR A 45 53.67 22.84 -14.88
C THR A 45 54.47 22.96 -16.18
N LEU A 46 55.00 24.14 -16.50
CA LEU A 46 55.54 24.37 -17.84
C LEU A 46 57.05 24.55 -17.88
N LYS A 47 57.75 24.52 -16.75
CA LYS A 47 59.18 24.85 -16.76
C LYS A 47 59.96 23.92 -17.67
N ASN A 48 59.71 22.62 -17.58
CA ASN A 48 60.48 21.62 -18.30
C ASN A 48 59.76 21.07 -19.51
N HIS A 49 58.74 21.76 -20.00
CA HIS A 49 58.05 21.31 -21.19
C HIS A 49 58.99 21.35 -22.39
N ASP A 50 58.89 20.33 -23.24
CA ASP A 50 59.74 20.19 -24.44
C ASP A 50 58.95 20.73 -25.62
N ILE A 51 59.15 22.01 -25.94
CA ILE A 51 58.37 22.66 -26.98
C ILE A 51 58.76 22.15 -28.37
N ILE A 52 60.00 21.68 -28.54
CA ILE A 52 60.41 21.14 -29.85
C ILE A 52 59.72 19.81 -30.11
N LYS A 53 59.66 18.94 -29.11
CA LYS A 53 58.93 17.69 -29.26
C LYS A 53 57.42 17.92 -29.39
N ASN A 54 56.87 18.85 -28.61
CA ASN A 54 55.43 19.13 -28.65
C ASN A 54 55.16 20.64 -28.67
N PRO A 55 55.15 21.25 -29.85
CA PRO A 55 54.84 22.68 -29.95
C PRO A 55 53.35 23.01 -29.90
N TYR A 56 52.48 22.03 -29.69
CA TYR A 56 51.04 22.26 -29.57
C TYR A 56 50.50 21.85 -28.20
N PRO A 57 51.05 22.40 -27.10
CA PRO A 57 50.55 22.01 -25.78
C PRO A 57 49.22 22.68 -25.51
N ARG A 58 48.25 21.91 -25.02
CA ARG A 58 46.91 22.42 -24.71
C ARG A 58 46.82 22.66 -23.21
N ILE A 59 46.75 23.94 -22.82
CA ILE A 59 46.77 24.35 -21.42
C ILE A 59 45.42 24.96 -21.09
N LEU A 60 44.78 24.44 -20.03
CA LEU A 60 43.41 24.77 -19.68
C LEU A 60 43.32 25.37 -18.28
N ASP A 61 42.51 26.43 -18.17
CA ASP A 61 41.96 26.87 -16.88
C ASP A 61 40.44 26.79 -16.98
N ILE A 62 39.84 25.80 -16.30
CA ILE A 62 38.39 25.60 -16.43
C ILE A 62 37.57 26.57 -15.60
N SER A 63 38.20 27.41 -14.81
CA SER A 63 37.50 28.47 -14.09
C SER A 63 38.34 29.74 -14.15
N CYS A 64 38.67 30.16 -15.38
CA CYS A 64 39.75 31.09 -15.65
C CYS A 64 39.52 32.51 -15.14
N GLY A 65 38.28 32.89 -14.82
CA GLY A 65 38.05 34.26 -14.37
C GLY A 65 38.48 35.26 -15.42
N CYS A 66 39.18 36.32 -14.99
CA CYS A 66 39.73 37.31 -15.91
C CYS A 66 41.09 36.90 -16.46
N GLY A 67 41.62 35.75 -16.07
CA GLY A 67 42.80 35.21 -16.72
C GLY A 67 44.09 35.39 -15.96
N ASN A 68 44.03 35.35 -14.63
CA ASN A 68 45.23 35.44 -13.81
C ASN A 68 46.23 34.36 -14.16
N PHE A 69 45.76 33.14 -14.44
CA PHE A 69 46.65 32.06 -14.85
C PHE A 69 46.97 32.13 -16.33
N LEU A 70 45.96 32.37 -17.17
CA LEU A 70 46.13 32.24 -18.62
C LEU A 70 47.01 33.35 -19.20
N LEU A 71 47.00 34.55 -18.65
CA LEU A 71 47.90 35.60 -19.12
C LEU A 71 49.36 35.26 -18.82
N GLU A 72 49.62 34.69 -17.65
CA GLU A 72 50.96 34.22 -17.32
C GLU A 72 51.36 33.02 -18.18
N VAL A 73 50.41 32.12 -18.44
CA VAL A 73 50.66 31.03 -19.38
C VAL A 73 51.08 31.61 -20.72
N TYR A 74 50.38 32.66 -21.18
CA TYR A 74 50.73 33.30 -22.43
C TYR A 74 52.18 33.77 -22.40
N ASP A 75 52.59 34.46 -21.33
CA ASP A 75 53.94 35.01 -21.28
C ASP A 75 55.00 33.90 -21.31
N ILE A 76 54.80 32.84 -20.52
CA ILE A 76 55.76 31.74 -20.50
C ILE A 76 55.83 31.07 -21.87
N LEU A 77 54.66 30.82 -22.48
CA LEU A 77 54.65 30.19 -23.80
C LEU A 77 55.33 31.05 -24.84
N TYR A 78 55.10 32.37 -24.80
CA TYR A 78 55.75 33.22 -25.77
C TYR A 78 57.26 33.10 -25.66
N ASP A 79 57.78 33.12 -24.43
CA ASP A 79 59.22 32.97 -24.29
C ASP A 79 59.70 31.60 -24.77
N LEU A 80 58.92 30.55 -24.48
CA LEU A 80 59.32 29.20 -24.90
C LEU A 80 59.41 29.11 -26.42
N PHE A 81 58.41 29.61 -27.12
CA PHE A 81 58.44 29.58 -28.59
C PHE A 81 59.54 30.48 -29.14
N GLU A 82 59.71 31.66 -28.56
CA GLU A 82 60.64 32.63 -29.12
C GLU A 82 62.08 32.13 -28.98
N GLU A 83 62.41 31.50 -27.86
CA GLU A 83 63.77 31.02 -27.67
C GLU A 83 64.12 29.86 -28.59
N ASN A 84 63.13 29.13 -29.08
CA ASN A 84 63.39 27.94 -29.90
C ASN A 84 62.83 28.09 -31.31
N ILE A 85 62.69 29.33 -31.78
CA ILE A 85 61.96 29.56 -33.02
C ILE A 85 62.72 29.00 -34.23
N TYR A 86 64.05 29.13 -34.25
CA TYR A 86 64.80 28.63 -35.40
C TYR A 86 64.86 27.11 -35.41
N GLU A 87 64.89 26.48 -34.24
CA GLU A 87 64.85 25.02 -34.18
CA GLU A 87 64.85 25.02 -34.19
C GLU A 87 63.50 24.49 -34.66
N LEU A 88 62.40 25.13 -34.24
CA LEU A 88 61.08 24.74 -34.74
C LEU A 88 60.99 24.97 -36.24
N LYS A 89 61.55 26.10 -36.69
CA LYS A 89 61.57 26.42 -38.12
C LYS A 89 62.27 25.33 -38.91
N LYS A 90 63.41 24.85 -38.41
CA LYS A 90 64.15 23.82 -39.14
C LYS A 90 63.44 22.48 -39.09
N LYS A 91 62.87 22.12 -37.94
CA LYS A 91 62.26 20.80 -37.77
C LYS A 91 60.90 20.69 -38.46
N TYR A 92 60.10 21.75 -38.43
CA TYR A 92 58.73 21.75 -38.91
C TYR A 92 58.60 22.74 -40.08
N ASP A 93 57.36 23.11 -40.41
CA ASP A 93 57.10 24.06 -41.48
C ASP A 93 57.85 25.38 -41.28
N GLU A 94 58.83 25.66 -42.15
CA GLU A 94 59.66 26.84 -41.95
C GLU A 94 58.92 28.14 -42.24
N ASN A 95 57.81 28.09 -42.99
CA ASN A 95 57.02 29.29 -43.18
C ASN A 95 56.06 29.54 -42.01
N TYR A 96 55.70 28.49 -41.28
CA TYR A 96 54.78 28.67 -40.15
C TYR A 96 55.50 29.25 -38.95
N TRP A 97 56.73 28.83 -38.69
CA TRP A 97 57.41 29.15 -37.43
C TRP A 97 58.29 30.38 -37.61
N THR A 98 57.64 31.54 -37.49
CA THR A 98 58.29 32.83 -37.42
C THR A 98 57.86 33.51 -36.13
N VAL A 99 58.66 34.48 -35.68
CA VAL A 99 58.32 35.18 -34.44
C VAL A 99 56.97 35.89 -34.59
N ASP A 100 56.73 36.53 -35.75
CA ASP A 100 55.50 37.28 -35.93
C ASP A 100 54.26 36.39 -35.89
N ASN A 101 54.44 35.08 -35.99
CA ASN A 101 53.31 34.15 -35.94
C ASN A 101 53.04 33.60 -34.53
N ILE A 102 53.98 33.77 -33.59
CA ILE A 102 53.85 33.09 -32.30
C ILE A 102 52.54 33.45 -31.63
N HIS A 103 52.24 34.74 -31.55
CA HIS A 103 50.98 35.20 -30.93
C HIS A 103 49.81 34.38 -31.47
N ARG A 104 49.64 34.38 -32.79
CA ARG A 104 48.49 33.71 -33.39
C ARG A 104 48.48 32.25 -32.98
N HIS A 105 49.65 31.60 -33.05
CA HIS A 105 49.74 30.19 -32.73
C HIS A 105 49.26 29.93 -31.30
N ILE A 106 49.76 30.76 -30.36
CA ILE A 106 49.41 30.55 -28.97
C ILE A 106 47.90 30.65 -28.78
N LEU A 107 47.27 31.58 -29.48
CA LEU A 107 45.83 31.73 -29.28
C LEU A 107 45.05 30.61 -29.96
N ASN A 108 45.55 30.08 -31.07
CA ASN A 108 44.74 29.12 -31.80
C ASN A 108 44.76 27.75 -31.16
N TYR A 109 45.89 27.35 -30.58
CA TYR A 109 46.12 25.95 -30.28
C TYR A 109 46.51 25.65 -28.84
N CYS A 110 46.94 26.63 -28.05
CA CYS A 110 47.57 26.35 -26.77
C CYS A 110 46.78 26.80 -25.56
N ILE A 111 46.07 27.92 -25.60
CA ILE A 111 45.41 28.45 -24.42
C ILE A 111 43.91 28.19 -24.50
N TYR A 112 43.34 27.63 -23.41
CA TYR A 112 41.93 27.35 -23.30
C TYR A 112 41.42 27.81 -21.93
N GLY A 113 40.26 28.45 -21.92
CA GLY A 113 39.66 28.91 -20.69
C GLY A 113 38.17 28.71 -20.70
N ALA A 114 37.62 28.43 -19.52
CA ALA A 114 36.18 28.33 -19.34
C ALA A 114 35.79 29.08 -18.07
N ASP A 115 34.60 29.68 -18.09
CA ASP A 115 34.11 30.37 -16.90
C ASP A 115 32.63 30.66 -17.08
N ILE A 116 31.90 30.65 -15.96
CA ILE A 116 30.48 30.94 -15.99
C ILE A 116 30.23 32.45 -16.18
N ASP A 117 31.24 33.27 -15.93
CA ASP A 117 31.08 34.73 -15.83
C ASP A 117 31.38 35.36 -17.19
N GLU A 118 30.34 35.88 -17.84
CA GLU A 118 30.47 36.42 -19.19
C GLU A 118 31.33 37.68 -19.22
N LYS A 119 31.22 38.52 -18.20
CA LYS A 119 32.03 39.75 -18.15
C LYS A 119 33.51 39.43 -17.98
N ALA A 120 33.84 38.47 -17.11
CA ALA A 120 35.24 38.09 -16.94
C ALA A 120 35.80 37.50 -18.23
N ILE A 121 34.99 36.71 -18.94
CA ILE A 121 35.43 36.18 -20.23
C ILE A 121 35.71 37.32 -21.20
N SER A 122 34.85 38.33 -21.22
CA SER A 122 35.08 39.48 -22.10
C SER A 122 36.38 40.19 -21.76
N ILE A 123 36.64 40.38 -20.46
CA ILE A 123 37.88 41.02 -20.00
C ILE A 123 39.10 40.22 -20.45
N LEU A 124 39.06 38.90 -20.24
CA LEU A 124 40.18 38.05 -20.61
C LEU A 124 40.40 38.05 -22.12
N LYS A 125 39.31 38.05 -22.90
CA LYS A 125 39.42 38.09 -24.34
C LYS A 125 40.13 39.37 -24.79
N ASP A 126 39.73 40.50 -24.19
CA ASP A 126 40.41 41.75 -24.54
C ASP A 126 41.89 41.70 -24.13
N SER A 127 42.21 41.14 -22.97
CA SER A 127 43.60 41.09 -22.55
C SER A 127 44.44 40.25 -23.51
N LEU A 128 43.97 39.05 -23.84
CA LEU A 128 44.71 38.18 -24.74
C LEU A 128 44.88 38.82 -26.11
N THR A 129 43.82 39.47 -26.60
CA THR A 129 43.94 40.21 -27.86
C THR A 129 44.99 41.31 -27.76
N ASN A 130 45.03 42.01 -26.63
CA ASN A 130 45.94 43.14 -26.47
C ASN A 130 47.37 42.71 -26.15
N LYS A 131 47.62 41.40 -26.01
CA LYS A 131 49.01 40.94 -25.91
C LYS A 131 49.83 41.26 -27.16
N LYS A 132 49.19 41.57 -28.29
CA LYS A 132 49.91 41.90 -29.51
C LYS A 132 49.18 42.99 -30.28
N VAL A 133 49.90 44.03 -30.68
CA VAL A 133 49.31 45.13 -31.42
C VAL A 133 49.00 44.65 -32.83
N VAL A 134 47.73 44.41 -33.12
CA VAL A 134 47.30 43.87 -34.41
C VAL A 134 46.50 44.91 -35.20
N GLU A 139 44.46 41.68 -41.13
CA GLU A 139 44.54 40.25 -40.85
C GLU A 139 43.16 39.70 -40.52
N SER A 140 43.09 38.40 -40.24
CA SER A 140 41.84 37.77 -39.84
C SER A 140 41.59 37.97 -38.35
N ASP A 141 40.37 37.67 -37.92
CA ASP A 141 40.05 37.65 -36.51
C ASP A 141 40.53 36.32 -35.92
N ILE A 142 41.45 36.39 -34.97
CA ILE A 142 42.02 35.17 -34.39
C ILE A 142 41.00 34.54 -33.45
N LYS A 143 40.82 33.22 -33.59
CA LYS A 143 39.87 32.50 -32.76
C LYS A 143 40.52 32.14 -31.42
N ILE A 144 39.91 32.61 -30.33
CA ILE A 144 40.42 32.37 -28.98
C ILE A 144 39.53 31.32 -28.32
N ASN A 145 40.16 30.38 -27.61
CA ASN A 145 39.45 29.23 -27.05
C ASN A 145 38.94 29.54 -25.64
N LEU A 146 37.91 30.39 -25.57
CA LEU A 146 37.29 30.77 -24.30
C LEU A 146 35.82 30.38 -24.32
N PHE A 147 35.39 29.65 -23.29
CA PHE A 147 34.03 29.13 -23.22
C PHE A 147 33.31 29.74 -22.04
N CYS A 148 32.19 30.41 -22.30
CA CYS A 148 31.29 30.85 -21.24
C CYS A 148 30.29 29.73 -20.99
N CYS A 149 30.52 28.95 -19.94
CA CYS A 149 29.74 27.76 -19.69
C CYS A 149 29.93 27.32 -18.24
N ASP A 150 29.06 26.42 -17.79
CA ASP A 150 29.27 25.68 -16.55
C ASP A 150 30.19 24.51 -16.86
N SER A 151 31.44 24.58 -16.38
CA SER A 151 32.42 23.57 -16.73
C SER A 151 32.04 22.18 -16.23
N LEU A 152 31.22 22.11 -15.18
CA LEU A 152 30.78 20.81 -14.67
C LEU A 152 29.67 20.21 -15.54
N LYS A 153 29.07 20.99 -16.44
CA LYS A 153 28.10 20.46 -17.38
C LYS A 153 28.60 20.39 -18.81
N LYS A 154 29.68 21.10 -19.15
CA LYS A 154 30.10 21.13 -20.54
C LYS A 154 30.50 19.75 -21.04
N LYS A 155 30.11 19.44 -22.28
CA LYS A 155 30.60 18.25 -22.97
C LYS A 155 31.97 18.58 -23.54
N TRP A 156 33.02 18.24 -22.80
CA TRP A 156 34.37 18.55 -23.24
C TRP A 156 34.77 17.63 -24.39
N ARG A 157 35.23 18.23 -25.49
CA ARG A 157 35.46 17.48 -26.73
C ARG A 157 36.82 16.80 -26.80
N TYR A 158 37.77 17.15 -25.94
CA TYR A 158 39.08 16.52 -25.95
C TYR A 158 39.77 16.77 -24.61
N LYS A 159 40.89 16.08 -24.41
CA LYS A 159 41.63 16.21 -23.16
C LYS A 159 42.79 17.20 -23.33
N PHE A 160 43.47 17.47 -22.21
CA PHE A 160 44.41 18.58 -22.12
C PHE A 160 45.74 18.13 -21.56
N ASP A 161 46.83 18.68 -22.11
CA ASP A 161 48.17 18.38 -21.63
C ASP A 161 48.41 18.96 -20.25
N TYR A 162 47.93 20.17 -20.00
CA TYR A 162 48.13 20.85 -18.73
C TYR A 162 46.86 21.54 -18.29
N ILE A 163 46.51 21.39 -17.01
CA ILE A 163 45.38 22.07 -16.40
C ILE A 163 45.87 22.76 -15.13
N VAL A 164 45.62 24.06 -15.02
CA VAL A 164 46.02 24.86 -13.86
C VAL A 164 44.83 25.70 -13.44
N GLY A 165 44.83 26.12 -12.17
CA GLY A 165 43.88 27.15 -11.77
C GLY A 165 43.51 27.08 -10.30
N ASN A 166 42.35 27.66 -10.03
CA ASN A 166 41.85 27.87 -8.66
C ASN A 166 40.34 27.79 -8.76
N PRO A 167 39.75 26.62 -8.53
CA PRO A 167 38.30 26.44 -8.74
C PRO A 167 37.49 27.18 -7.69
N PRO A 168 36.21 27.40 -7.92
CA PRO A 168 35.36 28.02 -6.88
C PRO A 168 35.20 27.11 -5.68
N TYR A 169 35.16 27.72 -4.49
CA TYR A 169 34.89 27.00 -3.25
C TYR A 169 33.51 27.41 -2.77
N ILE A 170 32.59 26.46 -2.69
CA ILE A 170 31.22 26.75 -2.26
C ILE A 170 30.70 25.57 -1.43
N GLY A 171 30.38 25.85 -0.16
CA GLY A 171 29.97 24.81 0.77
C GLY A 171 28.49 24.49 0.69
N HIS A 172 28.05 23.60 1.59
CA HIS A 172 26.72 23.00 1.50
C HIS A 172 25.61 23.99 1.84
N LYS A 173 25.94 25.11 2.49
CA LYS A 173 24.91 26.11 2.76
C LYS A 173 24.74 27.14 1.66
N LYS A 174 25.80 27.42 0.89
CA LYS A 174 25.72 28.47 -0.13
C LYS A 174 25.28 27.96 -1.50
N LEU A 175 25.48 26.69 -1.82
CA LEU A 175 24.93 26.14 -3.05
C LEU A 175 23.42 26.03 -2.97
N GLU A 176 22.77 26.18 -4.12
CA GLU A 176 21.33 25.99 -4.20
C GLU A 176 20.98 24.50 -4.25
N LYS A 177 19.79 24.17 -3.73
CA LYS A 177 19.44 22.76 -3.59
C LYS A 177 19.26 22.07 -4.94
N LYS A 178 18.73 22.77 -5.95
CA LYS A 178 18.55 22.16 -7.27
C LYS A 178 19.90 21.83 -7.92
N TYR A 179 20.84 22.77 -7.84
CA TYR A 179 22.18 22.48 -8.34
C TYR A 179 22.82 21.35 -7.55
N LYS A 180 22.60 21.33 -6.23
CA LYS A 180 23.12 20.25 -5.42
C LYS A 180 22.51 18.91 -5.82
N LYS A 181 21.25 18.89 -6.25
CA LYS A 181 20.66 17.66 -6.78
C LYS A 181 21.41 17.20 -8.02
N PHE A 182 21.71 18.16 -8.91
CA PHE A 182 22.53 17.83 -10.07
C PHE A 182 23.87 17.22 -9.64
N LEU A 183 24.56 17.87 -8.69
CA LEU A 183 25.88 17.41 -8.27
C LEU A 183 25.80 16.04 -7.59
N LEU A 184 24.81 15.83 -6.73
CA LEU A 184 24.65 14.55 -6.06
C LEU A 184 24.42 13.44 -7.06
N GLU A 185 23.64 13.70 -8.12
CA GLU A 185 23.40 12.67 -9.11
C GLU A 185 24.64 12.42 -10.00
N LYS A 186 25.31 13.48 -10.44
CA LYS A 186 26.32 13.33 -11.48
C LYS A 186 27.75 13.25 -10.96
N TYR A 187 28.00 13.62 -9.72
CA TYR A 187 29.37 13.63 -9.19
C TYR A 187 29.47 12.79 -7.93
N SER A 188 28.63 11.75 -7.83
CA SER A 188 28.52 10.98 -6.59
C SER A 188 29.82 10.29 -6.19
N GLU A 189 30.76 10.11 -7.13
CA GLU A 189 32.03 9.50 -6.77
C GLU A 189 32.85 10.36 -5.82
N VAL A 190 32.65 11.69 -5.82
CA VAL A 190 33.43 12.56 -4.94
C VAL A 190 32.54 13.48 -4.11
N TYR A 191 31.24 13.57 -4.44
CA TYR A 191 30.36 14.58 -3.84
C TYR A 191 29.15 13.91 -3.19
N LYS A 192 29.11 13.95 -1.85
CA LYS A 192 27.99 13.51 -1.04
C LYS A 192 27.90 14.39 0.20
N ASP A 193 26.69 14.50 0.75
CA ASP A 193 26.48 15.03 2.11
C ASP A 193 27.05 16.44 2.19
N LYS A 194 28.02 16.71 3.06
CA LYS A 194 28.51 18.07 3.29
C LYS A 194 29.74 18.39 2.45
N ALA A 195 29.88 17.78 1.28
CA ALA A 195 31.00 18.05 0.39
C ALA A 195 30.93 19.48 -0.17
N ASP A 196 32.00 19.85 -0.88
CA ASP A 196 32.17 21.16 -1.48
C ASP A 196 32.25 21.03 -3.00
N LEU A 197 31.88 22.12 -3.68
CA LEU A 197 31.92 22.18 -5.14
C LEU A 197 33.31 21.87 -5.70
N TYR A 198 34.36 22.31 -5.00
CA TYR A 198 35.70 22.11 -5.54
C TYR A 198 36.07 20.62 -5.61
N PHE A 199 35.38 19.76 -4.87
CA PHE A 199 35.57 18.32 -5.06
C PHE A 199 35.21 17.94 -6.49
N CYS A 200 34.07 18.46 -6.96
CA CYS A 200 33.63 18.19 -8.32
C CYS A 200 34.62 18.74 -9.33
N PHE A 201 35.19 19.91 -9.03
CA PHE A 201 36.19 20.43 -9.96
C PHE A 201 37.43 19.54 -10.00
N TYR A 202 37.88 19.02 -8.86
CA TYR A 202 38.97 18.04 -8.88
C TYR A 202 38.62 16.86 -9.80
N LYS A 203 37.40 16.34 -9.67
CA LYS A 203 37.02 15.20 -10.50
C LYS A 203 37.08 15.56 -11.97
N LYS A 204 36.49 16.71 -12.34
CA LYS A 204 36.43 17.08 -13.75
C LYS A 204 37.84 17.27 -14.32
N ILE A 205 38.71 17.94 -13.56
CA ILE A 205 40.08 18.18 -14.01
C ILE A 205 40.80 16.85 -14.23
N ILE A 206 40.66 15.94 -13.28
CA ILE A 206 41.31 14.63 -13.43
C ILE A 206 40.77 13.92 -14.67
N ASP A 207 39.46 14.01 -14.89
CA ASP A 207 38.84 13.27 -15.98
C ASP A 207 39.25 13.78 -17.36
N ILE A 208 39.49 15.08 -17.53
CA ILE A 208 39.83 15.59 -18.86
C ILE A 208 41.32 15.91 -19.02
N LEU A 209 42.16 15.39 -18.14
CA LEU A 209 43.61 15.49 -18.28
C LEU A 209 44.12 14.33 -19.12
N LYS A 210 44.90 14.63 -20.16
CA LYS A 210 45.43 13.58 -21.04
C LYS A 210 46.30 12.62 -20.25
N GLN A 211 46.47 11.41 -20.81
CA GLN A 211 47.50 10.52 -20.29
C GLN A 211 48.86 11.19 -20.43
N GLY A 212 49.64 11.20 -19.36
CA GLY A 212 50.89 11.93 -19.33
C GLY A 212 50.75 13.41 -19.05
N GLY A 213 49.54 13.93 -18.87
CA GLY A 213 49.37 15.33 -18.58
C GLY A 213 49.64 15.67 -17.12
N ILE A 214 49.69 16.97 -16.84
CA ILE A 214 49.99 17.47 -15.50
C ILE A 214 48.94 18.50 -15.11
N GLY A 215 48.37 18.33 -13.93
CA GLY A 215 47.47 19.31 -13.36
C GLY A 215 48.05 19.90 -12.09
N SER A 216 47.73 21.17 -11.84
CA SER A 216 48.21 21.86 -10.66
C SER A 216 47.17 22.89 -10.25
N VAL A 217 46.66 22.79 -9.02
CA VAL A 217 45.59 23.68 -8.57
C VAL A 217 45.83 24.09 -7.12
N ILE A 218 45.35 25.27 -6.77
CA ILE A 218 45.25 25.70 -5.38
C ILE A 218 43.79 25.58 -4.94
N THR A 219 43.56 24.85 -3.85
CA THR A 219 42.22 24.63 -3.35
C THR A 219 42.26 24.82 -1.84
N PRO A 220 41.14 24.70 -1.12
CA PRO A 220 41.22 24.63 0.34
C PRO A 220 41.98 23.39 0.76
N ARG A 221 42.60 23.46 1.93
CA ARG A 221 43.34 22.33 2.45
C ARG A 221 42.47 21.29 3.15
N TYR A 222 41.20 21.60 3.41
CA TYR A 222 40.42 20.80 4.35
C TYR A 222 40.15 19.38 3.84
N PHE A 223 40.09 19.18 2.52
CA PHE A 223 39.84 17.83 2.03
C PHE A 223 40.97 16.87 2.39
N LEU A 224 42.16 17.39 2.72
CA LEU A 224 43.26 16.51 3.11
C LEU A 224 42.92 15.71 4.37
N GLU A 225 42.04 16.24 5.23
CA GLU A 225 41.70 15.57 6.48
C GLU A 225 40.20 15.38 6.72
N SER A 226 39.32 16.07 6.01
CA SER A 226 37.91 16.08 6.39
C SER A 226 37.21 14.77 6.07
N LEU A 227 36.18 14.47 6.86
CA LEU A 227 35.34 13.31 6.61
C LEU A 227 34.67 13.41 5.24
N SER A 228 34.19 14.61 4.89
CA SER A 228 33.54 14.80 3.59
C SER A 228 34.49 14.51 2.45
N GLY A 229 35.79 14.69 2.65
CA GLY A 229 36.76 14.51 1.60
C GLY A 229 37.22 13.08 1.36
N LYS A 230 36.66 12.10 2.07
CA LYS A 230 37.16 10.72 1.96
C LYS A 230 37.07 10.19 0.52
N ASP A 231 35.90 10.34 -0.10
CA ASP A 231 35.72 9.83 -1.45
C ASP A 231 36.62 10.56 -2.44
N LEU A 232 36.78 11.88 -2.27
CA LEU A 232 37.65 12.64 -3.15
C LEU A 232 39.10 12.19 -3.02
N ARG A 233 39.56 11.96 -1.80
CA ARG A 233 40.92 11.47 -1.61
C ARG A 233 41.11 10.12 -2.29
N GLU A 234 40.12 9.23 -2.18
CA GLU A 234 40.21 7.94 -2.84
C GLU A 234 40.28 8.11 -4.36
N TYR A 235 39.46 9.00 -4.91
CA TYR A 235 39.45 9.23 -6.34
C TYR A 235 40.80 9.75 -6.82
N ILE A 236 41.36 10.71 -6.08
CA ILE A 236 42.65 11.28 -6.46
C ILE A 236 43.74 10.21 -6.45
N LYS A 237 43.85 9.49 -5.34
CA LYS A 237 44.96 8.55 -5.24
C LYS A 237 44.78 7.37 -6.17
N SER A 238 43.54 7.07 -6.59
CA SER A 238 43.33 5.97 -7.52
C SER A 238 43.48 6.38 -8.98
N ASN A 239 43.43 7.67 -9.30
CA ASN A 239 43.44 8.05 -10.71
C ASN A 239 44.65 8.84 -11.16
N VAL A 240 45.38 9.50 -10.26
CA VAL A 240 46.56 10.25 -10.67
C VAL A 240 47.69 9.94 -9.71
N ASN A 241 48.92 10.24 -10.16
CA ASN A 241 50.08 10.25 -9.29
C ASN A 241 50.20 11.66 -8.70
N VAL A 242 50.16 11.76 -7.37
CA VAL A 242 50.30 13.04 -6.70
C VAL A 242 51.80 13.37 -6.63
N GLN A 243 52.23 14.36 -7.40
CA GLN A 243 53.63 14.76 -7.36
C GLN A 243 53.96 15.53 -6.09
N GLU A 244 53.09 16.48 -5.71
CA GLU A 244 53.48 17.41 -4.68
C GLU A 244 52.25 18.00 -4.00
N ILE A 245 52.35 18.16 -2.68
CA ILE A 245 51.37 18.87 -1.86
C ILE A 245 52.11 19.98 -1.11
N VAL A 246 51.71 21.21 -1.33
CA VAL A 246 52.17 22.34 -0.52
C VAL A 246 51.05 22.69 0.44
N ASP A 247 51.29 22.53 1.74
CA ASP A 247 50.28 22.75 2.77
C ASP A 247 50.62 24.02 3.54
N PHE A 248 49.81 25.06 3.36
CA PHE A 248 50.01 26.32 4.04
C PHE A 248 49.38 26.36 5.43
N LEU A 249 48.72 25.29 5.85
CA LEU A 249 48.10 25.22 7.19
C LEU A 249 47.20 26.45 7.35
N GLY A 250 47.30 27.19 8.45
CA GLY A 250 46.43 28.31 8.71
C GLY A 250 46.90 29.63 8.14
N ALA A 251 47.95 29.63 7.31
CA ALA A 251 48.47 30.89 6.79
C ALA A 251 47.43 31.57 5.91
N ASN A 252 47.56 32.87 5.81
CA ASN A 252 46.61 33.68 5.03
CA ASN A 252 46.63 33.70 5.03
C ASN A 252 47.25 33.94 3.66
N ILE A 253 46.79 33.19 2.66
CA ILE A 253 47.30 33.26 1.30
C ILE A 253 46.52 34.26 0.47
N PHE A 254 45.20 34.29 0.65
CA PHE A 254 44.32 35.24 -0.02
C PHE A 254 43.97 36.36 0.96
N LYS A 255 44.41 37.57 0.65
CA LYS A 255 44.15 38.70 1.54
C LYS A 255 42.65 38.91 1.71
N ASN A 256 42.24 39.12 2.96
CA ASN A 256 40.86 39.41 3.33
C ASN A 256 39.92 38.23 3.08
N ILE A 257 40.45 37.02 2.93
CA ILE A 257 39.65 35.82 2.76
C ILE A 257 39.92 34.88 3.93
N GLY A 258 38.86 34.42 4.58
CA GLY A 258 38.98 33.46 5.66
C GLY A 258 38.99 32.02 5.19
N VAL A 259 40.10 31.61 4.56
CA VAL A 259 40.24 30.24 4.06
C VAL A 259 41.71 29.83 4.19
N SER A 260 41.93 28.54 4.34
CA SER A 260 43.27 27.96 4.42
C SER A 260 43.49 27.06 3.21
N SER A 261 44.71 27.12 2.64
CA SER A 261 44.98 26.72 1.27
C SER A 261 46.00 25.60 1.18
N CYS A 262 45.92 24.86 0.07
CA CYS A 262 47.03 23.99 -0.35
C CYS A 262 47.11 23.97 -1.87
N ILE A 263 48.29 23.58 -2.36
CA ILE A 263 48.55 23.44 -3.79
C ILE A 263 48.85 21.99 -4.07
N LEU A 264 48.04 21.37 -4.93
CA LEU A 264 48.26 19.99 -5.35
C LEU A 264 48.74 19.99 -6.78
N THR A 265 49.83 19.27 -7.02
CA THR A 265 50.33 18.99 -8.37
C THR A 265 50.32 17.48 -8.56
N PHE A 266 49.73 17.05 -9.67
CA PHE A 266 49.52 15.65 -9.97
C PHE A 266 49.66 15.41 -11.47
N ASP A 267 49.82 14.14 -11.85
CA ASP A 267 50.01 13.80 -13.25
C ASP A 267 49.39 12.45 -13.54
N LYS A 268 49.25 12.16 -14.84
CA LYS A 268 48.82 10.86 -15.34
C LYS A 268 49.94 10.17 -16.12
N LYS A 269 51.16 10.28 -15.63
CA LYS A 269 52.30 9.64 -16.27
C LYS A 269 52.41 8.19 -15.84
N LYS A 270 52.81 7.33 -16.77
CA LYS A 270 53.05 5.92 -16.46
C LYS A 270 54.42 5.82 -15.81
N THR A 271 54.45 5.94 -14.49
CA THR A 271 55.69 5.87 -13.74
C THR A 271 55.53 4.95 -12.55
N LYS A 272 56.65 4.35 -12.13
CA LYS A 272 56.70 3.50 -10.95
C LYS A 272 57.05 4.28 -9.68
N GLU A 273 56.76 5.59 -9.66
CA GLU A 273 57.32 6.47 -8.63
C GLU A 273 56.55 6.36 -7.32
N THR A 274 55.29 6.79 -7.31
CA THR A 274 54.39 6.71 -6.16
C THR A 274 54.90 7.45 -4.92
N TYR A 275 55.84 8.38 -5.04
CA TYR A 275 56.29 9.18 -3.90
C TYR A 275 55.89 10.63 -4.08
N ILE A 276 55.37 11.22 -3.00
CA ILE A 276 54.85 12.58 -2.99
C ILE A 276 55.82 13.46 -2.20
N ASP A 277 56.21 14.59 -2.79
CA ASP A 277 56.88 15.67 -2.07
C ASP A 277 55.83 16.44 -1.28
N VAL A 278 56.02 16.57 0.03
CA VAL A 278 55.12 17.35 0.89
C VAL A 278 55.93 18.50 1.46
N PHE A 279 55.46 19.71 1.19
CA PHE A 279 56.00 20.92 1.81
C PHE A 279 54.96 21.48 2.76
N LYS A 280 55.33 21.64 4.02
CA LYS A 280 54.40 22.10 5.04
C LYS A 280 55.01 23.30 5.73
N ILE A 281 54.25 24.40 5.79
CA ILE A 281 54.76 25.62 6.39
C ILE A 281 55.04 25.38 7.87
N LYS A 282 56.05 26.07 8.39
CA LYS A 282 56.41 26.01 9.81
C LYS A 282 55.79 27.13 10.62
N ASN A 283 55.91 28.37 10.16
CA ASN A 283 55.36 29.53 10.85
C ASN A 283 54.17 30.06 10.07
N GLU A 284 52.97 29.96 10.67
CA GLU A 284 51.74 30.41 10.01
C GLU A 284 51.65 31.93 9.90
N ASP A 285 52.53 32.68 10.55
CA ASP A 285 52.41 34.13 10.58
C ASP A 285 53.11 34.81 9.41
N ILE A 286 53.83 34.06 8.57
CA ILE A 286 54.59 34.70 7.50
C ILE A 286 53.64 35.38 6.52
N CYS A 287 54.09 36.49 5.96
CA CYS A 287 53.38 37.17 4.88
C CYS A 287 54.00 36.71 3.57
N ILE A 288 53.24 35.91 2.82
CA ILE A 288 53.77 35.28 1.62
C ILE A 288 54.15 36.32 0.57
N ASN A 289 53.30 37.33 0.38
CA ASN A 289 53.50 38.28 -0.72
C ASN A 289 54.69 39.19 -0.49
N LYS A 290 55.28 39.19 0.72
CA LYS A 290 56.46 40.01 0.97
C LYS A 290 57.70 39.49 0.25
N PHE A 291 57.65 38.30 -0.34
CA PHE A 291 58.81 37.71 -1.01
C PHE A 291 58.59 37.65 -2.52
N GLU A 292 59.71 37.52 -3.24
CA GLU A 292 59.67 37.53 -4.70
C GLU A 292 58.96 36.29 -5.24
N THR A 293 59.35 35.11 -4.78
CA THR A 293 58.84 33.86 -5.32
C THR A 293 58.48 32.89 -4.20
N LEU A 294 57.52 32.01 -4.49
CA LEU A 294 57.17 30.94 -3.55
C LEU A 294 58.26 29.89 -3.46
N GLU A 295 58.95 29.63 -4.56
CA GLU A 295 59.98 28.60 -4.57
C GLU A 295 61.07 28.89 -3.55
N GLU A 296 61.47 30.15 -3.43
CA GLU A 296 62.50 30.51 -2.46
C GLU A 296 62.01 30.29 -1.02
N LEU A 297 60.71 30.44 -0.76
CA LEU A 297 60.18 30.12 0.56
C LEU A 297 60.19 28.61 0.81
N LEU A 298 59.81 27.83 -0.20
CA LEU A 298 59.76 26.38 -0.03
C LEU A 298 61.15 25.79 0.24
N LYS A 299 62.19 26.42 -0.28
CA LYS A 299 63.57 25.94 -0.14
C LYS A 299 64.29 26.52 1.06
N SER A 300 63.59 27.27 1.90
CA SER A 300 64.18 27.89 3.07
C SER A 300 63.79 27.10 4.32
N SER A 301 64.21 27.62 5.47
CA SER A 301 63.82 27.08 6.76
C SER A 301 62.38 27.42 7.14
N LYS A 302 61.68 28.18 6.30
CA LYS A 302 60.29 28.51 6.56
C LYS A 302 59.33 27.36 6.27
N PHE A 303 59.77 26.38 5.48
CA PHE A 303 58.97 25.20 5.19
C PHE A 303 59.75 23.95 5.56
N GLU A 304 59.02 22.92 5.95
CA GLU A 304 59.56 21.59 6.15
C GLU A 304 59.19 20.73 4.95
N HIS A 305 60.10 19.84 4.53
CA HIS A 305 59.84 18.95 3.41
C HIS A 305 60.02 17.49 3.83
N PHE A 306 59.13 16.63 3.33
CA PHE A 306 59.28 15.19 3.55
C PHE A 306 58.50 14.44 2.47
N ASN A 307 58.78 13.15 2.35
CA ASN A 307 58.16 12.33 1.31
C ASN A 307 57.15 11.36 1.90
N ILE A 308 56.09 11.12 1.14
CA ILE A 308 55.04 10.17 1.52
C ILE A 308 54.86 9.18 0.39
N ASN A 309 54.84 7.89 0.72
CA ASN A 309 54.59 6.87 -0.29
C ASN A 309 53.10 6.85 -0.61
N GLN A 310 52.74 7.21 -1.84
CA GLN A 310 51.32 7.24 -2.22
C GLN A 310 50.67 5.88 -2.05
N ARG A 311 51.43 4.81 -2.28
CA ARG A 311 50.89 3.47 -2.12
C ARG A 311 50.55 3.14 -0.67
N LEU A 312 51.09 3.88 0.29
CA LEU A 312 50.81 3.63 1.69
C LEU A 312 49.65 4.46 2.23
N LEU A 313 49.06 5.34 1.42
CA LEU A 313 47.91 6.10 1.88
C LEU A 313 46.71 5.18 2.07
N SER A 314 46.03 5.35 3.20
CA SER A 314 44.77 4.68 3.46
C SER A 314 43.63 5.60 3.02
N ASP A 315 42.41 5.34 3.50
CA ASP A 315 41.35 6.33 3.37
C ASP A 315 41.72 7.66 4.02
N GLU A 316 42.62 7.62 5.00
CA GLU A 316 43.17 8.83 5.59
C GLU A 316 44.58 9.08 5.04
N TRP A 317 44.89 10.35 4.80
CA TRP A 317 46.21 10.76 4.35
C TRP A 317 46.92 11.40 5.54
N ILE A 318 47.82 10.65 6.16
CA ILE A 318 48.59 11.16 7.29
C ILE A 318 49.91 11.68 6.73
N LEU A 319 50.01 13.00 6.60
CA LEU A 319 51.15 13.63 5.94
C LEU A 319 52.03 14.28 7.00
N VAL A 320 52.93 13.47 7.57
CA VAL A 320 53.84 13.94 8.61
C VAL A 320 55.22 13.36 8.38
N ASN A 321 56.21 14.01 8.99
CA ASN A 321 57.59 13.56 8.86
C ASN A 321 57.80 12.27 9.66
N LYS A 322 59.02 11.75 9.59
CA LYS A 322 59.30 10.42 10.15
C LYS A 322 59.17 10.39 11.66
N ASP A 323 59.64 11.45 12.35
CA ASP A 323 59.51 11.50 13.80
C ASP A 323 58.05 11.48 14.23
N ASP A 324 57.21 12.29 13.57
CA ASP A 324 55.79 12.34 13.90
C ASP A 324 55.08 11.04 13.54
N GLU A 325 55.51 10.40 12.45
CA GLU A 325 54.95 9.09 12.10
C GLU A 325 55.27 8.05 13.17
N THR A 326 56.52 8.03 13.63
CA THR A 326 56.91 7.09 14.69
C THR A 326 56.12 7.35 15.97
N PHE A 327 55.98 8.62 16.34
CA PHE A 327 55.20 9.02 17.51
C PHE A 327 53.75 8.55 17.40
N TYR A 328 53.10 8.88 16.27
CA TYR A 328 51.71 8.50 16.06
C TYR A 328 51.53 6.99 16.12
N ASN A 329 52.44 6.25 15.47
CA ASN A 329 52.32 4.79 15.43
C ASN A 329 52.53 4.17 16.80
N LYS A 330 53.48 4.69 17.58
CA LYS A 330 53.66 4.21 18.95
C LYS A 330 52.36 4.36 19.73
N ILE A 331 51.76 5.54 19.68
CA ILE A 331 50.54 5.75 20.46
C ILE A 331 49.44 4.82 19.97
N GLN A 332 49.25 4.74 18.64
CA GLN A 332 48.18 3.91 18.10
C GLN A 332 48.34 2.45 18.52
N GLU A 333 49.56 1.92 18.45
CA GLU A 333 49.80 0.52 18.78
C GLU A 333 49.61 0.27 20.28
N LYS A 334 50.02 1.22 21.12
CA LYS A 334 49.98 0.99 22.57
C LYS A 334 48.55 1.03 23.12
N CYS A 335 47.66 1.81 22.52
CA CYS A 335 46.35 2.05 23.09
C CYS A 335 45.33 1.03 22.58
N LYS A 336 44.76 0.25 23.50
CA LYS A 336 43.81 -0.79 23.15
C LYS A 336 42.36 -0.30 23.03
N TYR A 337 42.09 0.95 23.39
CA TYR A 337 40.75 1.49 23.36
C TYR A 337 40.74 2.81 22.60
N SER A 338 39.58 3.16 22.07
CA SER A 338 39.30 4.49 21.57
C SER A 338 38.20 5.12 22.41
N LEU A 339 38.06 6.44 22.30
CA LEU A 339 36.94 7.08 22.98
C LEU A 339 35.60 6.54 22.50
N GLU A 340 35.51 6.22 21.20
CA GLU A 340 34.27 5.68 20.66
C GLU A 340 33.87 4.36 21.34
N ASP A 341 34.84 3.54 21.73
CA ASP A 341 34.52 2.26 22.39
C ASP A 341 33.93 2.48 23.77
N ILE A 342 34.42 3.49 24.50
CA ILE A 342 34.09 3.63 25.91
C ILE A 342 33.10 4.74 26.21
N ALA A 343 32.72 5.54 25.21
CA ALA A 343 31.94 6.74 25.49
C ALA A 343 30.84 6.96 24.46
N ILE A 344 29.84 7.72 24.89
CA ILE A 344 28.73 8.15 24.04
C ILE A 344 28.92 9.64 23.79
N SER A 345 28.92 10.00 22.50
CA SER A 345 29.19 11.34 22.00
C SER A 345 27.91 12.01 21.55
N PHE A 346 27.79 13.32 21.76
CA PHE A 346 26.66 14.03 21.15
C PHE A 346 26.97 15.51 20.96
N GLN A 347 26.33 16.05 19.92
CA GLN A 347 26.38 17.46 19.61
C GLN A 347 25.40 18.22 20.51
N GLY A 348 25.67 19.50 20.69
CA GLY A 348 24.85 20.33 21.53
C GLY A 348 23.50 20.68 20.92
N ILE A 349 22.70 21.37 21.73
CA ILE A 349 21.41 21.89 21.28
C ILE A 349 21.60 22.75 20.05
N ILE A 350 20.67 22.66 19.11
CA ILE A 350 20.58 23.61 18.03
C ILE A 350 19.18 24.22 18.13
N THR A 351 19.11 25.46 18.66
CA THR A 351 17.81 26.12 18.78
C THR A 351 17.25 26.48 17.42
N GLY A 352 18.10 26.85 16.48
CA GLY A 352 17.67 27.39 15.21
C GLY A 352 17.46 28.88 15.19
N CYS A 353 17.39 29.53 16.37
CA CYS A 353 17.45 30.99 16.45
C CYS A 353 17.82 31.36 17.90
N ASP A 354 19.12 31.52 18.16
CA ASP A 354 19.58 31.64 19.54
C ASP A 354 19.00 32.87 20.23
N LYS A 355 18.83 33.97 19.50
CA LYS A 355 18.33 35.19 20.11
C LYS A 355 16.96 34.98 20.74
N ALA A 356 16.19 34.02 20.23
CA ALA A 356 14.84 33.81 20.76
C ALA A 356 14.84 33.08 22.10
N PHE A 357 15.81 32.19 22.33
CA PHE A 357 15.77 31.26 23.44
C PHE A 357 16.86 31.45 24.47
N ILE A 358 17.92 32.21 24.15
CA ILE A 358 19.08 32.37 25.02
C ILE A 358 19.03 33.77 25.62
N LEU A 359 19.03 33.85 26.94
CA LEU A 359 18.99 35.13 27.62
C LEU A 359 20.11 35.23 28.65
N SER A 360 20.58 36.44 28.89
CA SER A 360 21.48 36.66 30.01
C SER A 360 20.76 36.27 31.30
N LYS A 361 21.50 35.62 32.21
CA LYS A 361 20.88 35.12 33.43
C LYS A 361 20.31 36.24 34.29
N ASP A 362 20.74 37.49 34.08
CA ASP A 362 20.22 38.64 34.80
C ASP A 362 19.15 39.39 34.03
N ASP A 363 18.67 38.82 32.92
CA ASP A 363 17.62 39.47 32.14
C ASP A 363 16.30 39.44 32.90
N VAL A 364 15.65 40.61 33.02
CA VAL A 364 14.40 40.71 33.78
C VAL A 364 13.31 39.84 33.16
N LYS A 365 13.39 39.60 31.84
CA LYS A 365 12.42 38.73 31.17
C LYS A 365 12.39 37.33 31.77
N LEU A 366 13.49 36.88 32.36
CA LEU A 366 13.49 35.55 32.97
C LEU A 366 12.56 35.45 34.17
N ASN A 367 12.11 36.58 34.72
CA ASN A 367 11.08 36.50 35.75
C ASN A 367 9.77 35.96 35.20
N LEU A 368 9.55 36.06 33.89
CA LEU A 368 8.37 35.51 33.23
C LEU A 368 8.45 34.00 33.02
N VAL A 369 9.62 33.40 33.20
CA VAL A 369 9.85 32.00 32.85
C VAL A 369 10.05 31.21 34.13
N ASP A 370 9.20 30.20 34.32
CA ASP A 370 9.36 29.27 35.43
C ASP A 370 10.72 28.59 35.36
N ASP A 371 11.36 28.42 36.52
CA ASP A 371 12.72 27.89 36.58
C ASP A 371 12.82 26.44 36.09
N LYS A 372 11.70 25.72 36.02
CA LYS A 372 11.75 24.37 35.47
C LYS A 372 12.04 24.37 33.97
N PHE A 373 11.83 25.49 33.28
CA PHE A 373 12.14 25.60 31.87
C PHE A 373 13.55 26.08 31.59
N LEU A 374 14.28 26.58 32.59
CA LEU A 374 15.55 27.26 32.37
C LEU A 374 16.72 26.29 32.58
N LYS A 375 17.70 26.36 31.67
CA LYS A 375 18.91 25.54 31.72
C LYS A 375 20.14 26.44 31.64
N CYS A 376 21.21 26.04 32.33
CA CYS A 376 22.47 26.77 32.19
C CYS A 376 23.05 26.58 30.78
N TRP A 377 23.64 27.65 30.24
CA TRP A 377 24.10 27.66 28.86
C TRP A 377 25.51 28.22 28.79
N ILE A 378 26.40 27.50 28.10
CA ILE A 378 27.80 27.90 27.97
C ILE A 378 28.18 27.97 26.49
N LYS A 379 29.21 28.76 26.23
CA LYS A 379 29.81 28.92 24.91
C LYS A 379 31.17 28.24 24.88
N SER A 380 31.76 28.13 23.68
CA SER A 380 33.03 27.45 23.56
C SER A 380 34.11 28.12 24.41
N LYS A 381 34.10 29.45 24.49
CA LYS A 381 35.09 30.18 25.27
C LYS A 381 35.01 29.87 26.76
N ASN A 382 33.91 29.30 27.23
CA ASN A 382 33.79 28.95 28.64
C ASN A 382 34.47 27.63 29.00
N ILE A 383 34.97 26.88 28.02
CA ILE A 383 35.61 25.60 28.29
C ILE A 383 37.10 25.83 28.46
N ASN A 384 37.61 25.55 29.65
CA ASN A 384 39.04 25.50 29.89
C ASN A 384 39.49 24.04 29.97
N LYS A 385 40.80 23.84 30.03
CA LYS A 385 41.28 22.53 30.43
C LYS A 385 40.73 22.22 31.82
N TYR A 386 40.11 21.05 31.94
CA TYR A 386 39.62 20.40 33.16
C TYR A 386 38.33 20.96 33.75
N ILE A 387 37.95 22.21 33.46
CA ILE A 387 36.79 22.81 34.14
C ILE A 387 36.16 23.86 33.23
N VAL A 388 34.85 24.05 33.44
CA VAL A 388 34.03 25.00 32.68
C VAL A 388 33.86 26.27 33.49
N ASP A 389 33.87 27.43 32.81
CA ASP A 389 33.52 28.68 33.45
C ASP A 389 32.07 28.63 33.94
N LYS A 390 31.75 29.50 34.90
CA LYS A 390 30.37 29.68 35.34
C LYS A 390 29.51 30.21 34.20
N SER A 391 28.34 29.63 34.03
CA SER A 391 27.48 30.05 32.93
C SER A 391 26.94 31.46 33.16
N GLU A 392 26.90 32.24 32.10
CA GLU A 392 26.31 33.57 32.15
C GLU A 392 24.97 33.63 31.45
N TYR A 393 24.55 32.55 30.80
CA TYR A 393 23.37 32.54 29.94
C TYR A 393 22.44 31.41 30.35
N ARG A 394 21.18 31.58 29.99
CA ARG A 394 20.14 30.61 30.27
C ARG A 394 19.41 30.28 28.97
N LEU A 395 19.11 28.99 28.80
CA LEU A 395 18.31 28.50 27.69
C LEU A 395 16.89 28.25 28.18
N ILE A 396 15.92 28.75 27.44
CA ILE A 396 14.51 28.41 27.68
C ILE A 396 14.25 27.11 26.93
N TYR A 397 14.10 26.01 27.67
CA TYR A 397 13.86 24.72 27.02
C TYR A 397 12.39 24.68 26.64
N SER A 398 12.08 25.37 25.53
CA SER A 398 10.71 25.68 25.15
C SER A 398 9.93 24.46 24.67
N ASN A 399 10.60 23.34 24.40
CA ASN A 399 9.89 22.10 24.10
C ASN A 399 8.98 21.68 25.26
N ASP A 400 9.28 22.09 26.47
CA ASP A 400 8.45 21.69 27.61
C ASP A 400 7.21 22.56 27.77
N ILE A 401 7.02 23.57 26.93
CA ILE A 401 5.80 24.36 26.93
C ILE A 401 4.69 23.52 26.30
N ASP A 402 3.72 23.09 27.11
CA ASP A 402 2.67 22.19 26.65
C ASP A 402 1.85 22.83 25.52
N ASN A 403 1.17 23.93 25.82
CA ASN A 403 0.36 24.64 24.83
C ASN A 403 0.65 26.13 24.93
N GLU A 404 0.05 26.88 24.00
CA GLU A 404 0.28 28.32 23.96
C GLU A 404 -0.45 29.04 25.08
N ASN A 405 -1.67 28.59 25.42
CA ASN A 405 -2.52 29.35 26.34
C ASN A 405 -1.91 29.45 27.73
N THR A 406 -1.34 28.35 28.23
CA THR A 406 -0.90 28.32 29.63
C THR A 406 0.38 29.10 29.89
N ASN A 407 1.17 29.40 28.86
CA ASN A 407 2.43 30.12 29.01
C ASN A 407 2.48 31.32 28.08
N LYS A 408 1.33 31.98 27.94
CA LYS A 408 1.14 33.01 26.92
C LYS A 408 2.25 34.06 26.96
N ARG A 409 2.55 34.58 28.15
CA ARG A 409 3.53 35.66 28.24
C ARG A 409 4.87 35.23 27.68
N ILE A 410 5.34 34.02 28.04
CA ILE A 410 6.63 33.56 27.54
C ILE A 410 6.64 33.62 26.02
N LEU A 411 5.54 33.18 25.39
CA LEU A 411 5.49 33.18 23.94
C LEU A 411 5.34 34.59 23.41
N ASP A 412 4.54 35.42 24.09
CA ASP A 412 4.23 36.74 23.55
C ASP A 412 5.36 37.73 23.75
N GLU A 413 6.06 37.65 24.88
CA GLU A 413 7.01 38.69 25.26
C GLU A 413 8.46 38.29 25.11
N ILE A 414 8.77 37.01 24.89
CA ILE A 414 10.16 36.60 24.75
C ILE A 414 10.39 35.93 23.39
N ILE A 415 9.79 34.75 23.21
CA ILE A 415 10.09 33.95 22.01
C ILE A 415 9.41 34.53 20.78
N GLY A 416 8.16 34.97 20.92
CA GLY A 416 7.40 35.47 19.78
C GLY A 416 8.03 36.67 19.11
N LEU A 417 8.96 37.35 19.79
CA LEU A 417 9.67 38.46 19.18
C LEU A 417 10.41 38.03 17.92
N TYR A 418 10.67 36.73 17.76
CA TYR A 418 11.35 36.22 16.57
C TYR A 418 10.47 35.25 15.78
N LYS A 419 9.15 35.35 15.94
CA LYS A 419 8.26 34.34 15.40
C LYS A 419 8.47 34.14 13.90
N THR A 420 8.50 35.25 13.15
CA THR A 420 8.70 35.14 11.71
C THR A 420 9.98 34.37 11.39
N LYS A 421 11.09 34.78 12.02
CA LYS A 421 12.34 34.06 11.80
C LYS A 421 12.17 32.60 12.20
N LEU A 422 11.52 32.36 13.33
CA LEU A 422 11.33 30.98 13.78
C LEU A 422 10.53 30.18 12.78
N GLU A 423 9.54 30.81 12.15
CA GLU A 423 8.70 30.07 11.21
C GLU A 423 9.45 29.71 9.94
N ASN A 424 10.59 30.34 9.67
CA ASN A 424 11.32 30.01 8.45
C ASN A 424 12.21 28.79 8.60
N ARG A 425 12.34 28.23 9.79
CA ARG A 425 13.14 27.02 9.96
C ARG A 425 12.50 25.85 9.24
N ARG A 426 13.34 24.89 8.83
CA ARG A 426 12.88 23.83 7.93
C ARG A 426 11.77 23.01 8.57
N GLU A 427 11.95 22.61 9.82
CA GLU A 427 10.99 21.73 10.46
C GLU A 427 9.69 22.44 10.82
N CYS A 428 9.69 23.77 10.96
CA CYS A 428 8.44 24.48 11.18
C CYS A 428 7.64 24.56 9.90
N LYS A 429 8.31 24.83 8.77
CA LYS A 429 7.62 24.90 7.48
C LYS A 429 6.98 23.57 7.13
N SER A 430 7.59 22.46 7.53
CA SER A 430 7.01 21.16 7.26
C SER A 430 6.02 20.73 8.34
N GLY A 431 5.84 21.52 9.40
CA GLY A 431 4.92 21.16 10.45
C GLY A 431 5.43 20.15 11.45
N ILE A 432 6.71 19.79 11.38
CA ILE A 432 7.29 18.86 12.35
C ILE A 432 7.51 19.55 13.70
N ARG A 433 7.88 20.83 13.68
CA ARG A 433 8.11 21.61 14.90
C ARG A 433 7.11 22.74 15.00
N LYS A 434 6.60 22.95 16.21
CA LYS A 434 5.84 24.17 16.48
C LYS A 434 6.76 25.38 16.40
N TRP A 435 6.18 26.54 16.09
CA TRP A 435 7.00 27.73 15.82
C TRP A 435 7.87 28.11 17.01
N TYR A 436 7.42 27.82 18.23
CA TYR A 436 8.16 28.19 19.43
C TYR A 436 9.09 27.10 19.96
N GLU A 437 9.13 25.95 19.31
CA GLU A 437 9.97 24.86 19.83
C GLU A 437 11.41 25.01 19.34
N LEU A 438 12.31 24.35 20.07
CA LEU A 438 13.69 24.24 19.62
C LEU A 438 13.77 23.37 18.38
N GLN A 439 14.66 23.73 17.46
CA GLN A 439 14.77 22.94 16.25
C GLN A 439 15.33 21.54 16.53
N TRP A 440 16.47 21.47 17.24
CA TRP A 440 17.04 20.19 17.63
C TRP A 440 17.30 20.24 19.14
N GLY A 441 16.26 19.94 19.91
CA GLY A 441 16.36 20.01 21.36
C GLY A 441 17.07 18.84 22.00
N ARG A 442 17.42 17.82 21.22
CA ARG A 442 18.13 16.63 21.68
C ARG A 442 17.34 16.03 22.85
N GLU A 443 18.04 15.44 23.81
CA GLU A 443 17.43 14.87 25.01
C GLU A 443 18.03 15.51 26.24
N LYS A 444 17.18 16.09 27.09
CA LYS A 444 17.65 16.77 28.29
C LYS A 444 18.52 15.86 29.14
N LEU A 445 18.14 14.57 29.24
CA LEU A 445 18.85 13.64 30.12
C LEU A 445 20.31 13.48 29.72
N PHE A 446 20.63 13.67 28.44
CA PHE A 446 22.03 13.59 28.02
C PHE A 446 22.85 14.71 28.63
N PHE A 447 22.27 15.91 28.75
CA PHE A 447 23.04 17.02 29.31
C PHE A 447 23.03 17.01 30.83
N GLU A 448 21.96 16.51 31.44
CA GLU A 448 21.78 16.61 32.89
C GLU A 448 22.46 15.44 33.61
N ARG A 449 23.77 15.36 33.42
CA ARG A 449 24.57 14.32 34.03
C ARG A 449 26.03 14.76 33.98
N LYS A 450 26.86 14.15 34.82
CA LYS A 450 28.29 14.38 34.75
C LYS A 450 28.79 13.95 33.37
N LYS A 451 29.61 14.80 32.74
CA LYS A 451 30.03 14.54 31.37
C LYS A 451 31.28 15.38 31.09
N ILE A 452 31.93 15.09 29.97
CA ILE A 452 33.07 15.86 29.50
C ILE A 452 32.60 16.70 28.33
N MET A 453 33.05 17.95 28.29
CA MET A 453 32.69 18.92 27.27
C MET A 453 33.96 19.54 26.68
N TYR A 454 33.92 19.82 25.38
CA TYR A 454 35.07 20.44 24.73
C TYR A 454 34.61 21.37 23.62
N PRO A 455 35.34 22.46 23.37
CA PRO A 455 34.96 23.38 22.29
C PRO A 455 35.13 22.73 20.93
N TYR A 456 34.30 23.16 19.98
CA TYR A 456 34.30 22.52 18.66
C TYR A 456 35.44 23.02 17.79
N LYS A 457 36.05 24.15 18.14
CA LYS A 457 37.19 24.72 17.44
C LYS A 457 38.10 25.35 18.48
N SER A 458 39.40 25.09 18.39
CA SER A 458 40.29 25.50 19.47
C SER A 458 41.72 25.46 18.96
N ASN A 459 42.60 26.18 19.66
CA ASN A 459 44.02 26.12 19.38
C ASN A 459 44.70 24.95 20.07
N GLU A 460 44.03 24.26 20.98
CA GLU A 460 44.64 23.19 21.77
C GLU A 460 43.56 22.32 22.39
N ASN A 461 43.97 21.15 22.88
CA ASN A 461 43.04 20.28 23.61
C ASN A 461 42.52 20.98 24.86
N ARG A 462 41.19 21.09 24.98
CA ARG A 462 40.55 21.67 26.16
C ARG A 462 39.35 20.78 26.49
N PHE A 463 39.59 19.73 27.27
CA PHE A 463 38.54 18.82 27.69
C PHE A 463 38.24 19.10 29.15
N ALA A 464 36.97 19.35 29.47
CA ALA A 464 36.60 19.71 30.83
C ALA A 464 35.52 18.79 31.35
N ILE A 465 35.53 18.55 32.65
CA ILE A 465 34.43 17.87 33.31
C ILE A 465 33.40 18.92 33.68
N ASP A 466 32.17 18.71 33.23
CA ASP A 466 31.04 19.54 33.63
C ASP A 466 30.39 18.89 34.85
N TYR A 467 30.29 19.65 35.94
CA TYR A 467 29.57 19.19 37.10
C TYR A 467 28.20 19.85 37.23
N ASP A 468 27.86 20.79 36.35
CA ASP A 468 26.72 21.66 36.58
C ASP A 468 25.58 21.46 35.59
N ASN A 469 25.54 20.32 34.92
CA ASN A 469 24.47 19.99 33.96
C ASN A 469 24.30 21.11 32.93
N ASN A 470 25.42 21.55 32.37
CA ASN A 470 25.41 22.63 31.41
C ASN A 470 24.87 22.18 30.06
N PHE A 471 24.07 23.03 29.44
CA PHE A 471 23.70 22.86 28.04
C PHE A 471 24.57 23.79 27.21
N SER A 472 24.54 23.57 25.90
CA SER A 472 25.32 24.39 24.98
C SER A 472 24.77 24.19 23.59
N SER A 473 25.18 25.09 22.69
CA SER A 473 24.92 24.90 21.28
C SER A 473 25.96 23.95 20.69
N ALA A 474 26.03 23.90 19.37
CA ALA A 474 26.91 23.00 18.66
C ALA A 474 28.35 23.48 18.62
N ASP A 475 28.67 24.62 19.25
CA ASP A 475 30.06 25.03 19.43
C ASP A 475 30.72 24.29 20.57
N VAL A 476 29.98 23.41 21.25
CA VAL A 476 30.51 22.59 22.34
C VAL A 476 29.99 21.17 22.14
N TYR A 477 30.90 20.21 22.15
CA TYR A 477 30.52 18.81 22.10
C TYR A 477 30.63 18.19 23.48
N SER A 478 29.88 17.11 23.69
CA SER A 478 29.92 16.42 24.98
C SER A 478 30.08 14.93 24.76
N PHE A 479 30.59 14.26 25.78
CA PHE A 479 30.44 12.82 25.87
C PHE A 479 30.39 12.38 27.31
N PHE A 480 29.72 11.26 27.54
CA PHE A 480 29.79 10.61 28.83
C PHE A 480 30.31 9.20 28.66
N ILE A 481 30.86 8.65 29.74
CA ILE A 481 31.48 7.34 29.73
C ILE A 481 30.40 6.27 29.84
N LYS A 482 30.48 5.26 28.97
CA LYS A 482 29.51 4.16 29.03
C LYS A 482 29.58 3.47 30.38
N GLU A 483 28.42 2.94 30.82
CA GLU A 483 28.34 2.34 32.14
C GLU A 483 29.32 1.18 32.30
N GLU A 484 29.45 0.35 31.26
CA GLU A 484 30.32 -0.82 31.40
C GLU A 484 31.80 -0.46 31.45
N TYR A 485 32.18 0.77 31.14
CA TYR A 485 33.58 1.18 31.19
C TYR A 485 33.90 2.10 32.36
N LEU A 486 32.94 2.34 33.26
CA LEU A 486 33.18 3.24 34.37
C LEU A 486 34.21 2.68 35.36
N ASP A 487 34.34 1.36 35.44
CA ASP A 487 35.33 0.78 36.33
C ASP A 487 36.73 0.75 35.74
N LYS A 488 36.87 1.02 34.43
CA LYS A 488 38.18 1.08 33.82
C LYS A 488 38.67 2.50 33.56
N PHE A 489 37.75 3.45 33.36
CA PHE A 489 38.13 4.83 33.10
C PHE A 489 37.21 5.77 33.87
N SER A 490 37.80 6.69 34.61
CA SER A 490 37.07 7.75 35.28
C SER A 490 37.19 9.04 34.48
N TYR A 491 36.32 10.00 34.79
CA TYR A 491 36.35 11.29 34.12
C TYR A 491 37.64 12.04 34.42
N GLU A 492 38.12 11.94 35.67
CA GLU A 492 39.33 12.65 36.06
C GLU A 492 40.56 12.13 35.32
N TYR A 493 40.67 10.80 35.19
CA TYR A 493 41.78 10.24 34.43
C TYR A 493 41.72 10.68 32.97
N LEU A 494 40.53 10.65 32.39
CA LEU A 494 40.38 10.99 30.98
C LEU A 494 40.75 12.44 30.73
N VAL A 495 40.33 13.37 31.58
CA VAL A 495 40.74 14.75 31.29
C VAL A 495 42.23 14.92 31.55
N GLY A 496 42.80 14.14 32.46
CA GLY A 496 44.25 14.19 32.63
C GLY A 496 45.00 13.83 31.37
N ILE A 497 44.73 12.66 30.79
CA ILE A 497 45.49 12.31 29.60
C ILE A 497 45.08 13.16 28.39
N LEU A 498 43.81 13.52 28.26
CA LEU A 498 43.35 14.24 27.08
C LEU A 498 43.89 15.66 27.02
N ASN A 499 44.17 16.27 28.18
CA ASN A 499 44.69 17.62 28.20
C ASN A 499 46.21 17.67 28.19
N SER A 500 46.87 16.52 28.07
CA SER A 500 48.32 16.51 28.18
C SER A 500 48.98 17.03 26.89
N SER A 501 50.24 17.44 27.02
CA SER A 501 51.00 17.89 25.85
C SER A 501 51.11 16.76 24.83
N VAL A 502 51.25 15.53 25.32
CA VAL A 502 51.31 14.37 24.45
C VAL A 502 50.06 14.26 23.61
N TYR A 503 48.88 14.32 24.25
CA TYR A 503 47.65 14.11 23.50
C TYR A 503 47.29 15.32 22.64
N ASP A 504 47.74 16.52 23.01
CA ASP A 504 47.58 17.65 22.12
C ASP A 504 48.35 17.44 20.82
N LYS A 505 49.63 17.05 20.92
CA LYS A 505 50.40 16.76 19.72
C LYS A 505 49.79 15.61 18.92
N TYR A 506 49.38 14.56 19.63
CA TYR A 506 48.83 13.37 18.97
C TYR A 506 47.53 13.68 18.24
N PHE A 507 46.63 14.44 18.86
CA PHE A 507 45.39 14.77 18.17
C PHE A 507 45.67 15.64 16.95
N LYS A 508 46.59 16.60 17.07
CA LYS A 508 46.87 17.46 15.93
C LYS A 508 47.60 16.75 14.80
N ILE A 509 48.14 15.54 15.02
CA ILE A 509 48.72 14.81 13.89
C ILE A 509 47.71 14.65 12.77
N THR A 510 46.47 14.31 13.10
CA THR A 510 45.44 14.03 12.09
C THR A 510 44.27 15.01 12.09
N ALA A 511 44.28 16.01 12.95
CA ALA A 511 43.13 16.88 13.07
C ALA A 511 43.00 17.79 11.86
N LYS A 512 41.79 18.30 11.67
CA LYS A 512 41.47 19.16 10.54
C LYS A 512 41.82 20.60 10.92
N LYS A 513 42.86 21.14 10.28
CA LYS A 513 43.35 22.49 10.55
C LYS A 513 42.51 23.51 9.78
N MET A 514 41.91 24.46 10.49
CA MET A 514 40.85 25.31 9.94
C MET A 514 41.31 26.71 9.58
N SER A 515 41.90 27.42 10.55
CA SER A 515 42.46 28.75 10.33
C SER A 515 43.62 28.87 11.30
N LYS A 516 44.31 30.01 11.27
CA LYS A 516 45.48 30.18 12.12
C LYS A 516 45.11 29.92 13.57
N ASN A 517 45.81 28.96 14.20
CA ASN A 517 45.59 28.60 15.60
C ASN A 517 44.20 28.03 15.86
N ILE A 518 43.59 27.37 14.88
CA ILE A 518 42.29 26.73 15.08
C ILE A 518 42.26 25.39 14.37
N TYR A 519 42.01 24.33 15.13
CA TYR A 519 41.64 23.02 14.60
C TYR A 519 40.18 22.74 14.94
N ASP A 520 39.51 21.94 14.10
CA ASP A 520 38.22 21.38 14.48
C ASP A 520 38.41 20.32 15.55
N TYR A 521 37.64 20.40 16.62
CA TYR A 521 37.50 19.31 17.57
C TYR A 521 36.06 18.79 17.46
N TYR A 522 35.82 17.94 16.45
CA TYR A 522 34.53 17.34 16.18
C TYR A 522 34.58 15.84 16.43
N PRO A 523 33.45 15.24 16.81
CA PRO A 523 33.45 13.80 17.13
C PRO A 523 34.05 12.93 16.05
N ASN A 524 33.89 13.26 14.76
CA ASN A 524 34.41 12.36 13.74
C ASN A 524 35.91 12.17 13.84
N LYS A 525 36.62 13.09 14.52
CA LYS A 525 38.01 12.82 14.86
C LYS A 525 38.26 12.67 16.35
N VAL A 526 37.58 13.41 17.22
CA VAL A 526 37.81 13.29 18.66
C VAL A 526 37.52 11.87 19.14
N MET A 527 36.44 11.27 18.66
CA MET A 527 36.10 9.91 19.10
C MET A 527 37.06 8.85 18.58
N LYS A 528 37.94 9.18 17.63
CA LYS A 528 38.96 8.24 17.18
C LYS A 528 40.20 8.26 18.06
N ILE A 529 40.33 9.25 18.94
CA ILE A 529 41.45 9.31 19.87
C ILE A 529 41.52 8.01 20.65
N ARG A 530 42.72 7.43 20.72
CA ARG A 530 42.93 6.18 21.43
C ARG A 530 43.52 6.45 22.81
N ILE A 531 43.19 5.57 23.76
CA ILE A 531 43.50 5.77 25.15
C ILE A 531 44.01 4.45 25.74
N PHE A 532 44.73 4.56 26.85
CA PHE A 532 45.40 3.43 27.48
C PHE A 532 45.10 3.44 28.99
N ARG A 533 45.35 2.31 29.64
CA ARG A 533 45.41 2.24 31.09
C ARG A 533 46.52 1.29 31.51
N ASP A 534 47.39 1.74 32.41
CA ASP A 534 48.52 0.92 32.87
C ASP A 534 48.84 1.29 34.32
N ASN A 535 50.05 0.95 34.76
CA ASN A 535 50.46 1.15 36.14
C ASN A 535 50.45 2.61 36.56
N ASN A 536 50.51 3.54 35.60
CA ASN A 536 50.51 4.95 35.92
C ASN A 536 49.10 5.52 36.10
N TYR A 537 48.07 4.69 36.01
CA TYR A 537 46.70 5.19 36.02
C TYR A 537 46.42 5.98 37.29
N GLU A 538 46.78 5.40 38.45
CA GLU A 538 46.42 6.01 39.72
C GLU A 538 47.09 7.37 39.91
N GLU A 539 48.37 7.46 39.57
CA GLU A 539 49.08 8.73 39.76
C GLU A 539 48.62 9.79 38.78
N ILE A 540 48.34 9.40 37.53
CA ILE A 540 47.78 10.35 36.56
C ILE A 540 46.45 10.88 37.05
N GLU A 541 45.60 9.98 37.55
CA GLU A 541 44.29 10.39 38.05
C GLU A 541 44.43 11.30 39.26
N ASN A 542 45.37 11.00 40.15
CA ASN A 542 45.58 11.81 41.33
C ASN A 542 46.08 13.20 40.96
N LEU A 543 47.00 13.28 40.00
CA LEU A 543 47.46 14.59 39.54
C LEU A 543 46.33 15.38 38.93
N SER A 544 45.47 14.71 38.15
CA SER A 544 44.31 15.39 37.57
C SER A 544 43.40 15.93 38.67
N LYS A 545 43.14 15.12 39.70
CA LYS A 545 42.30 15.56 40.80
C LYS A 545 42.91 16.75 41.53
N GLN A 546 44.25 16.73 41.73
CA GLN A 546 44.91 17.86 42.36
C GLN A 546 44.72 19.13 41.53
N ILE A 547 44.93 19.03 40.22
CA ILE A 547 44.77 20.17 39.34
C ILE A 547 43.34 20.70 39.43
N ILE A 548 42.37 19.80 39.36
CA ILE A 548 40.96 20.18 39.41
C ILE A 548 40.66 20.91 40.71
N SER A 549 41.17 20.38 41.83
CA SER A 549 40.91 20.99 43.13
C SER A 549 41.52 22.38 43.20
N ILE A 550 42.70 22.56 42.62
CA ILE A 550 43.31 23.89 42.58
C ILE A 550 42.46 24.83 41.74
N LEU A 551 42.00 24.37 40.58
CA LEU A 551 41.31 25.24 39.65
C LEU A 551 39.94 25.67 40.18
N LEU A 552 39.26 24.80 40.92
CA LEU A 552 37.97 25.14 41.50
C LEU A 552 38.09 26.02 42.73
N ASN A 553 39.28 26.13 43.31
CA ASN A 553 39.45 27.00 44.47
C ASN A 553 39.32 28.46 44.05
N LYS A 554 38.52 29.20 44.80
CA LYS A 554 38.21 30.59 44.41
C LYS A 554 39.46 31.45 44.41
N SER A 555 40.30 31.32 45.43
CA SER A 555 41.42 32.23 45.63
C SER A 555 42.75 31.71 45.12
N ILE A 556 42.87 30.39 44.91
CA ILE A 556 44.18 29.80 44.65
C ILE A 556 44.76 30.32 43.35
N ASP A 557 46.06 30.65 43.37
CA ASP A 557 46.80 30.95 42.15
C ASP A 557 47.18 29.64 41.47
N LYS A 558 47.11 29.62 40.15
CA LYS A 558 47.11 28.38 39.38
C LYS A 558 48.49 27.94 38.92
N GLY A 559 49.55 28.62 39.35
CA GLY A 559 50.88 28.30 38.84
C GLY A 559 51.29 26.85 39.10
N LYS A 560 50.99 26.34 40.30
CA LYS A 560 51.34 24.95 40.61
C LYS A 560 50.69 23.98 39.62
N VAL A 561 49.54 24.36 39.04
CA VAL A 561 48.90 23.53 38.02
C VAL A 561 49.89 23.16 36.92
N GLU A 562 50.64 24.16 36.44
CA GLU A 562 51.59 23.88 35.38
C GLU A 562 52.60 22.81 35.83
N LYS A 563 53.13 22.95 37.04
CA LYS A 563 54.07 21.93 37.54
C LYS A 563 53.40 20.57 37.59
N LEU A 564 52.17 20.50 38.11
CA LEU A 564 51.48 19.22 38.13
C LEU A 564 51.36 18.67 36.73
N GLN A 565 51.02 19.54 35.76
CA GLN A 565 50.88 19.08 34.39
C GLN A 565 52.19 18.52 33.87
N ILE A 566 53.32 19.18 34.17
CA ILE A 566 54.59 18.67 33.67
C ILE A 566 54.81 17.26 34.19
N LYS A 567 54.53 17.04 35.49
CA LYS A 567 54.68 15.70 36.02
C LYS A 567 53.78 14.73 35.28
N MET A 568 52.51 15.13 35.05
CA MET A 568 51.61 14.24 34.36
C MET A 568 52.12 13.93 32.96
N ASP A 569 52.61 14.95 32.24
CA ASP A 569 53.11 14.68 30.90
C ASP A 569 54.22 13.64 30.95
N ASN A 570 55.11 13.78 31.95
CA ASN A 570 56.21 12.83 32.05
C ASN A 570 55.68 11.41 32.21
N LEU A 571 54.69 11.22 33.11
CA LEU A 571 54.14 9.89 33.29
C LEU A 571 53.60 9.37 31.97
N ILE A 572 52.87 10.22 31.25
CA ILE A 572 52.24 9.77 30.02
C ILE A 572 53.31 9.37 29.02
N MET A 573 54.39 10.16 28.92
CA MET A 573 55.46 9.79 27.99
C MET A 573 56.05 8.44 28.38
N ASP A 574 56.27 8.23 29.69
CA ASP A 574 56.80 6.95 30.12
C ASP A 574 55.83 5.84 29.77
N SER A 575 54.53 6.09 29.90
CA SER A 575 53.54 5.06 29.60
C SER A 575 53.60 4.68 28.12
N LEU A 576 53.79 5.66 27.25
CA LEU A 576 53.71 5.39 25.82
C LEU A 576 55.07 5.15 25.18
N GLY A 577 56.14 5.15 25.96
CA GLY A 577 57.47 4.91 25.43
C GLY A 577 57.92 5.93 24.41
N ILE A 578 57.58 7.19 24.62
CA ILE A 578 57.99 8.24 23.68
C ILE A 578 59.01 9.18 24.32
N ASP B 4 -48.60 2.09 -4.24
CA ASP B 4 -47.90 2.93 -5.20
C ASP B 4 -46.75 2.18 -5.89
N ILE B 5 -45.66 2.90 -6.15
CA ILE B 5 -44.45 2.33 -6.72
C ILE B 5 -43.34 2.15 -5.68
N SER B 6 -43.53 2.70 -4.47
CA SER B 6 -42.47 2.72 -3.46
C SER B 6 -42.05 1.30 -3.08
N GLN B 7 -40.74 1.08 -3.04
CA GLN B 7 -40.18 -0.16 -2.54
C GLN B 7 -39.92 -0.04 -1.04
N ASP B 8 -39.36 -1.09 -0.46
CA ASP B 8 -38.82 -0.99 0.89
C ASP B 8 -37.69 0.03 0.91
N ASN B 9 -37.59 0.80 2.01
CA ASN B 9 -36.58 1.85 2.07
C ASN B 9 -35.15 1.30 2.00
N PHE B 10 -34.95 0.01 2.22
CA PHE B 10 -33.60 -0.55 2.27
C PHE B 10 -33.31 -1.52 1.12
N LEU B 11 -34.21 -1.66 0.16
CA LEU B 11 -34.02 -2.64 -0.91
C LEU B 11 -32.97 -2.18 -1.93
N LEU B 12 -33.20 -1.02 -2.54
CA LEU B 12 -32.32 -0.57 -3.61
C LEU B 12 -30.91 -0.27 -3.08
N SER B 13 -30.82 0.32 -1.89
CA SER B 13 -29.49 0.60 -1.31
C SER B 13 -28.73 -0.67 -1.03
N LYS B 14 -29.41 -1.69 -0.48
CA LYS B 14 -28.75 -2.96 -0.25
C LYS B 14 -28.25 -3.56 -1.55
N GLU B 15 -29.10 -3.56 -2.59
CA GLU B 15 -28.68 -4.08 -3.89
C GLU B 15 -27.45 -3.34 -4.41
N TYR B 16 -27.47 -2.01 -4.34
CA TYR B 16 -26.36 -1.23 -4.87
C TYR B 16 -25.07 -1.51 -4.12
N GLU B 17 -25.14 -1.59 -2.79
CA GLU B 17 -23.94 -1.90 -2.02
C GLU B 17 -23.41 -3.29 -2.36
N ASN B 18 -24.29 -4.27 -2.48
CA ASN B 18 -23.84 -5.62 -2.79
C ASN B 18 -23.27 -5.73 -4.20
N SER B 19 -23.57 -4.77 -5.09
CA SER B 19 -23.01 -4.83 -6.43
C SER B 19 -21.57 -4.32 -6.52
N LEU B 20 -21.04 -3.69 -5.48
CA LEU B 20 -19.70 -3.12 -5.53
C LEU B 20 -18.65 -4.12 -5.05
N ASP B 21 -17.44 -4.00 -5.60
CA ASP B 21 -16.36 -4.85 -5.11
C ASP B 21 -15.71 -4.22 -3.87
N VAL B 22 -14.84 -5.00 -3.23
CA VAL B 22 -14.29 -4.64 -1.92
C VAL B 22 -13.49 -3.34 -2.00
N ASP B 23 -12.67 -3.21 -3.05
CA ASP B 23 -11.78 -2.06 -3.15
C ASP B 23 -12.56 -0.75 -3.27
N THR B 24 -13.62 -0.74 -4.08
CA THR B 24 -14.41 0.47 -4.24
C THR B 24 -15.04 0.88 -2.91
N LYS B 25 -15.62 -0.09 -2.21
CA LYS B 25 -16.25 0.19 -0.93
C LYS B 25 -15.24 0.75 0.05
N LYS B 26 -14.07 0.10 0.16
CA LYS B 26 -13.04 0.57 1.08
C LYS B 26 -12.60 1.98 0.74
N ALA B 27 -12.37 2.26 -0.55
CA ALA B 27 -11.78 3.53 -0.91
C ALA B 27 -12.75 4.69 -0.73
N SER B 28 -14.06 4.44 -0.71
CA SER B 28 -14.99 5.53 -0.43
C SER B 28 -15.85 5.31 0.80
N GLY B 29 -15.54 4.29 1.62
CA GLY B 29 -16.34 4.05 2.82
C GLY B 29 -17.80 3.77 2.53
N ILE B 30 -18.07 3.04 1.46
CA ILE B 30 -19.45 2.80 1.01
C ILE B 30 -19.95 1.57 1.76
N TYR B 31 -20.44 1.81 2.97
CA TYR B 31 -21.06 0.77 3.79
C TYR B 31 -22.28 1.40 4.42
N TYR B 32 -23.44 0.80 4.20
CA TYR B 32 -24.69 1.43 4.58
C TYR B 32 -25.17 0.92 5.95
N THR B 33 -25.98 1.74 6.59
CA THR B 33 -26.35 1.55 8.00
C THR B 33 -27.59 0.69 8.13
N PRO B 34 -27.57 -0.34 8.99
CA PRO B 34 -28.76 -1.17 9.18
C PRO B 34 -29.90 -0.40 9.83
N LYS B 35 -31.11 -0.90 9.58
CA LYS B 35 -32.32 -0.15 9.90
C LYS B 35 -32.47 0.11 11.40
N ILE B 36 -32.06 -0.84 12.24
CA ILE B 36 -32.23 -0.65 13.69
C ILE B 36 -31.44 0.56 14.17
N ILE B 37 -30.23 0.75 13.64
CA ILE B 37 -29.43 1.94 13.97
C ILE B 37 -30.09 3.20 13.42
N VAL B 38 -30.51 3.16 12.15
CA VAL B 38 -31.13 4.33 11.53
C VAL B 38 -32.35 4.76 12.33
N ASP B 39 -33.18 3.79 12.71
CA ASP B 39 -34.39 4.09 13.46
C ASP B 39 -34.06 4.75 14.78
N TYR B 40 -33.06 4.20 15.49
CA TYR B 40 -32.69 4.81 16.77
C TYR B 40 -32.25 6.25 16.58
N ILE B 41 -31.40 6.50 15.60
CA ILE B 41 -30.81 7.83 15.44
C ILE B 41 -31.85 8.85 14.99
N VAL B 42 -32.69 8.46 14.02
CA VAL B 42 -33.73 9.36 13.52
C VAL B 42 -34.75 9.68 14.61
N LYS B 43 -35.18 8.65 15.36
CA LYS B 43 -36.11 8.94 16.45
C LYS B 43 -35.46 9.82 17.50
N LYS B 44 -34.19 9.58 17.83
CA LYS B 44 -33.56 10.35 18.89
C LYS B 44 -33.43 11.82 18.50
N THR B 45 -33.10 12.10 17.23
CA THR B 45 -33.00 13.50 16.81
C THR B 45 -34.38 14.15 16.70
N LEU B 46 -35.37 13.44 16.13
CA LEU B 46 -36.63 14.06 15.79
C LEU B 46 -37.75 13.71 16.75
N LYS B 47 -37.42 13.17 17.93
CA LYS B 47 -38.45 12.71 18.87
C LYS B 47 -39.33 13.86 19.32
N ASN B 48 -38.73 14.94 19.80
CA ASN B 48 -39.46 16.00 20.48
C ASN B 48 -39.57 17.26 19.61
N HIS B 49 -39.50 17.12 18.28
CA HIS B 49 -39.53 18.30 17.44
C HIS B 49 -40.93 18.89 17.38
N ASP B 50 -41.04 20.19 17.60
CA ASP B 50 -42.31 20.90 17.60
C ASP B 50 -42.57 21.41 16.20
N ILE B 51 -43.35 20.65 15.42
CA ILE B 51 -43.56 21.00 14.02
C ILE B 51 -44.46 22.23 13.89
N ILE B 52 -45.33 22.48 14.87
CA ILE B 52 -46.17 23.68 14.83
C ILE B 52 -45.33 24.93 15.02
N LYS B 53 -44.41 24.91 15.99
CA LYS B 53 -43.53 26.06 16.20
C LYS B 53 -42.59 26.27 15.02
N ASN B 54 -42.00 25.18 14.50
CA ASN B 54 -41.08 25.28 13.37
C ASN B 54 -41.43 24.22 12.34
N PRO B 55 -42.28 24.55 11.37
CA PRO B 55 -42.60 23.61 10.29
C PRO B 55 -41.58 23.55 9.18
N TYR B 56 -40.39 24.15 9.34
CA TYR B 56 -39.35 24.13 8.32
C TYR B 56 -38.04 23.59 8.88
N PRO B 57 -38.01 22.36 9.38
CA PRO B 57 -36.75 21.83 9.91
C PRO B 57 -35.86 21.39 8.75
N ARG B 58 -34.60 21.80 8.79
CA ARG B 58 -33.60 21.36 7.81
C ARG B 58 -32.84 20.17 8.37
N ILE B 59 -33.04 18.99 7.78
CA ILE B 59 -32.37 17.77 8.20
C ILE B 59 -31.38 17.39 7.09
N LEU B 60 -30.13 17.20 7.47
CA LEU B 60 -29.05 16.94 6.53
C LEU B 60 -28.41 15.60 6.82
N ASP B 61 -28.18 14.81 5.76
CA ASP B 61 -27.23 13.70 5.79
C ASP B 61 -26.08 14.10 4.86
N ILE B 62 -24.91 14.35 5.45
CA ILE B 62 -23.82 14.97 4.71
C ILE B 62 -23.02 13.95 3.90
N SER B 63 -23.21 12.66 4.15
CA SER B 63 -22.69 11.61 3.27
C SER B 63 -23.80 10.57 3.13
N CYS B 64 -24.77 10.83 2.25
CA CYS B 64 -26.08 10.22 2.40
C CYS B 64 -26.24 8.87 1.73
N GLY B 65 -25.34 8.51 0.83
CA GLY B 65 -25.47 7.23 0.12
C GLY B 65 -26.78 7.15 -0.67
N CYS B 66 -27.38 5.97 -0.64
CA CYS B 66 -28.65 5.75 -1.33
C CYS B 66 -29.85 6.20 -0.50
N GLY B 67 -29.62 6.67 0.72
CA GLY B 67 -30.68 7.30 1.49
C GLY B 67 -31.25 6.48 2.63
N ASN B 68 -30.44 5.61 3.24
CA ASN B 68 -30.92 4.84 4.39
C ASN B 68 -31.42 5.75 5.51
N PHE B 69 -30.78 6.90 5.72
CA PHE B 69 -31.26 7.82 6.75
C PHE B 69 -32.35 8.74 6.21
N LEU B 70 -32.14 9.31 5.02
CA LEU B 70 -33.03 10.35 4.53
C LEU B 70 -34.41 9.81 4.18
N LEU B 71 -34.50 8.53 3.79
CA LEU B 71 -35.82 7.95 3.52
C LEU B 71 -36.61 7.75 4.81
N GLU B 72 -35.94 7.33 5.89
CA GLU B 72 -36.60 7.22 7.19
C GLU B 72 -36.95 8.59 7.74
N VAL B 73 -36.07 9.58 7.51
CA VAL B 73 -36.39 10.97 7.83
C VAL B 73 -37.65 11.39 7.09
N TYR B 74 -37.77 11.02 5.81
CA TYR B 74 -38.95 11.38 5.03
C TYR B 74 -40.21 10.80 5.66
N ASP B 75 -40.17 9.50 6.01
CA ASP B 75 -41.39 8.89 6.55
C ASP B 75 -41.79 9.52 7.89
N ILE B 76 -40.81 9.75 8.77
CA ILE B 76 -41.10 10.38 10.06
C ILE B 76 -41.70 11.77 9.86
N LEU B 77 -41.10 12.56 8.96
CA LEU B 77 -41.59 13.91 8.70
C LEU B 77 -43.00 13.87 8.12
N TYR B 78 -43.26 12.94 7.21
CA TYR B 78 -44.58 12.90 6.61
C TYR B 78 -45.64 12.64 7.67
N ASP B 79 -45.37 11.70 8.58
CA ASP B 79 -46.33 11.49 9.67
C ASP B 79 -46.44 12.73 10.56
N LEU B 80 -45.32 13.40 10.83
CA LEU B 80 -45.35 14.57 11.69
C LEU B 80 -46.22 15.68 11.10
N PHE B 81 -46.05 15.95 9.80
CA PHE B 81 -46.87 16.96 9.15
C PHE B 81 -48.32 16.52 9.03
N GLU B 82 -48.55 15.25 8.70
CA GLU B 82 -49.91 14.77 8.49
C GLU B 82 -50.72 14.85 9.78
N GLU B 83 -50.09 14.50 10.91
CA GLU B 83 -50.78 14.48 12.19
C GLU B 83 -51.14 15.88 12.69
N ASN B 84 -50.49 16.92 12.16
CA ASN B 84 -50.70 18.29 12.64
C ASN B 84 -51.13 19.24 11.53
N ILE B 85 -51.59 18.69 10.40
CA ILE B 85 -51.89 19.50 9.22
C ILE B 85 -52.93 20.58 9.51
N TYR B 86 -53.96 20.28 10.31
CA TYR B 86 -55.00 21.29 10.50
C TYR B 86 -54.51 22.42 11.39
N GLU B 87 -53.68 22.11 12.39
CA GLU B 87 -53.13 23.16 13.23
C GLU B 87 -52.16 24.04 12.46
N LEU B 88 -51.35 23.43 11.57
CA LEU B 88 -50.50 24.23 10.69
C LEU B 88 -51.34 25.12 9.79
N LYS B 89 -52.42 24.56 9.24
CA LYS B 89 -53.30 25.29 8.34
C LYS B 89 -53.92 26.50 9.02
N LYS B 90 -54.36 26.33 10.27
CA LYS B 90 -54.92 27.46 11.01
C LYS B 90 -53.85 28.50 11.35
N LYS B 91 -52.66 28.04 11.75
CA LYS B 91 -51.64 28.97 12.22
C LYS B 91 -51.01 29.74 11.05
N TYR B 92 -50.79 29.07 9.93
CA TYR B 92 -50.07 29.62 8.78
C TYR B 92 -51.03 29.75 7.58
N ASP B 93 -50.46 29.89 6.39
CA ASP B 93 -51.28 30.01 5.19
C ASP B 93 -52.14 28.77 4.97
N GLU B 94 -53.46 28.96 4.96
CA GLU B 94 -54.36 27.81 4.90
C GLU B 94 -54.41 27.18 3.51
N ASN B 95 -54.09 27.91 2.46
CA ASN B 95 -54.03 27.30 1.14
C ASN B 95 -52.78 26.45 0.94
N TYR B 96 -51.70 26.77 1.64
CA TYR B 96 -50.46 26.03 1.47
C TYR B 96 -50.51 24.68 2.19
N TRP B 97 -51.11 24.64 3.37
CA TRP B 97 -51.02 23.46 4.23
C TRP B 97 -52.19 22.53 3.94
N THR B 98 -51.98 21.63 2.98
CA THR B 98 -52.87 20.52 2.71
C THR B 98 -52.04 19.25 2.72
N VAL B 99 -52.72 18.11 2.89
CA VAL B 99 -52.02 16.83 2.94
C VAL B 99 -51.26 16.61 1.64
N ASP B 100 -51.90 16.84 0.49
CA ASP B 100 -51.25 16.51 -0.77
C ASP B 100 -50.11 17.46 -1.12
N ASN B 101 -49.91 18.53 -0.35
CA ASN B 101 -48.74 19.38 -0.53
C ASN B 101 -47.57 18.97 0.36
N ILE B 102 -47.81 18.11 1.37
CA ILE B 102 -46.76 17.77 2.33
C ILE B 102 -45.51 17.26 1.61
N HIS B 103 -45.71 16.36 0.65
CA HIS B 103 -44.59 15.80 -0.12
C HIS B 103 -43.71 16.91 -0.66
N ARG B 104 -44.30 17.84 -1.40
CA ARG B 104 -43.50 18.92 -1.99
C ARG B 104 -42.80 19.71 -0.91
N HIS B 105 -43.52 20.03 0.17
CA HIS B 105 -42.90 20.80 1.25
C HIS B 105 -41.69 20.06 1.78
N ILE B 106 -41.83 18.75 2.03
CA ILE B 106 -40.71 18.01 2.61
C ILE B 106 -39.50 18.08 1.70
N LEU B 107 -39.73 17.96 0.39
CA LEU B 107 -38.58 17.92 -0.50
C LEU B 107 -37.99 19.30 -0.70
N ASN B 108 -38.79 20.36 -0.58
CA ASN B 108 -38.24 21.68 -0.86
C ASN B 108 -37.45 22.22 0.31
N TYR B 109 -37.98 22.09 1.52
CA TYR B 109 -37.44 22.79 2.66
C TYR B 109 -36.84 21.89 3.74
N CYS B 110 -37.09 20.59 3.72
CA CYS B 110 -36.74 19.79 4.88
C CYS B 110 -35.59 18.82 4.67
N ILE B 111 -35.49 18.15 3.53
CA ILE B 111 -34.52 17.07 3.37
C ILE B 111 -33.34 17.59 2.55
N TYR B 112 -32.13 17.36 3.06
CA TYR B 112 -30.90 17.71 2.37
C TYR B 112 -29.93 16.53 2.48
N GLY B 113 -29.30 16.21 1.35
CA GLY B 113 -28.34 15.13 1.32
C GLY B 113 -27.18 15.48 0.40
N ALA B 114 -25.99 14.99 0.78
CA ALA B 114 -24.80 15.18 -0.04
C ALA B 114 -24.01 13.89 -0.10
N ASP B 115 -23.35 13.63 -1.23
CA ASP B 115 -22.52 12.44 -1.41
C ASP B 115 -21.69 12.61 -2.68
N ILE B 116 -20.43 12.15 -2.63
CA ILE B 116 -19.59 12.16 -3.82
C ILE B 116 -19.98 11.11 -4.84
N ASP B 117 -20.78 10.13 -4.44
CA ASP B 117 -21.13 9.00 -5.31
C ASP B 117 -22.34 9.38 -6.16
N GLU B 118 -22.10 9.62 -7.45
CA GLU B 118 -23.14 10.14 -8.33
C GLU B 118 -24.24 9.10 -8.59
N LYS B 119 -23.88 7.83 -8.72
CA LYS B 119 -24.88 6.78 -8.89
C LYS B 119 -25.80 6.70 -7.67
N ALA B 120 -25.22 6.72 -6.47
CA ALA B 120 -26.04 6.63 -5.27
C ALA B 120 -26.99 7.81 -5.18
N ILE B 121 -26.52 9.00 -5.58
CA ILE B 121 -27.35 10.20 -5.55
C ILE B 121 -28.53 10.04 -6.51
N SER B 122 -28.29 9.50 -7.69
CA SER B 122 -29.42 9.27 -8.61
C SER B 122 -30.42 8.28 -8.03
N ILE B 123 -29.94 7.22 -7.36
CA ILE B 123 -30.86 6.25 -6.78
C ILE B 123 -31.70 6.91 -5.67
N LEU B 124 -31.06 7.71 -4.81
CA LEU B 124 -31.81 8.39 -3.76
C LEU B 124 -32.80 9.38 -4.34
N LYS B 125 -32.40 10.09 -5.40
CA LYS B 125 -33.33 11.00 -6.05
C LYS B 125 -34.56 10.25 -6.52
N ASP B 126 -34.35 9.09 -7.15
CA ASP B 126 -35.49 8.30 -7.60
C ASP B 126 -36.35 7.83 -6.44
N SER B 127 -35.73 7.40 -5.33
CA SER B 127 -36.52 6.93 -4.20
C SER B 127 -37.39 8.05 -3.63
N LEU B 128 -36.80 9.22 -3.42
CA LEU B 128 -37.54 10.35 -2.88
C LEU B 128 -38.68 10.77 -3.81
N THR B 129 -38.41 10.85 -5.11
CA THR B 129 -39.47 11.19 -6.04
C THR B 129 -40.57 10.14 -6.05
N ASN B 130 -40.23 8.88 -5.83
CA ASN B 130 -41.22 7.82 -5.82
C ASN B 130 -41.95 7.67 -4.49
N LYS B 131 -41.63 8.50 -3.49
CA LYS B 131 -42.47 8.53 -2.30
C LYS B 131 -43.91 8.99 -2.58
N LYS B 132 -44.16 9.70 -3.68
CA LYS B 132 -45.52 10.10 -4.02
C LYS B 132 -45.78 9.88 -5.50
N VAL B 133 -46.94 9.35 -5.82
CA VAL B 133 -47.32 9.09 -7.23
C VAL B 133 -47.88 10.42 -7.75
N VAL B 134 -46.98 11.30 -8.16
CA VAL B 134 -47.34 12.61 -8.67
C VAL B 134 -47.38 12.64 -10.20
N ASN B 135 -47.14 11.51 -10.85
CA ASN B 135 -47.20 11.45 -12.30
C ASN B 135 -48.61 11.77 -12.79
N ASP B 136 -48.69 12.64 -13.80
CA ASP B 136 -49.95 13.16 -14.34
C ASP B 136 -50.79 13.87 -13.27
N LEU B 137 -50.17 14.26 -12.15
CA LEU B 137 -50.86 14.95 -11.07
C LEU B 137 -50.37 16.38 -10.88
N ASP B 138 -49.07 16.58 -10.70
CA ASP B 138 -48.50 17.90 -10.51
C ASP B 138 -47.88 18.47 -11.79
N GLU B 139 -47.27 17.63 -12.62
CA GLU B 139 -46.68 18.00 -13.90
C GLU B 139 -45.64 19.11 -13.78
N SER B 140 -45.15 19.37 -12.57
CA SER B 140 -44.17 20.41 -12.30
C SER B 140 -43.01 19.81 -11.52
N ASP B 141 -41.80 20.19 -11.92
CA ASP B 141 -40.61 19.64 -11.28
C ASP B 141 -40.55 20.05 -9.81
N ILE B 142 -40.24 19.08 -8.96
CA ILE B 142 -40.14 19.30 -7.51
C ILE B 142 -38.67 19.50 -7.17
N LYS B 143 -38.37 20.61 -6.49
CA LYS B 143 -37.01 20.87 -6.09
C LYS B 143 -36.57 19.85 -5.04
N ILE B 144 -35.38 19.28 -5.23
CA ILE B 144 -34.81 18.31 -4.31
C ILE B 144 -33.40 18.75 -3.97
N ASN B 145 -33.06 18.75 -2.67
CA ASN B 145 -31.78 19.30 -2.21
C ASN B 145 -30.76 18.19 -2.01
N LEU B 146 -30.32 17.61 -3.13
CA LEU B 146 -29.26 16.62 -3.14
C LEU B 146 -28.08 17.19 -3.90
N PHE B 147 -26.89 17.07 -3.30
CA PHE B 147 -25.68 17.63 -3.87
C PHE B 147 -24.69 16.50 -4.13
N CYS B 148 -24.18 16.42 -5.35
CA CYS B 148 -23.08 15.53 -5.64
C CYS B 148 -21.81 16.37 -5.56
N CYS B 149 -21.06 16.18 -4.48
CA CYS B 149 -19.93 17.05 -4.16
C CYS B 149 -19.14 16.37 -3.06
N ASP B 150 -17.91 16.84 -2.87
CA ASP B 150 -17.13 16.50 -1.69
C ASP B 150 -17.62 17.37 -0.56
N SER B 151 -18.27 16.76 0.45
CA SER B 151 -18.85 17.54 1.53
C SER B 151 -17.80 18.28 2.34
N LEU B 152 -16.55 17.81 2.34
CA LEU B 152 -15.51 18.51 3.05
C LEU B 152 -14.97 19.70 2.26
N LYS B 153 -15.38 19.85 1.01
CA LYS B 153 -14.97 20.97 0.18
C LYS B 153 -16.10 21.93 -0.15
N LYS B 154 -17.35 21.49 -0.11
CA LYS B 154 -18.46 22.36 -0.46
C LYS B 154 -18.51 23.59 0.45
N LYS B 155 -18.78 24.76 -0.15
CA LYS B 155 -19.03 25.96 0.62
C LYS B 155 -20.49 25.95 1.05
N TRP B 156 -20.74 25.57 2.29
CA TRP B 156 -22.11 25.48 2.79
C TRP B 156 -22.65 26.88 3.09
N ARG B 157 -23.82 27.20 2.54
CA ARG B 157 -24.34 28.55 2.61
C ARG B 157 -25.10 28.83 3.90
N TYR B 158 -25.72 27.82 4.51
CA TYR B 158 -26.46 28.01 5.75
C TYR B 158 -26.31 26.77 6.61
N LYS B 159 -26.77 26.88 7.86
CA LYS B 159 -26.64 25.80 8.82
C LYS B 159 -27.91 24.95 8.86
N PHE B 160 -27.91 23.93 9.71
CA PHE B 160 -28.95 22.91 9.69
C PHE B 160 -29.46 22.62 11.10
N ASP B 161 -30.75 22.33 11.18
CA ASP B 161 -31.37 22.05 12.47
C ASP B 161 -30.96 20.69 13.02
N TYR B 162 -30.88 19.68 12.14
CA TYR B 162 -30.56 18.32 12.53
C TYR B 162 -29.61 17.76 11.48
N ILE B 163 -28.63 16.99 11.94
CA ILE B 163 -27.70 16.30 11.07
C ILE B 163 -27.54 14.89 11.59
N VAL B 164 -27.77 13.90 10.72
CA VAL B 164 -27.69 12.50 11.10
C VAL B 164 -26.85 11.77 10.07
N GLY B 165 -26.34 10.61 10.45
CA GLY B 165 -25.79 9.72 9.45
C GLY B 165 -24.63 8.90 9.97
N ASN B 166 -23.79 8.52 9.01
CA ASN B 166 -22.75 7.50 9.21
C ASN B 166 -21.64 7.81 8.24
N PRO B 167 -20.70 8.69 8.63
CA PRO B 167 -19.66 9.16 7.69
C PRO B 167 -18.74 8.04 7.26
N PRO B 168 -18.02 8.19 6.13
CA PRO B 168 -17.09 7.13 5.73
C PRO B 168 -15.92 7.04 6.70
N TYR B 169 -15.50 5.81 6.99
CA TYR B 169 -14.30 5.55 7.79
C TYR B 169 -13.17 5.18 6.83
N ILE B 170 -12.11 5.99 6.77
CA ILE B 170 -10.97 5.74 5.88
C ILE B 170 -9.69 6.19 6.57
N GLY B 171 -8.84 5.22 6.93
CA GLY B 171 -7.61 5.49 7.66
C GLY B 171 -6.47 5.90 6.75
N HIS B 172 -5.28 6.06 7.37
CA HIS B 172 -4.16 6.71 6.69
C HIS B 172 -3.59 5.88 5.54
N LYS B 173 -3.75 4.56 5.57
CA LYS B 173 -3.26 3.74 4.47
C LYS B 173 -4.21 3.68 3.28
N LYS B 174 -5.46 4.09 3.44
CA LYS B 174 -6.42 3.94 2.36
C LYS B 174 -6.72 5.23 1.61
N LEU B 175 -6.57 6.39 2.25
CA LEU B 175 -6.70 7.66 1.53
C LEU B 175 -5.52 7.89 0.61
N GLU B 176 -5.73 8.70 -0.42
CA GLU B 176 -4.67 9.12 -1.32
C GLU B 176 -3.81 10.20 -0.68
N LYS B 177 -2.56 10.28 -1.12
CA LYS B 177 -1.61 11.22 -0.52
C LYS B 177 -2.01 12.67 -0.77
N LYS B 178 -2.41 13.01 -2.00
CA LYS B 178 -2.81 14.38 -2.30
C LYS B 178 -4.05 14.78 -1.48
N TYR B 179 -5.00 13.86 -1.35
CA TYR B 179 -6.18 14.18 -0.56
C TYR B 179 -5.78 14.41 0.90
N LYS B 180 -4.86 13.60 1.42
CA LYS B 180 -4.40 13.81 2.78
C LYS B 180 -3.71 15.15 2.94
N LYS B 181 -3.01 15.64 1.91
CA LYS B 181 -2.43 16.97 2.01
C LYS B 181 -3.53 18.02 2.17
N PHE B 182 -4.61 17.87 1.41
CA PHE B 182 -5.75 18.79 1.58
C PHE B 182 -6.32 18.70 2.99
N LEU B 183 -6.51 17.48 3.51
CA LEU B 183 -7.06 17.32 4.85
C LEU B 183 -6.15 17.93 5.91
N LEU B 184 -4.84 17.72 5.77
CA LEU B 184 -3.88 18.23 6.74
C LEU B 184 -3.85 19.75 6.73
N GLU B 185 -4.03 20.37 5.57
CA GLU B 185 -4.04 21.83 5.55
C GLU B 185 -5.35 22.40 6.09
N LYS B 186 -6.49 21.79 5.75
CA LYS B 186 -7.79 22.40 5.99
C LYS B 186 -8.53 21.87 7.21
N TYR B 187 -8.17 20.71 7.74
CA TYR B 187 -8.83 20.15 8.91
C TYR B 187 -7.83 19.87 10.02
N SER B 188 -6.80 20.70 10.12
CA SER B 188 -5.71 20.41 11.06
C SER B 188 -6.18 20.42 12.51
N GLU B 189 -7.30 21.09 12.81
CA GLU B 189 -7.78 21.12 14.18
C GLU B 189 -8.17 19.75 14.71
N VAL B 190 -8.51 18.82 13.82
CA VAL B 190 -8.86 17.46 14.23
C VAL B 190 -8.09 16.38 13.48
N TYR B 191 -7.47 16.68 12.33
CA TYR B 191 -6.87 15.65 11.47
C TYR B 191 -5.37 15.90 11.32
N LYS B 192 -4.58 14.99 11.88
CA LYS B 192 -3.13 15.03 11.81
CA LYS B 192 -3.14 15.02 11.74
C LYS B 192 -2.62 13.60 11.90
N ASP B 193 -1.40 13.38 11.42
CA ASP B 193 -0.72 12.09 11.61
C ASP B 193 -1.60 10.93 11.14
N LYS B 194 -1.88 9.97 12.03
CA LYS B 194 -2.63 8.77 11.65
C LYS B 194 -4.13 8.89 11.94
N ALA B 195 -4.67 10.10 11.87
CA ALA B 195 -6.09 10.32 12.07
C ALA B 195 -6.89 9.65 10.96
N ASP B 196 -8.23 9.70 11.11
CA ASP B 196 -9.17 9.11 10.16
C ASP B 196 -10.03 10.21 9.53
N LEU B 197 -10.55 9.89 8.34
CA LEU B 197 -11.45 10.82 7.64
C LEU B 197 -12.69 11.17 8.47
N TYR B 198 -13.20 10.22 9.27
CA TYR B 198 -14.44 10.54 9.99
C TYR B 198 -14.20 11.59 11.06
N PHE B 199 -12.94 11.86 11.41
CA PHE B 199 -12.64 13.01 12.28
C PHE B 199 -13.07 14.30 11.60
N CYS B 200 -12.73 14.41 10.31
CA CYS B 200 -13.07 15.59 9.53
C CYS B 200 -14.57 15.71 9.35
N PHE B 201 -15.26 14.58 9.20
CA PHE B 201 -16.71 14.67 9.11
C PHE B 201 -17.33 15.13 10.44
N TYR B 202 -16.78 14.70 11.58
CA TYR B 202 -17.24 15.25 12.84
C TYR B 202 -17.09 16.75 12.87
N LYS B 203 -15.91 17.24 12.47
CA LYS B 203 -15.68 18.69 12.52
C LYS B 203 -16.67 19.43 11.63
N LYS B 204 -16.86 18.94 10.40
CA LYS B 204 -17.76 19.63 9.47
C LYS B 204 -19.20 19.61 9.95
N ILE B 205 -19.67 18.46 10.46
CA ILE B 205 -21.03 18.37 10.98
C ILE B 205 -21.21 19.36 12.12
N ILE B 206 -20.26 19.41 13.04
CA ILE B 206 -20.35 20.33 14.15
C ILE B 206 -20.40 21.77 13.66
N ASP B 207 -19.59 22.09 12.64
CA ASP B 207 -19.47 23.47 12.19
C ASP B 207 -20.73 23.99 11.51
N ILE B 208 -21.48 23.13 10.81
CA ILE B 208 -22.65 23.61 10.10
C ILE B 208 -23.94 23.30 10.85
N LEU B 209 -23.85 22.90 12.12
CA LEU B 209 -25.03 22.67 12.93
C LEU B 209 -25.52 23.99 13.50
N LYS B 210 -26.82 24.25 13.34
CA LYS B 210 -27.40 25.49 13.85
C LYS B 210 -27.25 25.57 15.36
N GLN B 211 -27.26 26.79 15.87
CA GLN B 211 -27.45 26.99 17.29
C GLN B 211 -28.77 26.33 17.72
N GLY B 212 -28.71 25.55 18.79
CA GLY B 212 -29.88 24.82 19.23
C GLY B 212 -30.20 23.57 18.43
N GLY B 213 -29.37 23.20 17.45
CA GLY B 213 -29.62 22.00 16.68
C GLY B 213 -29.08 20.75 17.34
N ILE B 214 -29.39 19.60 16.76
CA ILE B 214 -29.01 18.30 17.29
C ILE B 214 -28.34 17.50 16.19
N GLY B 215 -27.20 16.90 16.51
CA GLY B 215 -26.54 15.97 15.61
C GLY B 215 -26.48 14.59 16.25
N SER B 216 -26.58 13.56 15.42
CA SER B 216 -26.48 12.19 15.91
C SER B 216 -25.87 11.33 14.82
N VAL B 217 -24.73 10.69 15.10
CA VAL B 217 -24.02 9.89 14.11
C VAL B 217 -23.51 8.60 14.74
N ILE B 218 -23.28 7.60 13.88
CA ILE B 218 -22.59 6.38 14.26
C ILE B 218 -21.23 6.38 13.58
N THR B 219 -20.17 6.20 14.38
CA THR B 219 -18.80 6.21 13.87
C THR B 219 -18.06 5.06 14.53
N PRO B 220 -16.80 4.80 14.18
CA PRO B 220 -16.00 3.87 14.99
C PRO B 220 -15.86 4.41 16.41
N ARG B 221 -15.73 3.49 17.36
CA ARG B 221 -15.54 3.87 18.76
C ARG B 221 -14.12 4.32 19.08
N TYR B 222 -13.16 4.10 18.17
CA TYR B 222 -11.75 4.17 18.55
C TYR B 222 -11.31 5.57 18.96
N PHE B 223 -11.93 6.62 18.42
CA PHE B 223 -11.53 7.96 18.79
C PHE B 223 -11.79 8.26 20.27
N LEU B 224 -12.67 7.49 20.92
CA LEU B 224 -12.91 7.71 22.34
C LEU B 224 -11.65 7.47 23.15
N GLU B 225 -10.76 6.60 22.68
CA GLU B 225 -9.57 6.19 23.40
C GLU B 225 -8.27 6.48 22.68
N SER B 226 -8.28 6.60 21.36
CA SER B 226 -7.02 6.49 20.60
C SER B 226 -6.18 7.74 20.75
N LEU B 227 -4.87 7.55 20.55
CA LEU B 227 -3.94 8.67 20.53
C LEU B 227 -4.31 9.66 19.44
N SER B 228 -4.66 9.17 18.26
CA SER B 228 -5.01 10.05 17.14
C SER B 228 -6.27 10.86 17.41
N GLY B 229 -7.15 10.39 18.31
CA GLY B 229 -8.41 11.08 18.57
C GLY B 229 -8.36 12.24 19.55
N LYS B 230 -7.17 12.58 20.06
CA LYS B 230 -7.06 13.58 21.12
C LYS B 230 -7.63 14.93 20.71
N ASP B 231 -7.21 15.43 19.54
CA ASP B 231 -7.68 16.74 19.11
C ASP B 231 -9.18 16.70 18.78
N LEU B 232 -9.65 15.60 18.20
CA LEU B 232 -11.08 15.44 17.93
C LEU B 232 -11.89 15.47 19.23
N ARG B 233 -11.46 14.73 20.24
CA ARG B 233 -12.11 14.77 21.54
C ARG B 233 -12.18 16.19 22.07
N GLU B 234 -11.08 16.94 21.95
CA GLU B 234 -11.08 18.32 22.43
C GLU B 234 -12.08 19.19 21.65
N TYR B 235 -12.14 19.01 20.33
CA TYR B 235 -13.04 19.80 19.50
C TYR B 235 -14.51 19.51 19.82
N ILE B 236 -14.84 18.23 20.01
CA ILE B 236 -16.21 17.88 20.35
C ILE B 236 -16.58 18.46 21.71
N LYS B 237 -15.72 18.21 22.71
CA LYS B 237 -16.00 18.65 24.07
CA LYS B 237 -16.00 18.65 24.08
C LYS B 237 -16.13 20.17 24.14
N SER B 238 -15.37 20.90 23.34
CA SER B 238 -15.44 22.35 23.44
C SER B 238 -16.47 23.01 22.53
N ASN B 239 -17.07 22.29 21.58
CA ASN B 239 -18.00 22.97 20.67
C ASN B 239 -19.44 22.48 20.72
N VAL B 240 -19.74 21.35 21.36
CA VAL B 240 -21.11 20.87 21.48
C VAL B 240 -21.33 20.30 22.88
N ASN B 241 -22.60 20.17 23.24
CA ASN B 241 -22.99 19.43 24.43
C ASN B 241 -23.27 17.99 24.01
N VAL B 242 -22.46 17.05 24.48
CA VAL B 242 -22.67 15.64 24.18
C VAL B 242 -23.83 15.15 25.04
N GLN B 243 -24.97 14.87 24.40
CA GLN B 243 -26.11 14.33 25.13
C GLN B 243 -25.87 12.89 25.53
N GLU B 244 -25.31 12.09 24.63
CA GLU B 244 -25.32 10.65 24.86
C GLU B 244 -24.25 9.95 24.02
N ILE B 245 -23.65 8.92 24.62
CA ILE B 245 -22.73 8.01 23.93
C ILE B 245 -23.23 6.59 24.15
N VAL B 246 -23.49 5.88 23.07
CA VAL B 246 -23.73 4.45 23.10
C VAL B 246 -22.45 3.78 22.61
N ASP B 247 -21.81 2.99 23.46
CA ASP B 247 -20.56 2.32 23.13
C ASP B 247 -20.86 0.83 23.02
N PHE B 248 -20.78 0.30 21.81
CA PHE B 248 -21.02 -1.13 21.57
C PHE B 248 -19.78 -1.98 21.86
N LEU B 249 -18.69 -1.38 22.32
CA LEU B 249 -17.41 -2.05 22.60
C LEU B 249 -17.05 -2.88 21.37
N GLY B 250 -16.67 -4.14 21.51
CA GLY B 250 -16.25 -4.96 20.40
C GLY B 250 -17.35 -5.72 19.68
N ALA B 251 -18.63 -5.43 19.97
CA ALA B 251 -19.71 -6.12 19.29
C ALA B 251 -19.67 -5.82 17.78
N ASN B 252 -20.36 -6.68 17.02
CA ASN B 252 -20.43 -6.56 15.57
C ASN B 252 -21.78 -5.95 15.22
N ILE B 253 -21.79 -4.66 14.88
CA ILE B 253 -23.03 -3.97 14.53
C ILE B 253 -23.27 -4.00 13.03
N PHE B 254 -22.21 -3.95 12.23
CA PHE B 254 -22.30 -4.03 10.78
C PHE B 254 -21.90 -5.44 10.36
N LYS B 255 -22.85 -6.19 9.81
CA LYS B 255 -22.59 -7.56 9.41
C LYS B 255 -21.50 -7.63 8.35
N ASN B 256 -20.51 -8.51 8.58
CA ASN B 256 -19.39 -8.76 7.70
C ASN B 256 -18.44 -7.57 7.60
N ILE B 257 -18.44 -6.67 8.59
CA ILE B 257 -17.51 -5.55 8.64
C ILE B 257 -16.68 -5.66 9.91
N GLY B 258 -15.36 -5.59 9.76
CA GLY B 258 -14.50 -5.65 10.93
C GLY B 258 -14.27 -4.30 11.56
N VAL B 259 -15.29 -3.76 12.22
CA VAL B 259 -15.17 -2.47 12.90
C VAL B 259 -16.00 -2.49 14.17
N SER B 260 -15.62 -1.66 15.14
CA SER B 260 -16.35 -1.50 16.38
C SER B 260 -16.89 -0.07 16.48
N SER B 261 -18.09 0.06 17.03
CA SER B 261 -18.96 1.20 16.78
C SER B 261 -19.37 1.94 18.05
N CYS B 262 -19.67 3.23 17.89
CA CYS B 262 -20.40 3.98 18.90
C CYS B 262 -21.35 4.96 18.20
N ILE B 263 -22.34 5.41 18.98
CA ILE B 263 -23.31 6.40 18.53
C ILE B 263 -23.18 7.63 19.43
N LEU B 264 -22.89 8.77 18.82
CA LEU B 264 -22.80 10.03 19.55
C LEU B 264 -23.97 10.89 19.19
N THR B 265 -24.66 11.41 20.21
CA THR B 265 -25.71 12.41 20.04
C THR B 265 -25.30 13.65 20.82
N PHE B 266 -25.37 14.80 20.16
CA PHE B 266 -24.88 16.06 20.69
C PHE B 266 -25.78 17.20 20.24
N ASP B 267 -25.63 18.36 20.88
CA ASP B 267 -26.45 19.51 20.52
C ASP B 267 -25.68 20.80 20.74
N LYS B 268 -26.22 21.87 20.19
CA LYS B 268 -25.71 23.22 20.41
C LYS B 268 -26.75 24.06 21.16
N LYS B 269 -27.33 23.48 22.20
CA LYS B 269 -28.27 24.20 23.05
C LYS B 269 -27.53 24.91 24.18
N LYS B 270 -28.14 25.99 24.67
CA LYS B 270 -27.66 26.64 25.88
C LYS B 270 -28.22 25.85 27.07
N THR B 271 -27.35 25.11 27.75
CA THR B 271 -27.77 24.29 28.88
C THR B 271 -26.80 24.46 30.04
N LYS B 272 -27.21 23.96 31.21
CA LYS B 272 -26.55 24.32 32.45
C LYS B 272 -25.28 23.52 32.71
N GLU B 273 -25.42 22.20 32.88
CA GLU B 273 -24.31 21.39 33.40
C GLU B 273 -23.80 20.32 32.46
N THR B 274 -24.62 19.84 31.53
CA THR B 274 -24.17 18.93 30.48
C THR B 274 -23.57 17.65 31.07
N TYR B 275 -24.46 16.84 31.62
CA TYR B 275 -24.12 15.45 31.87
C TYR B 275 -24.40 14.59 30.64
N ILE B 276 -23.55 13.58 30.45
CA ILE B 276 -23.64 12.64 29.34
C ILE B 276 -24.27 11.35 29.85
N ASP B 277 -25.31 10.88 29.16
CA ASP B 277 -25.78 9.51 29.31
C ASP B 277 -24.83 8.60 28.56
N VAL B 278 -24.17 7.68 29.28
CA VAL B 278 -23.29 6.68 28.67
C VAL B 278 -23.98 5.33 28.83
N PHE B 279 -24.23 4.67 27.70
CA PHE B 279 -24.70 3.29 27.67
C PHE B 279 -23.57 2.44 27.13
N LYS B 280 -23.09 1.50 27.95
CA LYS B 280 -21.98 0.64 27.57
C LYS B 280 -22.45 -0.80 27.60
N ILE B 281 -22.26 -1.52 26.49
CA ILE B 281 -22.75 -2.88 26.42
C ILE B 281 -22.01 -3.75 27.43
N LYS B 282 -22.71 -4.73 27.99
CA LYS B 282 -22.14 -5.67 28.94
C LYS B 282 -21.58 -6.92 28.26
N ASN B 283 -22.28 -7.47 27.28
CA ASN B 283 -21.86 -8.68 26.58
C ASN B 283 -21.61 -8.35 25.12
N GLU B 284 -20.36 -8.53 24.68
CA GLU B 284 -20.01 -8.25 23.29
C GLU B 284 -20.60 -9.26 22.30
N ASP B 285 -21.17 -10.37 22.78
CA ASP B 285 -21.74 -11.40 21.91
C ASP B 285 -23.18 -11.13 21.52
N ILE B 286 -23.76 -10.02 21.97
CA ILE B 286 -25.15 -9.72 21.64
C ILE B 286 -25.26 -9.42 20.15
N CYS B 287 -26.24 -10.05 19.51
CA CYS B 287 -26.63 -9.72 18.14
C CYS B 287 -27.85 -8.80 18.23
N ILE B 288 -27.64 -7.50 18.01
CA ILE B 288 -28.71 -6.55 18.22
C ILE B 288 -29.79 -6.65 17.15
N ASN B 289 -29.46 -7.18 15.97
CA ASN B 289 -30.45 -7.28 14.91
C ASN B 289 -31.55 -8.29 15.24
N LYS B 290 -31.33 -9.16 16.22
CA LYS B 290 -32.35 -10.09 16.68
C LYS B 290 -33.43 -9.42 17.53
N PHE B 291 -33.45 -8.10 17.60
CA PHE B 291 -34.43 -7.35 18.37
C PHE B 291 -35.07 -6.29 17.48
N GLU B 292 -36.28 -5.88 17.87
CA GLU B 292 -37.03 -4.91 17.06
C GLU B 292 -36.36 -3.54 17.09
N THR B 293 -36.01 -3.05 18.29
CA THR B 293 -35.49 -1.70 18.46
C THR B 293 -34.22 -1.74 19.28
N LEU B 294 -33.37 -0.74 19.06
CA LEU B 294 -32.20 -0.57 19.91
C LEU B 294 -32.57 -0.02 21.28
N GLU B 295 -33.60 0.82 21.35
CA GLU B 295 -33.98 1.44 22.61
C GLU B 295 -34.36 0.38 23.64
N GLU B 296 -35.04 -0.69 23.22
CA GLU B 296 -35.37 -1.77 24.13
C GLU B 296 -34.12 -2.44 24.69
N LEU B 297 -33.05 -2.52 23.89
CA LEU B 297 -31.79 -3.07 24.40
C LEU B 297 -31.14 -2.12 25.40
N LEU B 298 -31.14 -0.82 25.09
CA LEU B 298 -30.53 0.16 25.98
C LEU B 298 -31.22 0.18 27.34
N LYS B 299 -32.53 -0.06 27.36
CA LYS B 299 -33.33 0.00 28.58
C LYS B 299 -33.47 -1.34 29.27
N SER B 300 -32.46 -2.20 29.14
CA SER B 300 -32.49 -3.54 29.71
C SER B 300 -31.17 -3.80 30.42
N SER B 301 -31.06 -5.01 30.96
CA SER B 301 -29.86 -5.43 31.66
C SER B 301 -28.69 -5.72 30.72
N LYS B 302 -28.89 -5.66 29.40
CA LYS B 302 -27.80 -5.90 28.47
C LYS B 302 -26.86 -4.72 28.31
N PHE B 303 -27.26 -3.54 28.78
CA PHE B 303 -26.42 -2.35 28.76
C PHE B 303 -26.33 -1.79 30.17
N GLU B 304 -25.19 -1.21 30.48
CA GLU B 304 -25.00 -0.47 31.71
C GLU B 304 -25.12 1.01 31.40
N HIS B 305 -25.73 1.76 32.32
CA HIS B 305 -25.91 3.19 32.12
C HIS B 305 -25.27 3.93 33.26
N PHE B 306 -24.48 4.96 32.93
CA PHE B 306 -24.00 5.87 33.95
C PHE B 306 -23.84 7.25 33.33
N ASN B 307 -23.69 8.26 34.19
CA ASN B 307 -23.56 9.63 33.74
C ASN B 307 -22.13 10.10 33.89
N ILE B 308 -21.69 10.94 32.95
CA ILE B 308 -20.37 11.54 32.99
C ILE B 308 -20.52 13.05 32.86
N ASN B 309 -19.90 13.81 33.76
CA ASN B 309 -19.97 15.27 33.67
C ASN B 309 -19.00 15.75 32.59
N GLN B 310 -19.55 16.35 31.53
CA GLN B 310 -18.71 16.74 30.39
C GLN B 310 -17.66 17.76 30.82
N ARG B 311 -18.01 18.68 31.73
CA ARG B 311 -17.08 19.71 32.16
C ARG B 311 -15.83 19.12 32.80
N LEU B 312 -15.94 17.94 33.39
CA LEU B 312 -14.82 17.32 34.06
C LEU B 312 -13.98 16.43 33.16
N LEU B 313 -14.31 16.32 31.87
CA LEU B 313 -13.47 15.53 30.97
C LEU B 313 -12.11 16.19 30.78
N SER B 314 -11.06 15.38 30.81
CA SER B 314 -9.72 15.86 30.50
C SER B 314 -9.49 15.70 29.00
N ASP B 315 -8.22 15.75 28.57
CA ASP B 315 -7.89 15.39 27.20
C ASP B 315 -8.18 13.92 26.93
N GLU B 316 -8.25 13.10 27.98
CA GLU B 316 -8.67 11.71 27.86
C GLU B 316 -10.11 11.58 28.36
N TRP B 317 -10.88 10.72 27.69
CA TRP B 317 -12.26 10.45 28.08
C TRP B 317 -12.29 9.09 28.76
N ILE B 318 -12.26 9.10 30.09
CA ILE B 318 -12.30 7.87 30.87
C ILE B 318 -13.75 7.69 31.29
N LEU B 319 -14.52 7.00 30.43
CA LEU B 319 -15.96 6.87 30.60
C LEU B 319 -16.22 5.58 31.38
N VAL B 320 -16.18 5.69 32.72
CA VAL B 320 -16.37 4.55 33.61
C VAL B 320 -17.23 4.96 34.79
N ASN B 321 -17.87 3.96 35.40
CA ASN B 321 -18.69 4.20 36.58
C ASN B 321 -17.80 4.55 37.78
N LYS B 322 -18.45 4.82 38.91
CA LYS B 322 -17.74 5.33 40.09
C LYS B 322 -16.76 4.29 40.63
N ASP B 323 -17.14 3.02 40.63
CA ASP B 323 -16.26 1.99 41.18
C ASP B 323 -14.96 1.92 40.39
N ASP B 324 -15.06 1.90 39.06
CA ASP B 324 -13.86 1.84 38.22
C ASP B 324 -13.03 3.12 38.36
N GLU B 325 -13.69 4.27 38.45
CA GLU B 325 -12.97 5.52 38.66
C GLU B 325 -12.16 5.49 39.95
N THR B 326 -12.78 5.02 41.04
CA THR B 326 -12.07 4.99 42.33
C THR B 326 -10.94 3.97 42.33
N PHE B 327 -11.17 2.79 41.73
CA PHE B 327 -10.14 1.77 41.58
C PHE B 327 -8.94 2.30 40.78
N TYR B 328 -9.22 2.94 39.64
CA TYR B 328 -8.18 3.51 38.80
C TYR B 328 -7.42 4.59 39.55
N ASN B 329 -8.13 5.48 40.24
CA ASN B 329 -7.43 6.55 40.96
C ASN B 329 -6.57 6.01 42.07
N LYS B 330 -7.04 4.97 42.79
CA LYS B 330 -6.22 4.38 43.84
C LYS B 330 -4.91 3.86 43.27
N ILE B 331 -5.00 3.10 42.17
CA ILE B 331 -3.77 2.57 41.58
C ILE B 331 -2.87 3.72 41.11
N GLN B 332 -3.46 4.72 40.44
CA GLN B 332 -2.68 5.82 39.89
C GLN B 332 -1.91 6.56 40.98
N GLU B 333 -2.57 6.81 42.12
CA GLU B 333 -1.92 7.53 43.22
C GLU B 333 -0.90 6.66 43.95
N LYS B 334 -1.11 5.34 43.99
CA LYS B 334 -0.21 4.48 44.75
C LYS B 334 1.14 4.30 44.05
N CYS B 335 1.19 4.40 42.71
CA CYS B 335 2.37 4.04 41.94
C CYS B 335 3.19 5.27 41.59
N LYS B 336 4.42 5.32 42.09
CA LYS B 336 5.32 6.45 41.87
C LYS B 336 6.01 6.41 40.50
N TYR B 337 5.95 5.28 39.79
CA TYR B 337 6.68 5.12 38.53
C TYR B 337 5.74 4.70 37.41
N SER B 338 6.13 5.06 36.19
CA SER B 338 5.55 4.52 34.98
C SER B 338 6.60 3.67 34.27
N LEU B 339 6.11 2.75 33.42
CA LEU B 339 7.03 1.95 32.61
C LEU B 339 7.88 2.83 31.71
N GLU B 340 7.31 3.92 31.20
CA GLU B 340 8.09 4.85 30.39
C GLU B 340 9.25 5.44 31.18
N ASP B 341 9.06 5.66 32.49
CA ASP B 341 10.14 6.18 33.32
C ASP B 341 11.32 5.22 33.34
N ILE B 342 11.05 3.92 33.44
CA ILE B 342 12.09 2.95 33.80
C ILE B 342 12.54 2.08 32.64
N ALA B 343 11.91 2.18 31.47
CA ALA B 343 12.15 1.24 30.39
C ALA B 343 12.41 1.97 29.08
N ILE B 344 13.08 1.26 28.17
CA ILE B 344 13.23 1.65 26.78
C ILE B 344 12.33 0.75 25.93
N SER B 345 11.38 1.36 25.23
CA SER B 345 10.37 0.68 24.43
C SER B 345 10.76 0.73 22.97
N PHE B 346 10.41 -0.31 22.22
CA PHE B 346 10.59 -0.27 20.77
C PHE B 346 9.68 -1.26 20.06
N GLN B 347 9.26 -0.85 18.86
CA GLN B 347 8.49 -1.67 17.94
C GLN B 347 9.41 -2.67 17.22
N GLY B 348 8.82 -3.78 16.79
CA GLY B 348 9.58 -4.82 16.13
C GLY B 348 10.06 -4.43 14.74
N ILE B 349 10.76 -5.37 14.12
CA ILE B 349 11.23 -5.21 12.75
C ILE B 349 10.07 -5.01 11.80
N ILE B 350 10.24 -4.13 10.83
CA ILE B 350 9.32 -4.04 9.69
C ILE B 350 10.14 -4.31 8.44
N THR B 351 10.05 -5.54 7.92
CA THR B 351 10.79 -5.87 6.70
C THR B 351 10.24 -5.15 5.48
N GLY B 352 8.92 -4.94 5.42
CA GLY B 352 8.30 -4.39 4.25
C GLY B 352 7.83 -5.43 3.26
N CYS B 353 8.34 -6.67 3.36
CA CYS B 353 7.78 -7.80 2.62
C CYS B 353 8.19 -9.08 3.36
N ASP B 354 7.33 -9.55 4.26
CA ASP B 354 7.73 -10.64 5.13
C ASP B 354 8.07 -11.91 4.35
N LYS B 355 7.37 -12.16 3.23
CA LYS B 355 7.59 -13.38 2.47
C LYS B 355 9.01 -13.47 1.93
N ALA B 356 9.68 -12.34 1.72
CA ALA B 356 11.01 -12.36 1.13
C ALA B 356 12.10 -12.65 2.14
N PHE B 357 11.84 -12.44 3.44
CA PHE B 357 12.87 -12.53 4.47
C PHE B 357 12.59 -13.56 5.56
N ILE B 358 11.34 -14.02 5.69
CA ILE B 358 10.93 -14.88 6.79
C ILE B 358 10.73 -16.29 6.24
N LEU B 359 11.43 -17.25 6.81
CA LEU B 359 11.37 -18.62 6.33
C LEU B 359 11.01 -19.55 7.48
N SER B 360 10.28 -20.61 7.17
CA SER B 360 10.03 -21.64 8.15
C SER B 360 11.34 -22.26 8.60
N LYS B 361 11.37 -22.69 9.87
CA LYS B 361 12.59 -23.24 10.47
C LYS B 361 13.09 -24.46 9.72
N ASP B 362 12.18 -25.23 9.12
CA ASP B 362 12.54 -26.44 8.40
C ASP B 362 12.64 -26.24 6.89
N ASP B 363 12.50 -25.01 6.41
CA ASP B 363 12.60 -24.73 4.99
C ASP B 363 14.00 -25.06 4.47
N VAL B 364 14.06 -25.66 3.28
CA VAL B 364 15.34 -26.10 2.75
C VAL B 364 16.17 -24.93 2.25
N LYS B 365 15.53 -23.81 1.87
CA LYS B 365 16.26 -22.63 1.42
C LYS B 365 17.16 -22.06 2.52
N LEU B 366 16.88 -22.36 3.79
CA LEU B 366 17.77 -21.93 4.86
C LEU B 366 19.17 -22.54 4.74
N ASN B 367 19.31 -23.66 4.01
CA ASN B 367 20.64 -24.20 3.76
C ASN B 367 21.51 -23.26 2.94
N LEU B 368 20.90 -22.33 2.20
CA LEU B 368 21.67 -21.38 1.40
C LEU B 368 22.16 -20.19 2.20
N VAL B 369 21.73 -20.05 3.45
CA VAL B 369 21.95 -18.83 4.23
C VAL B 369 22.90 -19.15 5.37
N ASP B 370 24.03 -18.44 5.42
CA ASP B 370 24.94 -18.58 6.54
C ASP B 370 24.21 -18.25 7.83
N ASP B 371 24.50 -19.01 8.88
CA ASP B 371 23.79 -18.85 10.14
C ASP B 371 24.01 -17.46 10.75
N LYS B 372 25.10 -16.78 10.40
CA LYS B 372 25.32 -15.45 10.93
C LYS B 372 24.28 -14.44 10.47
N PHE B 373 23.53 -14.75 9.41
CA PHE B 373 22.44 -13.90 8.95
C PHE B 373 21.07 -14.28 9.54
N LEU B 374 20.98 -15.39 10.25
CA LEU B 374 19.69 -15.90 10.70
C LEU B 374 19.41 -15.47 12.13
N LYS B 375 18.20 -14.98 12.37
CA LYS B 375 17.69 -14.64 13.69
C LYS B 375 16.40 -15.40 13.95
N CYS B 376 16.13 -15.72 15.22
CA CYS B 376 14.86 -16.36 15.54
C CYS B 376 13.73 -15.35 15.43
N TRP B 377 12.57 -15.81 14.94
CA TRP B 377 11.44 -14.94 14.60
C TRP B 377 10.17 -15.51 15.23
N ILE B 378 9.46 -14.67 15.99
CA ILE B 378 8.24 -15.07 16.70
C ILE B 378 7.12 -14.13 16.31
N LYS B 379 5.89 -14.64 16.42
CA LYS B 379 4.66 -13.88 16.17
C LYS B 379 3.90 -13.67 17.48
N SER B 380 2.84 -12.85 17.41
CA SER B 380 2.12 -12.48 18.62
C SER B 380 1.58 -13.68 19.37
N LYS B 381 1.22 -14.76 18.66
CA LYS B 381 0.69 -15.94 19.32
C LYS B 381 1.73 -16.71 20.12
N ASN B 382 3.02 -16.44 19.90
CA ASN B 382 4.05 -17.14 20.66
C ASN B 382 4.18 -16.62 22.09
N ILE B 383 3.66 -15.44 22.39
CA ILE B 383 3.84 -14.82 23.70
C ILE B 383 2.79 -15.37 24.65
N ASN B 384 3.23 -15.99 25.74
CA ASN B 384 2.37 -16.31 26.88
C ASN B 384 2.71 -15.35 28.02
N LYS B 385 1.96 -15.48 29.12
CA LYS B 385 2.41 -14.89 30.37
C LYS B 385 3.75 -15.53 30.75
N TYR B 386 4.70 -14.68 31.12
CA TYR B 386 6.02 -14.99 31.69
C TYR B 386 7.07 -15.56 30.73
N ILE B 387 6.68 -16.20 29.62
CA ILE B 387 7.67 -16.84 28.75
C ILE B 387 7.14 -16.92 27.33
N VAL B 388 8.08 -17.08 26.39
CA VAL B 388 7.81 -17.09 24.96
C VAL B 388 7.93 -18.52 24.45
N ASP B 389 6.99 -18.93 23.61
CA ASP B 389 7.07 -20.23 22.96
C ASP B 389 8.29 -20.30 22.04
N LYS B 390 8.73 -21.54 21.80
CA LYS B 390 9.85 -21.81 20.89
C LYS B 390 9.56 -21.24 19.50
N SER B 391 10.56 -20.60 18.90
CA SER B 391 10.36 -19.98 17.59
C SER B 391 10.26 -21.02 16.48
N GLU B 392 9.35 -20.78 15.54
CA GLU B 392 9.16 -21.66 14.40
C GLU B 392 9.66 -21.07 13.08
N TYR B 393 10.11 -19.80 13.10
CA TYR B 393 10.51 -19.08 11.90
C TYR B 393 11.89 -18.46 12.07
N ARG B 394 12.52 -18.16 10.95
CA ARG B 394 13.83 -17.52 10.90
C ARG B 394 13.75 -16.28 10.04
N LEU B 395 14.46 -15.24 10.49
CA LEU B 395 14.58 -13.97 9.78
C LEU B 395 15.96 -13.91 9.16
N ILE B 396 16.01 -13.58 7.87
CA ILE B 396 17.26 -13.27 7.19
C ILE B 396 17.51 -11.78 7.41
N TYR B 397 18.52 -11.46 8.24
CA TYR B 397 18.79 -10.06 8.56
C TYR B 397 19.64 -9.53 7.40
N SER B 398 18.96 -9.21 6.30
CA SER B 398 19.64 -8.92 5.04
C SER B 398 20.45 -7.63 5.08
N ASN B 399 20.26 -6.77 6.08
CA ASN B 399 21.05 -5.55 6.20
C ASN B 399 22.54 -5.87 6.33
N ASP B 400 22.88 -7.03 6.88
CA ASP B 400 24.28 -7.43 7.08
C ASP B 400 24.92 -8.02 5.83
N ILE B 401 24.18 -8.16 4.74
CA ILE B 401 24.77 -8.59 3.47
C ILE B 401 25.50 -7.39 2.87
N ASP B 402 26.83 -7.46 2.86
CA ASP B 402 27.65 -6.29 2.52
C ASP B 402 27.43 -5.86 1.08
N ASN B 403 27.80 -6.71 0.13
CA ASN B 403 27.72 -6.42 -1.29
C ASN B 403 26.68 -7.32 -1.94
N GLU B 404 26.56 -7.23 -3.26
CA GLU B 404 25.64 -8.11 -3.97
C GLU B 404 26.34 -9.37 -4.49
N ASN B 405 27.58 -9.23 -4.99
CA ASN B 405 28.29 -10.40 -5.49
C ASN B 405 28.78 -11.30 -4.36
N THR B 406 28.88 -10.78 -3.14
CA THR B 406 29.36 -11.58 -2.02
C THR B 406 28.41 -12.75 -1.71
N ASN B 407 27.09 -12.50 -1.68
CA ASN B 407 26.10 -13.55 -1.41
C ASN B 407 25.07 -13.57 -2.54
N LYS B 408 25.44 -14.24 -3.63
CA LYS B 408 24.60 -14.25 -4.83
C LYS B 408 23.39 -15.17 -4.68
N ARG B 409 23.58 -16.33 -4.06
CA ARG B 409 22.50 -17.31 -4.01
C ARG B 409 21.32 -16.81 -3.17
N ILE B 410 21.60 -16.19 -2.02
CA ILE B 410 20.53 -15.69 -1.17
C ILE B 410 19.71 -14.65 -1.92
N LEU B 411 20.38 -13.72 -2.59
CA LEU B 411 19.65 -12.66 -3.30
C LEU B 411 18.86 -13.23 -4.46
N ASP B 412 19.44 -14.17 -5.22
CA ASP B 412 18.81 -14.66 -6.43
C ASP B 412 17.65 -15.61 -6.14
N GLU B 413 17.81 -16.49 -5.17
CA GLU B 413 16.88 -17.60 -4.96
C GLU B 413 15.89 -17.38 -3.82
N ILE B 414 16.14 -16.41 -2.94
CA ILE B 414 15.24 -16.22 -1.81
C ILE B 414 14.64 -14.81 -1.83
N ILE B 415 15.48 -13.80 -1.65
CA ILE B 415 14.96 -12.44 -1.53
C ILE B 415 14.49 -11.92 -2.88
N GLY B 416 15.29 -12.14 -3.94
CA GLY B 416 15.00 -11.58 -5.24
C GLY B 416 13.69 -12.04 -5.84
N LEU B 417 13.12 -13.14 -5.33
CA LEU B 417 11.82 -13.58 -5.79
C LEU B 417 10.74 -12.53 -5.59
N TYR B 418 10.98 -11.57 -4.69
CA TYR B 418 10.02 -10.49 -4.47
C TYR B 418 10.63 -9.13 -4.79
N LYS B 419 11.67 -9.10 -5.62
CA LYS B 419 12.42 -7.86 -5.87
C LYS B 419 11.49 -6.73 -6.29
N THR B 420 10.59 -7.00 -7.24
CA THR B 420 9.67 -5.96 -7.68
C THR B 420 8.93 -5.35 -6.50
N LYS B 421 8.31 -6.19 -5.67
CA LYS B 421 7.60 -5.66 -4.51
C LYS B 421 8.56 -4.89 -3.62
N LEU B 422 9.76 -5.44 -3.41
CA LEU B 422 10.75 -4.77 -2.57
C LEU B 422 11.09 -3.40 -3.11
N GLU B 423 11.20 -3.28 -4.44
CA GLU B 423 11.58 -2.01 -5.03
C GLU B 423 10.47 -0.98 -4.96
N ASN B 424 9.25 -1.37 -4.62
CA ASN B 424 8.17 -0.41 -4.52
C ASN B 424 8.09 0.23 -3.14
N ARG B 425 8.99 -0.12 -2.23
CA ARG B 425 8.98 0.45 -0.88
C ARG B 425 9.55 1.86 -0.90
N ARG B 426 9.00 2.71 -0.03
CA ARG B 426 9.30 4.14 -0.11
C ARG B 426 10.80 4.39 -0.07
N GLU B 427 11.48 3.79 0.90
CA GLU B 427 12.92 4.04 1.09
C GLU B 427 13.77 3.43 -0.02
N CYS B 428 13.23 2.48 -0.80
CA CYS B 428 13.97 2.02 -1.97
C CYS B 428 13.80 2.98 -3.14
N LYS B 429 12.58 3.48 -3.33
CA LYS B 429 12.36 4.47 -4.39
C LYS B 429 13.09 5.78 -4.11
N SER B 430 13.27 6.14 -2.85
CA SER B 430 14.06 7.33 -2.52
C SER B 430 15.56 7.10 -2.67
N GLY B 431 16.01 5.84 -2.71
CA GLY B 431 17.40 5.53 -2.94
C GLY B 431 18.25 5.32 -1.70
N ILE B 432 17.67 5.39 -0.50
CA ILE B 432 18.47 5.27 0.72
C ILE B 432 18.48 3.87 1.31
N ARG B 433 17.62 2.97 0.82
CA ARG B 433 17.63 1.57 1.23
C ARG B 433 17.84 0.72 -0.03
N LYS B 434 18.70 -0.29 0.07
CA LYS B 434 18.88 -1.17 -1.07
C LYS B 434 17.66 -2.07 -1.24
N TRP B 435 17.48 -2.57 -2.47
CA TRP B 435 16.27 -3.33 -2.77
C TRP B 435 16.15 -4.55 -1.88
N TYR B 436 17.27 -5.16 -1.47
CA TYR B 436 17.23 -6.38 -0.69
C TYR B 436 17.34 -6.15 0.82
N GLU B 437 17.40 -4.90 1.27
CA GLU B 437 17.54 -4.63 2.69
C GLU B 437 16.18 -4.59 3.37
N LEU B 438 16.18 -4.79 4.68
CA LEU B 438 14.96 -4.62 5.47
C LEU B 438 14.57 -3.15 5.49
N GLN B 439 13.27 -2.89 5.35
CA GLN B 439 12.83 -1.50 5.30
C GLN B 439 13.18 -0.77 6.60
N TRP B 440 12.81 -1.34 7.74
CA TRP B 440 13.15 -0.80 9.05
C TRP B 440 13.74 -1.92 9.89
N GLY B 441 15.05 -2.15 9.71
CA GLY B 441 15.75 -3.21 10.41
C GLY B 441 16.09 -2.91 11.85
N ARG B 442 15.85 -1.70 12.30
CA ARG B 442 15.94 -1.34 13.72
C ARG B 442 17.39 -1.52 14.18
N GLU B 443 17.60 -1.81 15.46
CA GLU B 443 18.93 -2.00 16.03
C GLU B 443 19.02 -3.40 16.60
N LYS B 444 19.92 -4.21 16.03
CA LYS B 444 20.12 -5.57 16.51
C LYS B 444 20.46 -5.63 17.99
N LEU B 445 21.19 -4.64 18.50
CA LEU B 445 21.60 -4.67 19.90
C LEU B 445 20.41 -4.53 20.85
N PHE B 446 19.27 -4.01 20.37
CA PHE B 446 18.08 -3.96 21.19
C PHE B 446 17.38 -5.31 21.28
N PHE B 447 17.38 -6.11 20.22
CA PHE B 447 16.72 -7.41 20.28
C PHE B 447 17.56 -8.47 20.95
N GLU B 448 18.88 -8.38 20.79
CA GLU B 448 19.79 -9.44 21.20
C GLU B 448 20.24 -9.22 22.65
N ARG B 449 19.25 -9.28 23.54
CA ARG B 449 19.47 -9.04 24.96
C ARG B 449 18.22 -9.50 25.70
N LYS B 450 18.37 -9.74 26.99
CA LYS B 450 17.22 -10.08 27.83
C LYS B 450 16.22 -8.93 27.74
N LYS B 451 14.96 -9.26 27.48
CA LYS B 451 14.00 -8.17 27.37
C LYS B 451 12.61 -8.71 27.67
N ILE B 452 11.62 -7.82 27.72
CA ILE B 452 10.22 -8.22 27.88
C ILE B 452 9.52 -7.97 26.55
N MET B 453 8.70 -8.92 26.12
CA MET B 453 7.97 -8.86 24.87
C MET B 453 6.49 -9.07 25.15
N TYR B 454 5.64 -8.40 24.36
CA TYR B 454 4.20 -8.57 24.50
C TYR B 454 3.51 -8.42 23.15
N PRO B 455 2.39 -9.12 22.94
CA PRO B 455 1.69 -9.01 21.66
C PRO B 455 1.02 -7.64 21.52
N TYR B 456 0.93 -7.18 20.28
CA TYR B 456 0.39 -5.84 20.04
C TYR B 456 -1.13 -5.80 20.16
N LYS B 457 -1.80 -6.94 20.07
CA LYS B 457 -3.24 -7.03 20.22
C LYS B 457 -3.52 -8.33 20.97
N SER B 458 -4.38 -8.27 21.99
CA SER B 458 -4.59 -9.45 22.82
C SER B 458 -5.85 -9.29 23.65
N ASN B 459 -6.34 -10.42 24.17
CA ASN B 459 -7.49 -10.41 25.07
C ASN B 459 -7.10 -10.13 26.52
N GLU B 460 -5.81 -10.16 26.85
CA GLU B 460 -5.37 -10.03 28.24
C GLU B 460 -3.90 -9.66 28.26
N ASN B 461 -3.44 -9.25 29.45
CA ASN B 461 -2.02 -8.93 29.65
C ASN B 461 -1.20 -10.20 29.47
N ARG B 462 -0.22 -10.16 28.57
CA ARG B 462 0.72 -11.27 28.35
C ARG B 462 2.10 -10.65 28.14
N PHE B 463 2.87 -10.53 29.21
CA PHE B 463 4.22 -9.97 29.15
C PHE B 463 5.21 -11.08 29.50
N ALA B 464 6.15 -11.35 28.60
CA ALA B 464 7.05 -12.49 28.73
C ALA B 464 8.49 -12.02 28.76
N ILE B 465 9.30 -12.65 29.60
CA ILE B 465 10.74 -12.44 29.57
C ILE B 465 11.31 -13.27 28.43
N ASP B 466 12.00 -12.61 27.51
CA ASP B 466 12.69 -13.26 26.40
C ASP B 466 14.16 -13.40 26.76
N TYR B 467 14.61 -14.66 26.85
CA TYR B 467 16.01 -15.04 27.05
C TYR B 467 16.72 -15.44 25.77
N ASP B 468 16.01 -15.52 24.65
CA ASP B 468 16.52 -16.24 23.47
C ASP B 468 16.85 -15.32 22.30
N ASN B 469 16.98 -14.01 22.55
CA ASN B 469 17.33 -13.05 21.49
C ASN B 469 16.33 -13.11 20.33
N ASN B 470 15.03 -13.18 20.64
CA ASN B 470 14.01 -13.27 19.62
C ASN B 470 13.77 -11.94 18.92
N PHE B 471 13.68 -11.99 17.60
CA PHE B 471 13.20 -10.89 16.77
C PHE B 471 11.73 -11.11 16.44
N SER B 472 11.07 -10.04 16.01
CA SER B 472 9.65 -10.09 15.70
C SER B 472 9.30 -8.93 14.78
N SER B 473 8.12 -9.01 14.18
CA SER B 473 7.56 -7.90 13.41
C SER B 473 6.83 -6.96 14.37
N ALA B 474 6.05 -6.04 13.82
CA ALA B 474 5.37 -5.03 14.62
C ALA B 474 4.14 -5.57 15.33
N ASP B 475 3.87 -6.87 15.25
CA ASP B 475 2.81 -7.49 16.03
C ASP B 475 3.28 -7.85 17.44
N VAL B 476 4.56 -7.61 17.74
CA VAL B 476 5.10 -7.80 19.08
C VAL B 476 5.93 -6.57 19.42
N TYR B 477 5.71 -6.03 20.60
CA TYR B 477 6.53 -4.92 21.08
C TYR B 477 7.50 -5.44 22.15
N SER B 478 8.59 -4.68 22.36
CA SER B 478 9.58 -5.07 23.35
C SER B 478 9.98 -3.88 24.20
N PHE B 479 10.43 -4.17 25.42
CA PHE B 479 11.15 -3.15 26.17
C PHE B 479 12.20 -3.81 27.04
N PHE B 480 13.24 -3.05 27.34
CA PHE B 480 14.20 -3.45 28.37
C PHE B 480 14.31 -2.36 29.40
N ILE B 481 14.81 -2.73 30.57
CA ILE B 481 14.91 -1.80 31.70
C ILE B 481 16.14 -0.92 31.53
N LYS B 482 16.02 0.36 31.86
CA LYS B 482 17.19 1.23 31.80
C LYS B 482 18.23 0.84 32.85
N GLU B 483 19.50 1.10 32.54
CA GLU B 483 20.57 0.74 33.47
C GLU B 483 20.37 1.38 34.83
N GLU B 484 19.97 2.65 34.85
CA GLU B 484 19.82 3.34 36.12
C GLU B 484 18.64 2.83 36.95
N TYR B 485 17.78 1.97 36.40
CA TYR B 485 16.67 1.43 37.18
C TYR B 485 16.82 -0.06 37.48
N LEU B 486 17.96 -0.66 37.14
CA LEU B 486 18.14 -2.09 37.34
C LEU B 486 18.26 -2.45 38.81
N ASP B 487 18.79 -1.56 39.63
CA ASP B 487 18.85 -1.84 41.05
C ASP B 487 17.53 -1.60 41.76
N LYS B 488 16.52 -1.07 41.06
CA LYS B 488 15.18 -0.91 41.63
C LYS B 488 14.15 -1.88 41.06
N PHE B 489 14.27 -2.29 39.80
CA PHE B 489 13.29 -3.20 39.21
C PHE B 489 14.01 -4.29 38.43
N SER B 490 13.55 -5.52 38.59
CA SER B 490 14.01 -6.68 37.84
C SER B 490 12.94 -7.10 36.85
N TYR B 491 13.36 -7.82 35.81
CA TYR B 491 12.40 -8.31 34.82
C TYR B 491 11.38 -9.24 35.44
N GLU B 492 11.82 -10.02 36.43
CA GLU B 492 10.94 -10.99 37.07
C GLU B 492 9.85 -10.31 37.89
N TYR B 493 10.21 -9.28 38.65
CA TYR B 493 9.19 -8.49 39.36
C TYR B 493 8.22 -7.83 38.39
N LEU B 494 8.75 -7.28 37.29
CA LEU B 494 7.89 -6.61 36.32
C LEU B 494 6.88 -7.56 35.70
N VAL B 495 7.32 -8.76 35.29
CA VAL B 495 6.33 -9.66 34.70
C VAL B 495 5.39 -10.20 35.78
N GLY B 496 5.85 -10.26 37.03
CA GLY B 496 4.94 -10.64 38.10
C GLY B 496 3.78 -9.68 38.25
N ILE B 497 4.09 -8.38 38.29
CA ILE B 497 2.97 -7.47 38.51
C ILE B 497 2.18 -7.24 37.22
N LEU B 498 2.85 -7.25 36.06
CA LEU B 498 2.14 -6.95 34.81
C LEU B 498 1.20 -8.07 34.37
N ASN B 499 1.42 -9.30 34.83
CA ASN B 499 0.56 -10.41 34.45
C ASN B 499 -0.51 -10.70 35.49
N SER B 500 -0.62 -9.89 36.55
CA SER B 500 -1.58 -10.15 37.60
C SER B 500 -2.99 -9.74 37.16
N SER B 501 -3.99 -10.37 37.79
CA SER B 501 -5.38 -10.01 37.53
C SER B 501 -5.61 -8.52 37.77
N VAL B 502 -4.96 -7.97 38.80
CA VAL B 502 -5.09 -6.55 39.10
C VAL B 502 -4.68 -5.71 37.90
N TYR B 503 -3.49 -6.00 37.36
CA TYR B 503 -2.97 -5.14 36.31
C TYR B 503 -3.71 -5.34 35.00
N ASP B 504 -4.27 -6.53 34.79
CA ASP B 504 -5.13 -6.74 33.62
C ASP B 504 -6.36 -5.85 33.69
N LYS B 505 -7.06 -5.85 34.83
CA LYS B 505 -8.21 -4.98 34.98
C LYS B 505 -7.82 -3.50 34.86
N TYR B 506 -6.68 -3.15 35.47
CA TYR B 506 -6.22 -1.75 35.48
C TYR B 506 -5.93 -1.27 34.07
N PHE B 507 -5.18 -2.04 33.29
CA PHE B 507 -4.87 -1.64 31.93
C PHE B 507 -6.13 -1.52 31.10
N LYS B 508 -7.05 -2.49 31.24
CA LYS B 508 -8.27 -2.45 30.45
C LYS B 508 -9.20 -1.30 30.83
N ILE B 509 -8.99 -0.65 31.98
CA ILE B 509 -9.77 0.55 32.28
C ILE B 509 -9.67 1.57 31.13
N THR B 510 -8.47 1.77 30.58
CA THR B 510 -8.28 2.79 29.56
C THR B 510 -7.79 2.26 28.22
N ALA B 511 -7.58 0.96 28.08
CA ALA B 511 -7.04 0.42 26.84
C ALA B 511 -8.01 0.65 25.67
N LYS B 512 -7.44 0.68 24.48
CA LYS B 512 -8.18 0.86 23.24
C LYS B 512 -8.78 -0.48 22.83
N LYS B 513 -10.11 -0.60 22.93
CA LYS B 513 -10.79 -1.86 22.59
C LYS B 513 -11.06 -1.89 21.09
N MET B 514 -10.50 -2.89 20.40
CA MET B 514 -10.42 -2.92 18.93
C MET B 514 -11.54 -3.74 18.29
N SER B 515 -11.72 -4.95 18.79
CA SER B 515 -12.69 -5.90 18.28
C SER B 515 -13.03 -6.83 19.43
N LYS B 516 -13.91 -7.79 19.17
CA LYS B 516 -14.36 -8.70 20.22
C LYS B 516 -13.17 -9.40 20.85
N ASN B 517 -13.01 -9.24 22.16
CA ASN B 517 -11.92 -9.84 22.94
C ASN B 517 -10.53 -9.36 22.50
N ILE B 518 -10.41 -8.18 21.88
CA ILE B 518 -9.09 -7.69 21.48
C ILE B 518 -8.94 -6.25 21.92
N TYR B 519 -7.90 -5.98 22.71
CA TYR B 519 -7.41 -4.64 23.00
C TYR B 519 -6.08 -4.41 22.29
N ASP B 520 -5.80 -3.14 21.96
CA ASP B 520 -4.45 -2.80 21.54
C ASP B 520 -3.52 -2.81 22.75
N TYR B 521 -2.38 -3.47 22.64
CA TYR B 521 -1.28 -3.33 23.59
C TYR B 521 -0.14 -2.66 22.84
N TYR B 522 -0.19 -1.34 22.74
CA TYR B 522 0.80 -0.52 22.09
C TYR B 522 1.48 0.36 23.12
N PRO B 523 2.73 0.76 22.86
CA PRO B 523 3.46 1.63 23.80
C PRO B 523 2.71 2.89 24.18
N ASN B 524 1.93 3.48 23.29
CA ASN B 524 1.29 4.75 23.63
C ASN B 524 0.34 4.58 24.82
N LYS B 525 -0.07 3.37 25.12
CA LYS B 525 -0.77 3.11 26.38
C LYS B 525 0.01 2.22 27.33
N VAL B 526 0.71 1.20 26.83
CA VAL B 526 1.42 0.29 27.73
C VAL B 526 2.46 1.03 28.54
N MET B 527 3.19 1.97 27.92
CA MET B 527 4.24 2.66 28.64
C MET B 527 3.71 3.67 29.66
N LYS B 528 2.41 3.94 29.68
CA LYS B 528 1.83 4.76 30.74
C LYS B 528 1.33 3.94 31.91
N ILE B 529 1.35 2.60 31.79
CA ILE B 529 1.06 1.75 32.93
C ILE B 529 1.96 2.16 34.07
N ARG B 530 1.38 2.31 35.27
CA ARG B 530 2.12 2.78 36.42
C ARG B 530 2.53 1.61 37.31
N ILE B 531 3.72 1.74 37.92
CA ILE B 531 4.41 0.68 38.63
C ILE B 531 4.71 1.14 40.06
N PHE B 532 4.74 0.19 41.00
CA PHE B 532 5.01 0.49 42.40
C PHE B 532 6.15 -0.38 42.91
N ARG B 533 6.80 0.11 43.97
N ARG B 533 6.75 0.08 44.01
CA ARG B 533 7.81 -0.65 44.68
CA ARG B 533 7.83 -0.66 44.68
C ARG B 533 7.58 -0.45 46.17
C ARG B 533 7.70 -0.46 46.18
N ASP B 534 7.47 -1.54 46.91
CA ASP B 534 7.23 -1.45 48.36
C ASP B 534 7.75 -2.72 49.02
N ASN B 535 7.31 -2.94 50.27
CA ASN B 535 7.82 -4.03 51.10
C ASN B 535 7.39 -5.41 50.60
N ASN B 536 6.43 -5.51 49.70
CA ASN B 536 6.08 -6.77 49.08
C ASN B 536 6.95 -7.12 47.89
N TYR B 537 7.98 -6.32 47.59
CA TYR B 537 8.76 -6.51 46.37
C TYR B 537 9.38 -7.90 46.32
N GLU B 538 10.09 -8.28 47.40
CA GLU B 538 10.86 -9.52 47.36
C GLU B 538 9.97 -10.73 47.20
N GLU B 539 8.81 -10.75 47.88
CA GLU B 539 7.94 -11.91 47.78
C GLU B 539 7.31 -12.01 46.39
N ILE B 540 6.89 -10.88 45.82
CA ILE B 540 6.34 -10.89 44.46
C ILE B 540 7.38 -11.41 43.49
N GLU B 541 8.63 -10.95 43.64
CA GLU B 541 9.69 -11.40 42.74
C GLU B 541 9.96 -12.89 42.92
N ASN B 542 9.98 -13.37 44.17
CA ASN B 542 10.22 -14.80 44.39
CA ASN B 542 10.23 -14.80 44.39
C ASN B 542 9.13 -15.65 43.76
N LEU B 543 7.87 -15.23 43.90
CA LEU B 543 6.78 -15.98 43.29
C LEU B 543 6.88 -15.99 41.77
N SER B 544 7.22 -14.84 41.18
CA SER B 544 7.42 -14.79 39.74
C SER B 544 8.53 -15.72 39.31
N LYS B 545 9.63 -15.74 40.05
CA LYS B 545 10.74 -16.64 39.74
C LYS B 545 10.31 -18.11 39.84
N GLN B 546 9.53 -18.45 40.87
CA GLN B 546 9.04 -19.81 40.99
C GLN B 546 8.18 -20.20 39.80
N ILE B 547 7.28 -19.30 39.40
CA ILE B 547 6.41 -19.57 38.26
C ILE B 547 7.24 -19.79 37.00
N ILE B 548 8.22 -18.92 36.77
CA ILE B 548 9.08 -19.07 35.60
C ILE B 548 9.82 -20.41 35.64
N SER B 549 10.29 -20.80 36.81
CA SER B 549 11.02 -22.07 36.94
C SER B 549 10.11 -23.25 36.66
N ILE B 550 8.84 -23.17 37.07
CA ILE B 550 7.91 -24.25 36.79
C ILE B 550 7.59 -24.31 35.30
N LEU B 551 7.33 -23.15 34.69
CA LEU B 551 6.93 -23.10 33.29
C LEU B 551 8.05 -23.59 32.38
N LEU B 552 9.30 -23.48 32.81
CA LEU B 552 10.45 -23.93 32.02
C LEU B 552 10.84 -25.37 32.30
N ASN B 553 10.14 -26.05 33.21
CA ASN B 553 10.55 -27.37 33.65
C ASN B 553 10.04 -28.44 32.69
N LYS B 554 10.62 -29.64 32.81
CA LYS B 554 10.27 -30.73 31.91
C LYS B 554 8.79 -31.10 31.99
N SER B 555 8.25 -31.16 33.21
CA SER B 555 6.81 -31.33 33.41
C SER B 555 6.26 -30.07 34.05
N ILE B 556 5.21 -29.50 33.45
CA ILE B 556 4.59 -28.28 33.94
C ILE B 556 3.42 -28.65 34.83
N ASP B 557 3.39 -28.10 36.03
CA ASP B 557 2.30 -28.31 36.99
C ASP B 557 1.44 -27.06 36.99
N LYS B 558 0.37 -27.08 36.19
CA LYS B 558 -0.46 -25.89 36.05
C LYS B 558 -1.15 -25.52 37.36
N GLY B 559 -1.49 -26.52 38.19
CA GLY B 559 -2.13 -26.22 39.46
C GLY B 559 -1.23 -25.47 40.42
N LYS B 560 0.04 -25.87 40.50
CA LYS B 560 0.98 -25.15 41.36
C LYS B 560 1.17 -23.72 40.86
N VAL B 561 1.27 -23.55 39.53
CA VAL B 561 1.40 -22.21 38.97
C VAL B 561 0.19 -21.36 39.35
N GLU B 562 -1.00 -21.94 39.25
CA GLU B 562 -2.21 -21.18 39.55
C GLU B 562 -2.25 -20.76 41.01
N LYS B 563 -1.83 -21.66 41.91
CA LYS B 563 -1.79 -21.31 43.34
C LYS B 563 -0.81 -20.16 43.58
N LEU B 564 0.39 -20.25 42.99
CA LEU B 564 1.36 -19.15 43.14
C LEU B 564 0.82 -17.86 42.56
N GLN B 565 0.11 -17.94 41.43
CA GLN B 565 -0.44 -16.74 40.79
C GLN B 565 -1.49 -16.10 41.68
N ILE B 566 -2.34 -16.91 42.31
CA ILE B 566 -3.35 -16.36 43.20
C ILE B 566 -2.68 -15.67 44.40
N LYS B 567 -1.65 -16.30 44.96
CA LYS B 567 -0.92 -15.68 46.07
C LYS B 567 -0.32 -14.34 45.64
N MET B 568 0.21 -14.27 44.42
CA MET B 568 0.79 -13.03 43.93
C MET B 568 -0.28 -11.97 43.68
N ASP B 569 -1.42 -12.36 43.11
CA ASP B 569 -2.52 -11.41 42.91
C ASP B 569 -2.92 -10.79 44.23
N ASN B 570 -3.02 -11.61 45.28
CA ASN B 570 -3.43 -11.10 46.58
C ASN B 570 -2.37 -10.19 47.17
N LEU B 571 -1.08 -10.51 46.98
CA LEU B 571 -0.03 -9.61 47.44
C LEU B 571 -0.14 -8.25 46.75
N ILE B 572 -0.37 -8.24 45.45
CA ILE B 572 -0.45 -6.98 44.73
C ILE B 572 -1.69 -6.19 45.15
N MET B 573 -2.79 -6.90 45.43
CA MET B 573 -3.97 -6.22 45.96
C MET B 573 -3.68 -5.59 47.32
N ASP B 574 -2.94 -6.29 48.19
CA ASP B 574 -2.54 -5.69 49.46
C ASP B 574 -1.72 -4.43 49.24
N SER B 575 -0.74 -4.50 48.33
CA SER B 575 0.12 -3.36 48.09
C SER B 575 -0.65 -2.16 47.56
N LEU B 576 -1.62 -2.40 46.67
CA LEU B 576 -2.34 -1.28 46.07
C LEU B 576 -3.53 -0.81 46.89
N GLY B 577 -3.88 -1.51 47.96
CA GLY B 577 -5.06 -1.13 48.74
C GLY B 577 -6.36 -1.31 48.01
N ILE B 578 -6.54 -2.43 47.31
CA ILE B 578 -7.75 -2.68 46.52
C ILE B 578 -8.67 -3.66 47.24
N GLN C 7 -13.44 -42.75 -49.83
CA GLN C 7 -14.57 -42.01 -50.38
C GLN C 7 -15.68 -41.83 -49.34
N ASP C 8 -15.55 -42.50 -48.20
CA ASP C 8 -16.54 -42.45 -47.12
C ASP C 8 -15.83 -42.01 -45.85
N ASN C 9 -15.78 -40.68 -45.63
CA ASN C 9 -15.02 -40.11 -44.54
C ASN C 9 -15.62 -40.36 -43.17
N PHE C 10 -16.85 -40.87 -43.09
CA PHE C 10 -17.56 -41.00 -41.82
C PHE C 10 -17.75 -42.46 -41.38
N LEU C 11 -17.08 -43.41 -42.04
CA LEU C 11 -17.32 -44.82 -41.74
C LEU C 11 -16.49 -45.31 -40.56
N LEU C 12 -15.17 -45.15 -40.64
CA LEU C 12 -14.28 -45.60 -39.57
C LEU C 12 -14.57 -44.87 -38.27
N SER C 13 -14.85 -43.57 -38.35
CA SER C 13 -15.16 -42.80 -37.15
C SER C 13 -16.42 -43.32 -36.47
N LYS C 14 -17.46 -43.63 -37.26
CA LYS C 14 -18.69 -44.16 -36.68
C LYS C 14 -18.45 -45.53 -36.04
N GLU C 15 -17.68 -46.39 -36.71
CA GLU C 15 -17.37 -47.70 -36.12
C GLU C 15 -16.62 -47.54 -34.80
N TYR C 16 -15.64 -46.64 -34.76
CA TYR C 16 -14.88 -46.41 -33.52
C TYR C 16 -15.78 -45.87 -32.42
N GLU C 17 -16.66 -44.92 -32.74
CA GLU C 17 -17.55 -44.37 -31.72
C GLU C 17 -18.49 -45.44 -31.18
N ASN C 18 -19.01 -46.29 -32.06
CA ASN C 18 -19.88 -47.37 -31.59
C ASN C 18 -19.12 -48.43 -30.82
N SER C 19 -17.79 -48.46 -30.95
CA SER C 19 -16.98 -49.40 -30.18
C SER C 19 -16.65 -48.91 -28.77
N LEU C 20 -17.12 -47.74 -28.37
CA LEU C 20 -16.81 -47.18 -27.05
C LEU C 20 -18.03 -47.23 -26.16
N ASP C 21 -17.80 -47.55 -24.89
CA ASP C 21 -18.88 -47.59 -23.91
C ASP C 21 -19.29 -46.18 -23.52
N VAL C 22 -20.43 -46.09 -22.83
CA VAL C 22 -21.02 -44.79 -22.51
C VAL C 22 -20.10 -43.98 -21.61
N ASP C 23 -19.53 -44.62 -20.59
CA ASP C 23 -18.77 -43.88 -19.58
C ASP C 23 -17.53 -43.21 -20.18
N THR C 24 -16.82 -43.91 -21.05
CA THR C 24 -15.65 -43.31 -21.70
C THR C 24 -16.03 -42.11 -22.56
N LYS C 25 -17.11 -42.26 -23.34
CA LYS C 25 -17.56 -41.17 -24.19
C LYS C 25 -17.98 -39.95 -23.37
N LYS C 26 -18.68 -40.18 -22.25
CA LYS C 26 -19.05 -39.05 -21.40
C LYS C 26 -17.82 -38.43 -20.75
N ALA C 27 -16.82 -39.26 -20.40
CA ALA C 27 -15.64 -38.75 -19.72
C ALA C 27 -14.77 -37.90 -20.65
N SER C 28 -14.74 -38.21 -21.94
CA SER C 28 -13.92 -37.43 -22.87
C SER C 28 -14.75 -36.68 -23.90
N GLY C 29 -16.07 -36.72 -23.83
CA GLY C 29 -16.89 -36.04 -24.81
C GLY C 29 -16.73 -36.59 -26.22
N ILE C 30 -16.62 -37.91 -26.34
CA ILE C 30 -16.33 -38.55 -27.64
C ILE C 30 -17.67 -38.74 -28.35
N TYR C 31 -18.12 -37.68 -29.01
CA TYR C 31 -19.32 -37.72 -29.85
C TYR C 31 -19.01 -37.01 -31.14
N TYR C 32 -19.16 -37.72 -32.26
CA TYR C 32 -18.78 -37.21 -33.57
C TYR C 32 -19.95 -36.56 -34.28
N THR C 33 -19.64 -35.59 -35.14
CA THR C 33 -20.57 -34.68 -35.79
C THR C 33 -21.16 -35.31 -37.06
N PRO C 34 -22.45 -35.15 -37.27
CA PRO C 34 -23.08 -35.61 -38.52
C PRO C 34 -22.53 -34.85 -39.73
N LYS C 35 -22.62 -35.51 -40.89
CA LYS C 35 -21.99 -34.99 -42.10
C LYS C 35 -22.61 -33.67 -42.57
N ILE C 36 -23.91 -33.51 -42.39
CA ILE C 36 -24.57 -32.28 -42.84
C ILE C 36 -24.05 -31.07 -42.06
N ILE C 37 -23.87 -31.22 -40.75
CA ILE C 37 -23.30 -30.16 -39.93
C ILE C 37 -21.86 -29.88 -40.32
N VAL C 38 -21.08 -30.95 -40.52
CA VAL C 38 -19.67 -30.78 -40.89
C VAL C 38 -19.56 -30.00 -42.18
N ASP C 39 -20.34 -30.40 -43.19
CA ASP C 39 -20.29 -29.73 -44.48
C ASP C 39 -20.66 -28.26 -44.33
N TYR C 40 -21.69 -27.97 -43.53
CA TYR C 40 -22.08 -26.59 -43.34
C TYR C 40 -20.93 -25.77 -42.72
N ILE C 41 -20.31 -26.30 -41.66
CA ILE C 41 -19.28 -25.53 -40.96
C ILE C 41 -18.05 -25.33 -41.85
N VAL C 42 -17.64 -26.38 -42.56
CA VAL C 42 -16.46 -26.29 -43.42
C VAL C 42 -16.70 -25.28 -44.54
N LYS C 43 -17.89 -25.33 -45.17
CA LYS C 43 -18.20 -24.35 -46.21
C LYS C 43 -18.25 -22.95 -45.62
N LYS C 44 -18.84 -22.80 -44.42
CA LYS C 44 -18.93 -21.49 -43.80
C LYS C 44 -17.55 -20.86 -43.61
N THR C 45 -16.59 -21.66 -43.17
CA THR C 45 -15.25 -21.11 -42.97
C THR C 45 -14.51 -20.86 -44.29
N LEU C 46 -14.56 -21.80 -45.23
CA LEU C 46 -13.65 -21.76 -46.37
C LEU C 46 -14.29 -21.24 -47.65
N LYS C 47 -15.49 -20.65 -47.59
CA LYS C 47 -16.20 -20.28 -48.81
C LYS C 47 -15.46 -19.21 -49.60
N ASN C 48 -14.89 -18.22 -48.91
CA ASN C 48 -14.38 -17.03 -49.57
C ASN C 48 -12.86 -16.94 -49.58
N HIS C 49 -12.17 -18.04 -49.28
CA HIS C 49 -10.71 -17.99 -49.25
C HIS C 49 -10.15 -17.81 -50.66
N ASP C 50 -9.21 -16.89 -50.81
CA ASP C 50 -8.49 -16.70 -52.08
C ASP C 50 -7.24 -17.54 -52.01
N ILE C 51 -7.28 -18.72 -52.64
CA ILE C 51 -6.14 -19.62 -52.61
C ILE C 51 -4.96 -19.04 -53.39
N ILE C 52 -5.23 -18.23 -54.41
CA ILE C 52 -4.15 -17.61 -55.18
C ILE C 52 -3.42 -16.59 -54.31
N LYS C 53 -4.15 -15.75 -53.59
CA LYS C 53 -3.52 -14.77 -52.72
C LYS C 53 -2.78 -15.44 -51.58
N ASN C 54 -3.44 -16.36 -50.87
CA ASN C 54 -2.85 -17.06 -49.73
C ASN C 54 -2.93 -18.56 -49.98
N PRO C 55 -1.91 -19.15 -50.59
CA PRO C 55 -1.88 -20.61 -50.78
C PRO C 55 -1.40 -21.40 -49.58
N TYR C 56 -1.22 -20.76 -48.42
CA TYR C 56 -0.72 -21.42 -47.21
C TYR C 56 -1.69 -21.21 -46.08
N PRO C 57 -2.89 -21.80 -46.16
CA PRO C 57 -3.87 -21.60 -45.10
C PRO C 57 -3.73 -22.63 -43.98
N ARG C 58 -3.72 -22.16 -42.74
CA ARG C 58 -3.62 -23.07 -41.58
C ARG C 58 -5.02 -23.31 -41.05
N ILE C 59 -5.54 -24.51 -41.28
CA ILE C 59 -6.88 -24.91 -40.86
C ILE C 59 -6.73 -25.90 -39.72
N LEU C 60 -7.38 -25.61 -38.58
CA LEU C 60 -7.18 -26.36 -37.35
C LEU C 60 -8.48 -26.97 -36.85
N ASP C 61 -8.39 -28.23 -36.41
CA ASP C 61 -9.43 -28.86 -35.61
C ASP C 61 -8.80 -29.20 -34.25
N ILE C 62 -9.09 -28.35 -33.25
CA ILE C 62 -8.43 -28.44 -31.95
C ILE C 62 -8.89 -29.63 -31.12
N SER C 63 -9.96 -30.31 -31.54
CA SER C 63 -10.35 -31.61 -30.98
C SER C 63 -10.92 -32.41 -32.14
N CYS C 64 -10.05 -33.12 -32.86
CA CYS C 64 -10.41 -33.64 -34.17
C CYS C 64 -11.00 -35.04 -34.15
N GLY C 65 -10.75 -35.82 -33.10
CA GLY C 65 -11.20 -37.20 -33.10
C GLY C 65 -10.62 -37.94 -34.29
N CYS C 66 -11.46 -38.69 -34.98
CA CYS C 66 -11.02 -39.41 -36.18
C CYS C 66 -10.98 -38.52 -37.42
N GLY C 67 -11.35 -37.24 -37.30
CA GLY C 67 -11.18 -36.29 -38.38
C GLY C 67 -12.38 -36.09 -39.27
N ASN C 68 -13.58 -36.01 -38.69
CA ASN C 68 -14.77 -35.76 -39.50
C ASN C 68 -14.66 -34.44 -40.24
N PHE C 69 -14.24 -33.38 -39.53
CA PHE C 69 -14.05 -32.10 -40.19
C PHE C 69 -12.82 -32.11 -41.10
N LEU C 70 -11.73 -32.74 -40.65
CA LEU C 70 -10.46 -32.59 -41.34
C LEU C 70 -10.45 -33.31 -42.68
N LEU C 71 -11.13 -34.46 -42.79
CA LEU C 71 -11.21 -35.14 -44.08
C LEU C 71 -11.98 -34.31 -45.10
N GLU C 72 -13.10 -33.72 -44.68
CA GLU C 72 -13.84 -32.83 -45.57
C GLU C 72 -13.01 -31.61 -45.94
N VAL C 73 -12.22 -31.10 -45.00
CA VAL C 73 -11.30 -30.02 -45.30
C VAL C 73 -10.30 -30.45 -46.36
N TYR C 74 -9.80 -31.69 -46.25
CA TYR C 74 -8.85 -32.20 -47.23
C TYR C 74 -9.48 -32.25 -48.62
N ASP C 75 -10.72 -32.75 -48.72
CA ASP C 75 -11.40 -32.81 -50.00
C ASP C 75 -11.60 -31.41 -50.60
N ILE C 76 -12.07 -30.47 -49.77
CA ILE C 76 -12.31 -29.11 -50.25
C ILE C 76 -11.01 -28.48 -50.71
N LEU C 77 -9.92 -28.67 -49.95
CA LEU C 77 -8.64 -28.11 -50.33
C LEU C 77 -8.12 -28.74 -51.63
N TYR C 78 -8.29 -30.04 -51.79
CA TYR C 78 -7.81 -30.70 -53.01
C TYR C 78 -8.51 -30.14 -54.23
N ASP C 79 -9.84 -30.01 -54.15
CA ASP C 79 -10.58 -29.44 -55.27
C ASP C 79 -10.20 -27.99 -55.53
N LEU C 80 -10.00 -27.21 -54.46
CA LEU C 80 -9.64 -25.81 -54.60
C LEU C 80 -8.28 -25.66 -55.28
N PHE C 81 -7.30 -26.48 -54.89
CA PHE C 81 -5.98 -26.43 -55.52
C PHE C 81 -6.04 -26.91 -56.97
N GLU C 82 -6.85 -27.93 -57.25
CA GLU C 82 -6.98 -28.38 -58.64
C GLU C 82 -7.58 -27.30 -59.53
N GLU C 83 -8.60 -26.60 -59.04
CA GLU C 83 -9.26 -25.57 -59.84
C GLU C 83 -8.35 -24.39 -60.17
N ASN C 84 -7.21 -24.24 -59.48
CA ASN C 84 -6.32 -23.11 -59.71
C ASN C 84 -4.87 -23.56 -59.89
N ILE C 85 -4.64 -24.84 -60.21
CA ILE C 85 -3.27 -25.34 -60.37
C ILE C 85 -2.52 -24.59 -61.47
N TYR C 86 -3.19 -24.30 -62.59
CA TYR C 86 -2.49 -23.59 -63.67
C TYR C 86 -2.10 -22.18 -63.25
N GLU C 87 -3.02 -21.47 -62.60
CA GLU C 87 -2.71 -20.13 -62.11
C GLU C 87 -1.65 -20.17 -61.02
N LEU C 88 -1.59 -21.24 -60.24
CA LEU C 88 -0.54 -21.37 -59.22
C LEU C 88 0.82 -21.63 -59.87
N LYS C 89 0.84 -22.44 -60.93
CA LYS C 89 2.08 -22.68 -61.66
C LYS C 89 2.56 -21.42 -62.36
N LYS C 90 1.63 -20.56 -62.78
CA LYS C 90 1.99 -19.29 -63.39
C LYS C 90 2.23 -18.16 -62.38
N LYS C 91 1.84 -18.35 -61.12
CA LYS C 91 1.90 -17.27 -60.14
C LYS C 91 3.29 -17.13 -59.53
N TYR C 92 3.77 -18.17 -58.85
CA TYR C 92 5.06 -18.12 -58.19
C TYR C 92 6.06 -19.06 -58.82
N ASP C 93 5.76 -20.36 -58.88
CA ASP C 93 6.71 -21.37 -59.32
C ASP C 93 6.01 -22.33 -60.26
N GLU C 94 6.62 -22.57 -61.43
CA GLU C 94 6.07 -23.56 -62.35
C GLU C 94 6.33 -24.98 -61.86
N ASN C 95 7.53 -25.23 -61.33
CA ASN C 95 7.90 -26.58 -60.93
C ASN C 95 7.25 -26.99 -59.61
N TYR C 96 7.12 -26.06 -58.67
CA TYR C 96 6.62 -26.41 -57.33
C TYR C 96 5.15 -26.79 -57.37
N TRP C 97 4.34 -26.03 -58.11
CA TRP C 97 2.88 -26.21 -58.11
C TRP C 97 2.52 -27.19 -59.22
N THR C 98 2.35 -28.46 -58.86
CA THR C 98 1.92 -29.50 -59.77
C THR C 98 0.81 -30.31 -59.12
N VAL C 99 0.10 -31.09 -59.94
CA VAL C 99 -0.98 -31.91 -59.42
C VAL C 99 -0.45 -32.98 -58.47
N ASP C 100 0.74 -33.53 -58.78
CA ASP C 100 1.30 -34.59 -57.95
C ASP C 100 1.61 -34.11 -56.54
N ASN C 101 2.16 -32.90 -56.41
CA ASN C 101 2.58 -32.41 -55.10
C ASN C 101 1.39 -32.04 -54.21
N ILE C 102 0.20 -31.87 -54.79
CA ILE C 102 -0.92 -31.30 -54.06
C ILE C 102 -1.19 -32.07 -52.77
N HIS C 103 -1.28 -33.40 -52.88
CA HIS C 103 -1.57 -34.23 -51.72
C HIS C 103 -0.56 -34.00 -50.61
N ARG C 104 0.72 -33.88 -50.96
CA ARG C 104 1.73 -33.58 -49.95
C ARG C 104 1.52 -32.19 -49.37
N HIS C 105 1.26 -31.21 -50.25
CA HIS C 105 1.17 -29.81 -49.81
C HIS C 105 0.11 -29.65 -48.72
N ILE C 106 -1.09 -30.18 -48.97
CA ILE C 106 -2.17 -30.08 -47.99
C ILE C 106 -1.74 -30.68 -46.66
N LEU C 107 -1.05 -31.83 -46.70
CA LEU C 107 -0.71 -32.49 -45.45
C LEU C 107 0.41 -31.75 -44.73
N ASN C 108 1.21 -30.95 -45.43
CA ASN C 108 2.39 -30.33 -44.84
C ASN C 108 2.14 -28.94 -44.30
N TYR C 109 1.37 -28.11 -45.03
CA TYR C 109 1.21 -26.71 -44.67
C TYR C 109 -0.19 -26.33 -44.23
N CYS C 110 -1.21 -27.15 -44.51
CA CYS C 110 -2.60 -26.73 -44.39
C CYS C 110 -3.33 -27.31 -43.18
N ILE C 111 -3.31 -28.63 -43.02
CA ILE C 111 -4.17 -29.30 -42.05
C ILE C 111 -3.45 -29.41 -40.71
N TYR C 112 -4.13 -29.03 -39.63
CA TYR C 112 -3.63 -29.18 -38.26
C TYR C 112 -4.75 -29.74 -37.40
N GLY C 113 -4.45 -30.76 -36.62
CA GLY C 113 -5.45 -31.36 -35.74
C GLY C 113 -4.81 -31.75 -34.42
N ALA C 114 -5.62 -31.70 -33.37
CA ALA C 114 -5.14 -32.08 -32.05
C ALA C 114 -6.23 -32.85 -31.31
N ASP C 115 -5.84 -33.90 -30.59
CA ASP C 115 -6.81 -34.65 -29.81
C ASP C 115 -6.08 -35.46 -28.74
N ILE C 116 -6.73 -35.61 -27.57
CA ILE C 116 -6.16 -36.40 -26.49
C ILE C 116 -6.27 -37.90 -26.72
N ASP C 117 -7.11 -38.34 -27.66
CA ASP C 117 -7.32 -39.75 -27.91
C ASP C 117 -6.27 -40.24 -28.91
N GLU C 118 -5.33 -41.07 -28.43
CA GLU C 118 -4.28 -41.59 -29.30
C GLU C 118 -4.85 -42.48 -30.40
N LYS C 119 -5.83 -43.33 -30.06
CA LYS C 119 -6.39 -44.23 -31.06
C LYS C 119 -7.08 -43.46 -32.19
N ALA C 120 -7.89 -42.45 -31.83
CA ALA C 120 -8.55 -41.66 -32.85
C ALA C 120 -7.55 -40.88 -33.70
N ILE C 121 -6.50 -40.35 -33.07
CA ILE C 121 -5.47 -39.64 -33.83
C ILE C 121 -4.78 -40.58 -34.80
N SER C 122 -4.51 -41.82 -34.36
CA SER C 122 -3.92 -42.82 -35.26
C SER C 122 -4.84 -43.14 -36.42
N ILE C 123 -6.14 -43.29 -36.15
CA ILE C 123 -7.11 -43.56 -37.20
C ILE C 123 -7.11 -42.41 -38.21
N LEU C 124 -7.09 -41.17 -37.71
CA LEU C 124 -7.07 -40.02 -38.61
C LEU C 124 -5.79 -39.99 -39.45
N LYS C 125 -4.65 -40.33 -38.84
CA LYS C 125 -3.40 -40.37 -39.59
C LYS C 125 -3.48 -41.38 -40.73
N ASP C 126 -4.02 -42.58 -40.44
CA ASP C 126 -4.19 -43.58 -41.48
C ASP C 126 -5.16 -43.12 -42.55
N SER C 127 -6.26 -42.48 -42.15
CA SER C 127 -7.24 -42.00 -43.13
C SER C 127 -6.61 -40.95 -44.05
N LEU C 128 -5.85 -40.02 -43.49
CA LEU C 128 -5.20 -38.99 -44.30
C LEU C 128 -4.16 -39.60 -45.23
N THR C 129 -3.37 -40.56 -44.75
CA THR C 129 -2.35 -41.15 -45.61
C THR C 129 -2.98 -42.01 -46.71
N ASN C 130 -4.15 -42.59 -46.46
CA ASN C 130 -4.81 -43.42 -47.46
C ASN C 130 -6.02 -42.72 -48.08
N ASP C 141 8.14 -40.02 -46.74
CA ASP C 141 7.00 -39.71 -45.89
C ASP C 141 6.81 -38.20 -45.76
N ILE C 142 5.64 -37.79 -45.28
CA ILE C 142 5.29 -36.38 -45.14
C ILE C 142 4.94 -36.12 -43.68
N LYS C 143 5.13 -34.86 -43.26
CA LYS C 143 4.82 -34.43 -41.91
C LYS C 143 3.37 -33.95 -41.87
N ILE C 144 2.53 -34.66 -41.12
CA ILE C 144 1.09 -34.41 -41.17
C ILE C 144 0.65 -33.22 -40.33
N ASN C 145 1.46 -32.81 -39.34
CA ASN C 145 1.09 -31.75 -38.39
C ASN C 145 -0.14 -32.16 -37.59
N LEU C 146 0.00 -33.27 -36.88
CA LEU C 146 -1.07 -33.85 -36.07
C LEU C 146 -0.55 -34.03 -34.65
N PHE C 147 -1.35 -33.64 -33.66
CA PHE C 147 -0.90 -33.57 -32.28
C PHE C 147 -1.80 -34.37 -31.35
N CYS C 148 -1.18 -35.12 -30.44
CA CYS C 148 -1.87 -35.81 -29.37
C CYS C 148 -1.47 -35.14 -28.06
N CYS C 149 -2.40 -34.38 -27.48
CA CYS C 149 -2.13 -33.58 -26.30
C CYS C 149 -3.44 -33.00 -25.78
N ASP C 150 -3.40 -32.50 -24.55
CA ASP C 150 -4.48 -31.67 -24.03
C ASP C 150 -4.42 -30.32 -24.72
N SER C 151 -5.39 -30.04 -25.59
CA SER C 151 -5.39 -28.79 -26.34
C SER C 151 -5.47 -27.56 -25.43
N LEU C 152 -6.01 -27.71 -24.23
CA LEU C 152 -6.09 -26.60 -23.30
C LEU C 152 -4.80 -26.39 -22.51
N LYS C 153 -3.81 -27.27 -22.67
CA LYS C 153 -2.51 -27.09 -22.06
C LYS C 153 -1.37 -26.86 -23.04
N LYS C 154 -1.54 -27.26 -24.30
CA LYS C 154 -0.46 -27.13 -25.28
C LYS C 154 -0.13 -25.67 -25.56
N LYS C 155 1.15 -25.36 -25.65
CA LYS C 155 1.61 -24.03 -26.02
C LYS C 155 1.63 -23.93 -27.54
N TRP C 156 0.75 -23.11 -28.08
CA TRP C 156 0.63 -22.95 -29.53
C TRP C 156 1.59 -21.87 -29.99
N ARG C 157 2.51 -22.24 -30.89
CA ARG C 157 3.56 -21.33 -31.33
C ARG C 157 3.16 -20.45 -32.50
N TYR C 158 1.98 -20.67 -33.08
CA TYR C 158 1.49 -19.83 -34.16
C TYR C 158 -0.03 -19.93 -34.19
N LYS C 159 -0.65 -18.97 -34.88
CA LYS C 159 -2.10 -18.91 -34.99
C LYS C 159 -2.54 -19.54 -36.31
N PHE C 160 -3.86 -19.59 -36.52
CA PHE C 160 -4.44 -20.32 -37.63
C PHE C 160 -5.44 -19.45 -38.38
N ASP C 161 -5.46 -19.60 -39.72
CA ASP C 161 -6.39 -18.84 -40.54
C ASP C 161 -7.83 -19.26 -40.30
N TYR C 162 -8.08 -20.56 -40.12
CA TYR C 162 -9.43 -21.08 -39.93
C TYR C 162 -9.45 -22.13 -38.84
N ILE C 163 -10.53 -22.14 -38.06
CA ILE C 163 -10.70 -23.11 -36.99
C ILE C 163 -12.13 -23.64 -37.07
N VAL C 164 -12.26 -24.97 -37.09
CA VAL C 164 -13.55 -25.65 -37.14
C VAL C 164 -13.54 -26.77 -36.11
N GLY C 165 -14.71 -27.18 -35.67
CA GLY C 165 -14.82 -28.41 -34.92
C GLY C 165 -16.03 -28.44 -33.99
N ASN C 166 -16.02 -29.48 -33.16
CA ASN C 166 -17.09 -29.76 -32.21
C ASN C 166 -16.44 -30.15 -30.89
N PRO C 167 -16.16 -29.17 -30.03
CA PRO C 167 -15.38 -29.44 -28.81
C PRO C 167 -16.16 -30.32 -27.84
N PRO C 168 -15.47 -30.98 -26.91
CA PRO C 168 -16.20 -31.82 -25.94
C PRO C 168 -17.03 -30.98 -24.98
N TYR C 169 -18.22 -31.46 -24.66
CA TYR C 169 -19.09 -30.85 -23.65
C TYR C 169 -19.04 -31.70 -22.39
N ILE C 170 -18.52 -31.13 -21.30
CA ILE C 170 -18.45 -31.86 -20.04
C ILE C 170 -18.82 -30.91 -18.91
N GLY C 171 -19.90 -31.20 -18.21
CA GLY C 171 -20.40 -30.35 -17.15
C GLY C 171 -19.68 -30.57 -15.84
N HIS C 172 -20.16 -29.86 -14.82
CA HIS C 172 -19.47 -29.74 -13.54
C HIS C 172 -19.47 -31.02 -12.72
N LYS C 173 -20.42 -31.93 -12.96
CA LYS C 173 -20.46 -33.20 -12.25
C LYS C 173 -19.62 -34.28 -12.91
N LYS C 174 -19.18 -34.07 -14.14
CA LYS C 174 -18.49 -35.11 -14.89
C LYS C 174 -16.99 -34.85 -15.05
N LEU C 175 -16.53 -33.63 -14.81
CA LEU C 175 -15.10 -33.34 -14.80
C LEU C 175 -14.47 -33.79 -13.50
N GLU C 176 -13.18 -34.12 -13.57
CA GLU C 176 -12.40 -34.42 -12.38
C GLU C 176 -12.07 -33.13 -11.62
N LYS C 177 -12.05 -33.22 -10.29
CA LYS C 177 -11.92 -32.02 -9.47
C LYS C 177 -10.56 -31.34 -9.65
N LYS C 178 -9.48 -32.13 -9.80
CA LYS C 178 -8.17 -31.52 -10.01
C LYS C 178 -8.09 -30.82 -11.36
N TYR C 179 -8.68 -31.42 -12.40
CA TYR C 179 -8.74 -30.76 -13.69
C TYR C 179 -9.56 -29.48 -13.60
N LYS C 180 -10.64 -29.50 -12.81
CA LYS C 180 -11.40 -28.28 -12.61
C LYS C 180 -10.60 -27.21 -11.87
N LYS C 181 -9.74 -27.62 -10.93
CA LYS C 181 -8.87 -26.64 -10.28
C LYS C 181 -7.96 -25.97 -11.30
N PHE C 182 -7.40 -26.77 -12.20
CA PHE C 182 -6.59 -26.19 -13.30
C PHE C 182 -7.43 -25.26 -14.17
N LEU C 183 -8.66 -25.66 -14.51
CA LEU C 183 -9.51 -24.83 -15.37
C LEU C 183 -9.86 -23.50 -14.69
N LEU C 184 -10.17 -23.55 -13.39
CA LEU C 184 -10.48 -22.33 -12.66
C LEU C 184 -9.27 -21.41 -12.58
N GLU C 185 -8.08 -21.98 -12.39
CA GLU C 185 -6.88 -21.14 -12.33
C GLU C 185 -6.56 -20.51 -13.67
N LYS C 186 -6.57 -21.30 -14.74
CA LYS C 186 -6.08 -20.84 -16.04
C LYS C 186 -7.16 -20.16 -16.88
N TYR C 187 -8.40 -20.65 -16.84
CA TYR C 187 -9.46 -20.20 -17.74
C TYR C 187 -10.53 -19.40 -17.00
N SER C 188 -10.13 -18.66 -15.97
CA SER C 188 -11.08 -17.94 -15.13
C SER C 188 -11.88 -16.90 -15.90
N GLU C 189 -11.40 -16.47 -17.06
CA GLU C 189 -12.12 -15.46 -17.84
C GLU C 189 -13.44 -15.99 -18.38
N VAL C 190 -13.55 -17.30 -18.61
CA VAL C 190 -14.81 -17.89 -19.08
C VAL C 190 -15.29 -19.05 -18.21
N TYR C 191 -14.44 -19.70 -17.42
CA TYR C 191 -14.81 -20.88 -16.67
C TYR C 191 -14.83 -20.56 -15.18
N LYS C 192 -15.96 -20.86 -14.54
CA LYS C 192 -16.21 -20.47 -13.16
C LYS C 192 -17.50 -21.14 -12.71
N ASP C 193 -17.53 -21.58 -11.45
CA ASP C 193 -18.72 -22.14 -10.80
C ASP C 193 -19.23 -23.32 -11.62
N LYS C 194 -20.47 -23.30 -12.13
CA LYS C 194 -21.05 -24.44 -12.82
C LYS C 194 -20.88 -24.36 -14.34
N ALA C 195 -19.85 -23.68 -14.82
CA ALA C 195 -19.58 -23.59 -16.24
C ALA C 195 -19.24 -24.96 -16.82
N ASP C 196 -19.03 -24.98 -18.14
CA ASP C 196 -18.77 -26.20 -18.90
C ASP C 196 -17.43 -26.10 -19.62
N LEU C 197 -16.87 -27.27 -19.95
CA LEU C 197 -15.56 -27.34 -20.60
C LEU C 197 -15.55 -26.65 -21.97
N TYR C 198 -16.65 -26.71 -22.70
CA TYR C 198 -16.63 -26.10 -24.03
C TYR C 198 -16.51 -24.58 -23.94
N PHE C 199 -16.76 -23.98 -22.78
CA PHE C 199 -16.43 -22.57 -22.59
C PHE C 199 -14.94 -22.33 -22.78
N CYS C 200 -14.12 -23.18 -22.16
CA CYS C 200 -12.67 -23.07 -22.28
C CYS C 200 -12.22 -23.33 -23.71
N PHE C 201 -12.86 -24.30 -24.38
CA PHE C 201 -12.50 -24.53 -25.78
C PHE C 201 -12.83 -23.33 -26.66
N TYR C 202 -13.98 -22.69 -26.43
CA TYR C 202 -14.29 -21.43 -27.10
C TYR C 202 -13.19 -20.40 -26.89
N LYS C 203 -12.77 -20.22 -25.63
CA LYS C 203 -11.75 -19.22 -25.35
C LYS C 203 -10.43 -19.54 -26.06
N LYS C 204 -10.03 -20.81 -26.04
CA LYS C 204 -8.77 -21.19 -26.67
C LYS C 204 -8.84 -21.00 -28.19
N ILE C 205 -9.96 -21.38 -28.80
CA ILE C 205 -10.14 -21.18 -30.23
C ILE C 205 -10.03 -19.70 -30.57
N ILE C 206 -10.71 -18.85 -29.80
CA ILE C 206 -10.67 -17.42 -30.07
C ILE C 206 -9.25 -16.88 -29.94
N ASP C 207 -8.52 -17.30 -28.90
CA ASP C 207 -7.20 -16.75 -28.65
C ASP C 207 -6.21 -17.07 -29.78
N ILE C 208 -6.23 -18.30 -30.28
CA ILE C 208 -5.20 -18.71 -31.25
C ILE C 208 -5.69 -18.52 -32.67
N LEU C 209 -6.79 -17.79 -32.83
CA LEU C 209 -7.28 -17.46 -34.16
C LEU C 209 -6.49 -16.28 -34.71
N LYS C 210 -5.93 -16.45 -35.91
CA LYS C 210 -5.16 -15.40 -36.54
C LYS C 210 -6.05 -14.22 -36.89
N GLN C 211 -5.47 -13.02 -36.86
CA GLN C 211 -6.20 -11.82 -37.22
C GLN C 211 -6.68 -11.93 -38.66
N GLY C 212 -7.95 -11.57 -38.88
CA GLY C 212 -8.58 -11.75 -40.17
C GLY C 212 -9.12 -13.14 -40.43
N GLY C 213 -8.90 -14.09 -39.51
CA GLY C 213 -9.35 -15.44 -39.72
C GLY C 213 -10.80 -15.65 -39.34
N ILE C 214 -11.29 -16.85 -39.65
CA ILE C 214 -12.70 -17.22 -39.43
C ILE C 214 -12.73 -18.51 -38.64
N GLY C 215 -13.59 -18.55 -37.62
CA GLY C 215 -13.83 -19.77 -36.87
C GLY C 215 -15.31 -20.12 -36.89
N SER C 216 -15.61 -21.40 -36.76
CA SER C 216 -17.00 -21.86 -36.78
C SER C 216 -17.07 -23.17 -36.01
N VAL C 217 -17.93 -23.21 -34.98
CA VAL C 217 -18.07 -24.40 -34.15
C VAL C 217 -19.53 -24.71 -33.91
N ILE C 218 -19.80 -25.98 -33.56
CA ILE C 218 -21.09 -26.39 -33.04
C ILE C 218 -20.90 -26.77 -31.58
N THR C 219 -21.73 -26.19 -30.72
CA THR C 219 -21.63 -26.39 -29.27
C THR C 219 -23.04 -26.52 -28.73
N PRO C 220 -23.24 -26.78 -27.44
CA PRO C 220 -24.58 -26.67 -26.87
C PRO C 220 -25.07 -25.25 -27.00
N ARG C 221 -26.38 -25.10 -27.12
CA ARG C 221 -26.98 -23.78 -27.19
C ARG C 221 -27.07 -23.08 -25.83
N TYR C 222 -26.81 -23.79 -24.74
CA TYR C 222 -27.25 -23.30 -23.43
C TYR C 222 -26.52 -22.03 -23.00
N PHE C 223 -25.25 -21.85 -23.39
CA PHE C 223 -24.53 -20.65 -22.96
C PHE C 223 -25.15 -19.36 -23.50
N LEU C 224 -26.03 -19.46 -24.51
CA LEU C 224 -26.67 -18.26 -25.05
C LEU C 224 -27.55 -17.57 -24.01
N GLU C 225 -28.10 -18.33 -23.07
CA GLU C 225 -29.02 -17.80 -22.07
C GLU C 225 -28.60 -18.07 -20.64
N SER C 226 -27.75 -19.08 -20.40
CA SER C 226 -27.54 -19.58 -19.07
C SER C 226 -26.77 -18.58 -18.21
N LEU C 227 -27.01 -18.66 -16.90
CA LEU C 227 -26.29 -17.81 -15.96
C LEU C 227 -24.79 -18.09 -16.01
N SER C 228 -24.41 -19.35 -16.23
CA SER C 228 -23.00 -19.71 -16.28
C SER C 228 -22.29 -19.09 -17.47
N GLY C 229 -23.00 -18.90 -18.58
CA GLY C 229 -22.39 -18.43 -19.80
C GLY C 229 -22.12 -16.96 -19.87
N LYS C 230 -22.51 -16.21 -18.84
CA LYS C 230 -22.37 -14.76 -18.86
C LYS C 230 -20.97 -14.34 -19.32
N ASP C 231 -19.95 -14.71 -18.54
CA ASP C 231 -18.59 -14.32 -18.89
C ASP C 231 -18.23 -14.77 -20.30
N LEU C 232 -18.59 -16.00 -20.66
CA LEU C 232 -18.26 -16.50 -22.00
C LEU C 232 -18.84 -15.57 -23.05
N ARG C 233 -20.13 -15.22 -22.91
CA ARG C 233 -20.76 -14.33 -23.87
C ARG C 233 -19.95 -13.05 -23.99
N GLU C 234 -19.60 -12.46 -22.84
CA GLU C 234 -18.82 -11.23 -22.86
C GLU C 234 -17.54 -11.44 -23.66
N TYR C 235 -16.81 -12.52 -23.35
CA TYR C 235 -15.54 -12.77 -24.03
C TYR C 235 -15.77 -12.81 -25.53
N ILE C 236 -16.80 -13.56 -25.96
CA ILE C 236 -17.04 -13.68 -27.39
C ILE C 236 -17.30 -12.31 -27.99
N LYS C 237 -18.23 -11.56 -27.39
CA LYS C 237 -18.58 -10.30 -28.03
C LYS C 237 -17.46 -9.28 -27.91
N SER C 238 -16.48 -9.52 -27.04
CA SER C 238 -15.39 -8.57 -26.92
C SER C 238 -14.22 -8.90 -27.83
N ASN C 239 -14.15 -10.12 -28.38
CA ASN C 239 -12.92 -10.50 -29.06
C ASN C 239 -13.09 -10.89 -30.51
N VAL C 240 -14.30 -11.25 -30.95
CA VAL C 240 -14.53 -11.61 -32.34
C VAL C 240 -15.78 -10.88 -32.83
N ASN C 241 -15.91 -10.82 -34.14
CA ASN C 241 -17.14 -10.38 -34.77
C ASN C 241 -18.00 -11.61 -35.02
N VAL C 242 -19.16 -11.67 -34.37
CA VAL C 242 -20.06 -12.80 -34.55
C VAL C 242 -20.78 -12.62 -35.88
N GLN C 243 -20.54 -13.54 -36.83
CA GLN C 243 -21.18 -13.46 -38.13
C GLN C 243 -22.57 -14.09 -38.09
N GLU C 244 -22.71 -15.25 -37.47
CA GLU C 244 -23.96 -15.99 -37.62
C GLU C 244 -24.17 -16.93 -36.44
N ILE C 245 -25.44 -17.05 -36.03
CA ILE C 245 -25.87 -17.99 -35.01
C ILE C 245 -27.00 -18.82 -35.61
N VAL C 246 -26.83 -20.13 -35.62
CA VAL C 246 -27.90 -21.05 -35.98
C VAL C 246 -28.31 -21.76 -34.70
N ASP C 247 -29.52 -21.46 -34.24
CA ASP C 247 -30.04 -21.97 -32.97
C ASP C 247 -31.07 -23.03 -33.30
N PHE C 248 -30.73 -24.29 -33.01
CA PHE C 248 -31.61 -25.42 -33.28
C PHE C 248 -32.64 -25.64 -32.19
N LEU C 249 -32.62 -24.84 -31.12
CA LEU C 249 -33.59 -24.91 -30.04
C LEU C 249 -33.57 -26.34 -29.50
N GLY C 250 -34.72 -26.92 -29.18
CA GLY C 250 -34.76 -28.23 -28.57
C GLY C 250 -34.63 -29.38 -29.53
N ALA C 251 -34.39 -29.11 -30.81
CA ALA C 251 -34.31 -30.17 -31.80
C ALA C 251 -33.14 -31.08 -31.50
N ASN C 252 -33.23 -32.31 -32.01
CA ASN C 252 -32.24 -33.36 -31.77
C ASN C 252 -31.34 -33.45 -33.00
N ILE C 253 -30.17 -32.80 -32.92
CA ILE C 253 -29.24 -32.82 -34.04
C ILE C 253 -28.30 -34.02 -33.97
N PHE C 254 -27.99 -34.51 -32.78
CA PHE C 254 -27.12 -35.68 -32.61
C PHE C 254 -27.99 -36.87 -32.24
N LYS C 255 -27.96 -37.92 -33.06
CA LYS C 255 -28.80 -39.09 -32.83
C LYS C 255 -28.48 -39.72 -31.48
N ASN C 256 -29.52 -39.96 -30.69
CA ASN C 256 -29.45 -40.64 -29.39
C ASN C 256 -28.62 -39.86 -28.36
N ILE C 257 -28.42 -38.55 -28.57
CA ILE C 257 -27.70 -37.70 -27.63
C ILE C 257 -28.65 -36.65 -27.10
N GLY C 258 -28.78 -36.57 -25.78
CA GLY C 258 -29.70 -35.64 -25.16
C GLY C 258 -29.12 -34.26 -24.95
N VAL C 259 -28.81 -33.57 -26.04
CA VAL C 259 -28.27 -32.22 -26.00
C VAL C 259 -28.96 -31.38 -27.06
N SER C 260 -28.98 -30.07 -26.84
CA SER C 260 -29.51 -29.12 -27.81
C SER C 260 -28.37 -28.21 -28.29
N SER C 261 -28.36 -27.93 -29.58
CA SER C 261 -27.17 -27.49 -30.28
C SER C 261 -27.34 -26.09 -30.87
N CYS C 262 -26.20 -25.45 -31.10
CA CYS C 262 -26.17 -24.25 -31.93
C CYS C 262 -24.83 -24.19 -32.64
N ILE C 263 -24.85 -23.52 -33.79
CA ILE C 263 -23.67 -23.33 -34.62
C ILE C 263 -23.34 -21.85 -34.62
N LEU C 264 -22.12 -21.53 -34.21
CA LEU C 264 -21.65 -20.16 -34.10
C LEU C 264 -20.51 -19.96 -35.07
N THR C 265 -20.62 -18.94 -35.92
CA THR C 265 -19.59 -18.59 -36.89
C THR C 265 -19.18 -17.15 -36.68
N PHE C 266 -17.86 -16.93 -36.57
CA PHE C 266 -17.31 -15.64 -36.17
C PHE C 266 -15.98 -15.43 -36.87
N ASP C 267 -15.45 -14.21 -36.74
CA ASP C 267 -14.20 -13.86 -37.40
C ASP C 267 -13.52 -12.73 -36.66
N LYS C 268 -12.25 -12.51 -36.99
CA LYS C 268 -11.47 -11.39 -36.49
C LYS C 268 -11.13 -10.41 -37.61
N LYS C 269 -11.98 -10.32 -38.63
CA LYS C 269 -11.77 -9.38 -39.71
C LYS C 269 -12.05 -7.96 -39.23
N LYS C 270 -11.78 -6.98 -40.09
CA LYS C 270 -12.05 -5.58 -39.77
C LYS C 270 -13.54 -5.39 -39.51
N THR C 271 -13.87 -4.92 -38.31
CA THR C 271 -15.27 -4.80 -37.91
C THR C 271 -15.99 -3.80 -38.80
N LYS C 272 -17.19 -4.17 -39.24
CA LYS C 272 -18.01 -3.30 -40.07
C LYS C 272 -19.42 -3.17 -39.49
N GLU C 273 -20.32 -2.51 -40.22
CA GLU C 273 -21.69 -2.33 -39.79
C GLU C 273 -22.56 -3.57 -40.03
N THR C 274 -21.96 -4.72 -40.30
CA THR C 274 -22.71 -5.93 -40.55
C THR C 274 -23.39 -6.43 -39.28
N TYR C 275 -24.64 -6.86 -39.41
CA TYR C 275 -25.36 -7.45 -38.30
C TYR C 275 -25.05 -8.94 -38.16
N ILE C 276 -25.34 -9.47 -36.99
CA ILE C 276 -25.37 -10.92 -36.77
C ILE C 276 -26.62 -11.49 -37.43
N ASP C 277 -26.43 -12.47 -38.30
CA ASP C 277 -27.54 -13.23 -38.87
C ASP C 277 -27.92 -14.34 -37.92
N VAL C 278 -29.16 -14.33 -37.43
CA VAL C 278 -29.64 -15.30 -36.46
C VAL C 278 -30.70 -16.15 -37.13
N PHE C 279 -30.51 -17.46 -37.09
CA PHE C 279 -31.46 -18.45 -37.61
C PHE C 279 -31.98 -19.26 -36.44
N LYS C 280 -33.29 -19.26 -36.24
CA LYS C 280 -33.95 -19.98 -35.17
C LYS C 280 -34.93 -20.98 -35.76
N ILE C 281 -34.82 -22.24 -35.35
CA ILE C 281 -35.69 -23.26 -35.92
C ILE C 281 -37.13 -23.03 -35.45
N LYS C 282 -38.08 -23.35 -36.33
CA LYS C 282 -39.49 -23.14 -36.01
C LYS C 282 -40.19 -24.40 -35.50
N ASN C 283 -39.73 -25.57 -35.91
CA ASN C 283 -40.32 -26.83 -35.47
C ASN C 283 -39.20 -27.72 -34.93
N GLU C 284 -39.25 -28.00 -33.63
CA GLU C 284 -38.25 -28.84 -32.98
C GLU C 284 -38.39 -30.32 -33.32
N ASP C 285 -39.45 -30.71 -34.05
CA ASP C 285 -39.70 -32.10 -34.39
C ASP C 285 -39.02 -32.54 -35.69
N ILE C 286 -38.39 -31.62 -36.42
CA ILE C 286 -37.83 -31.98 -37.71
C ILE C 286 -36.57 -32.84 -37.53
N CYS C 287 -36.38 -33.78 -38.44
CA CYS C 287 -35.19 -34.62 -38.48
C CYS C 287 -34.22 -34.04 -39.50
N ILE C 288 -33.06 -33.56 -39.02
CA ILE C 288 -32.12 -32.87 -39.89
C ILE C 288 -31.55 -33.82 -40.94
N ASN C 289 -31.26 -35.08 -40.57
CA ASN C 289 -30.64 -36.02 -41.49
C ASN C 289 -31.53 -36.36 -42.68
N LYS C 290 -32.81 -36.00 -42.62
CA LYS C 290 -33.73 -36.25 -43.72
C LYS C 290 -33.53 -35.29 -44.89
N PHE C 291 -32.60 -34.34 -44.77
CA PHE C 291 -32.37 -33.31 -45.77
C PHE C 291 -30.97 -33.41 -46.34
N GLU C 292 -30.81 -32.89 -47.56
CA GLU C 292 -29.51 -32.97 -48.24
C GLU C 292 -28.50 -32.00 -47.63
N THR C 293 -28.92 -30.77 -47.35
CA THR C 293 -28.03 -29.73 -46.83
C THR C 293 -28.73 -28.94 -45.74
N LEU C 294 -27.92 -28.29 -44.91
CA LEU C 294 -28.47 -27.36 -43.91
C LEU C 294 -28.95 -26.06 -44.55
N GLU C 295 -28.29 -25.62 -45.63
CA GLU C 295 -28.74 -24.40 -46.29
C GLU C 295 -30.17 -24.53 -46.78
N GLU C 296 -30.52 -25.70 -47.33
CA GLU C 296 -31.90 -25.94 -47.76
C GLU C 296 -32.89 -25.64 -46.64
N LEU C 297 -32.55 -26.01 -45.41
CA LEU C 297 -33.41 -25.72 -44.26
C LEU C 297 -33.39 -24.23 -43.93
N LEU C 298 -32.20 -23.64 -43.84
CA LEU C 298 -32.10 -22.25 -43.42
C LEU C 298 -32.81 -21.32 -44.40
N LYS C 299 -32.75 -21.64 -45.68
CA LYS C 299 -33.37 -20.82 -46.72
C LYS C 299 -34.80 -21.30 -47.02
N SER C 300 -35.62 -21.39 -45.98
CA SER C 300 -36.93 -22.02 -46.07
C SER C 300 -37.77 -21.61 -44.88
N SER C 301 -39.05 -22.01 -44.90
CA SER C 301 -39.96 -21.73 -43.80
C SER C 301 -39.65 -22.49 -42.53
N LYS C 302 -38.75 -23.49 -42.57
CA LYS C 302 -38.41 -24.20 -41.35
C LYS C 302 -37.57 -23.38 -40.38
N PHE C 303 -37.02 -22.24 -40.81
CA PHE C 303 -36.20 -21.41 -39.95
C PHE C 303 -36.63 -19.95 -40.06
N GLU C 304 -36.68 -19.27 -38.92
CA GLU C 304 -36.88 -17.83 -38.90
C GLU C 304 -35.52 -17.15 -38.89
N HIS C 305 -35.40 -16.05 -39.63
CA HIS C 305 -34.16 -15.29 -39.70
C HIS C 305 -34.39 -13.87 -39.21
N PHE C 306 -33.42 -13.34 -38.48
CA PHE C 306 -33.43 -11.91 -38.19
C PHE C 306 -32.01 -11.43 -37.90
N ASN C 307 -31.84 -10.12 -37.93
CA ASN C 307 -30.56 -9.49 -37.66
C ASN C 307 -30.50 -8.97 -36.24
N ILE C 308 -29.31 -9.06 -35.64
CA ILE C 308 -29.05 -8.52 -34.31
C ILE C 308 -27.79 -7.67 -34.39
N ASN C 309 -27.86 -6.45 -33.84
CA ASN C 309 -26.70 -5.58 -33.81
C ASN C 309 -25.81 -6.00 -32.64
N GLN C 310 -24.61 -6.52 -32.95
CA GLN C 310 -23.72 -7.00 -31.91
C GLN C 310 -23.32 -5.88 -30.94
N ARG C 311 -23.20 -4.65 -31.44
CA ARG C 311 -22.85 -3.53 -30.57
C ARG C 311 -23.93 -3.21 -29.55
N LEU C 312 -25.14 -3.74 -29.73
CA LEU C 312 -26.24 -3.49 -28.80
C LEU C 312 -26.47 -4.64 -27.81
N LEU C 313 -25.66 -5.69 -27.87
CA LEU C 313 -25.81 -6.79 -26.92
C LEU C 313 -25.33 -6.37 -25.54
N SER C 314 -26.14 -6.70 -24.52
CA SER C 314 -25.79 -6.44 -23.13
C SER C 314 -25.08 -7.68 -22.56
N ASP C 315 -25.00 -7.79 -21.24
CA ASP C 315 -24.45 -9.00 -20.63
C ASP C 315 -25.25 -10.25 -20.96
N GLU C 316 -26.53 -10.09 -21.31
CA GLU C 316 -27.33 -11.20 -21.82
C GLU C 316 -27.77 -10.89 -23.25
N TRP C 317 -27.92 -11.94 -24.05
CA TRP C 317 -28.22 -11.83 -25.47
C TRP C 317 -29.69 -12.15 -25.69
N ILE C 318 -30.48 -11.13 -26.01
CA ILE C 318 -31.90 -11.30 -26.31
C ILE C 318 -31.98 -11.39 -27.83
N LEU C 319 -31.97 -12.63 -28.35
CA LEU C 319 -31.97 -12.86 -29.79
C LEU C 319 -33.41 -13.16 -30.23
N VAL C 320 -34.17 -12.08 -30.44
CA VAL C 320 -35.56 -12.17 -30.86
C VAL C 320 -35.81 -11.13 -31.95
N ASN C 321 -36.93 -11.28 -32.66
CA ASN C 321 -37.28 -10.33 -33.69
C ASN C 321 -37.76 -9.02 -33.04
N LYS C 322 -38.10 -8.06 -33.90
CA LYS C 322 -38.49 -6.73 -33.42
C LYS C 322 -39.78 -6.78 -32.61
N ASP C 323 -40.76 -7.57 -33.06
CA ASP C 323 -42.04 -7.62 -32.35
C ASP C 323 -41.86 -8.12 -30.93
N ASP C 324 -41.13 -9.22 -30.76
CA ASP C 324 -40.87 -9.75 -29.42
C ASP C 324 -40.05 -8.76 -28.60
N GLU C 325 -39.11 -8.05 -29.24
CA GLU C 325 -38.31 -7.06 -28.53
C GLU C 325 -39.20 -5.96 -27.96
N THR C 326 -40.13 -5.47 -28.78
CA THR C 326 -41.06 -4.43 -28.33
C THR C 326 -41.95 -4.93 -27.21
N PHE C 327 -42.46 -6.15 -27.35
CA PHE C 327 -43.29 -6.77 -26.32
C PHE C 327 -42.55 -6.84 -24.99
N TYR C 328 -41.34 -7.39 -25.02
CA TYR C 328 -40.53 -7.56 -23.82
C TYR C 328 -40.21 -6.21 -23.18
N ASN C 329 -39.83 -5.22 -23.99
CA ASN C 329 -39.47 -3.93 -23.43
C ASN C 329 -40.68 -3.23 -22.82
N LYS C 330 -41.86 -3.35 -23.46
CA LYS C 330 -43.07 -2.79 -22.86
C LYS C 330 -43.31 -3.40 -21.48
N ILE C 331 -43.30 -4.74 -21.39
CA ILE C 331 -43.58 -5.35 -20.10
C ILE C 331 -42.53 -4.93 -19.08
N GLN C 332 -41.25 -4.94 -19.46
CA GLN C 332 -40.19 -4.58 -18.52
C GLN C 332 -40.36 -3.17 -17.98
N GLU C 333 -40.67 -2.21 -18.86
CA GLU C 333 -40.81 -0.83 -18.41
C GLU C 333 -42.09 -0.62 -17.60
N LYS C 334 -43.17 -1.33 -17.95
CA LYS C 334 -44.45 -1.10 -17.28
C LYS C 334 -44.43 -1.57 -15.83
N CYS C 335 -43.81 -2.73 -15.57
CA CYS C 335 -43.85 -3.34 -14.25
C CYS C 335 -42.84 -2.70 -13.32
N LYS C 336 -43.28 -2.33 -12.12
CA LYS C 336 -42.44 -1.66 -11.15
C LYS C 336 -41.85 -2.59 -10.11
N TYR C 337 -42.15 -3.89 -10.18
CA TYR C 337 -41.68 -4.86 -9.20
C TYR C 337 -41.17 -6.10 -9.92
N SER C 338 -40.34 -6.87 -9.21
CA SER C 338 -39.94 -8.19 -9.64
C SER C 338 -40.32 -9.19 -8.56
N LEU C 339 -40.39 -10.47 -8.94
CA LEU C 339 -40.71 -11.50 -7.94
C LEU C 339 -39.66 -11.54 -6.84
N GLU C 340 -38.40 -11.31 -7.19
CA GLU C 340 -37.36 -11.22 -6.16
C GLU C 340 -37.65 -10.10 -5.17
N ASP C 341 -38.24 -8.99 -5.63
CA ASP C 341 -38.54 -7.88 -4.73
C ASP C 341 -39.53 -8.30 -3.65
N ILE C 342 -40.53 -9.11 -4.00
CA ILE C 342 -41.68 -9.33 -3.13
C ILE C 342 -41.73 -10.72 -2.54
N ALA C 343 -40.80 -11.61 -2.89
CA ALA C 343 -40.92 -13.00 -2.49
C ALA C 343 -39.58 -13.56 -2.02
N ILE C 344 -39.69 -14.60 -1.17
CA ILE C 344 -38.56 -15.43 -0.76
C ILE C 344 -38.62 -16.73 -1.56
N SER C 345 -37.54 -17.03 -2.27
CA SER C 345 -37.43 -18.19 -3.14
C SER C 345 -36.58 -19.27 -2.49
N PHE C 346 -36.87 -20.53 -2.82
CA PHE C 346 -35.99 -21.60 -2.37
C PHE C 346 -36.14 -22.87 -3.21
N GLN C 347 -35.02 -23.61 -3.27
CA GLN C 347 -34.94 -24.92 -3.89
C GLN C 347 -35.45 -25.97 -2.93
N GLY C 348 -35.97 -27.05 -3.48
CA GLY C 348 -36.58 -28.11 -2.70
C GLY C 348 -35.54 -28.92 -1.94
N ILE C 349 -36.03 -29.95 -1.25
CA ILE C 349 -35.17 -30.84 -0.49
C ILE C 349 -34.21 -31.55 -1.43
N ILE C 350 -32.97 -31.73 -1.00
CA ILE C 350 -32.05 -32.64 -1.67
C ILE C 350 -31.65 -33.66 -0.62
N THR C 351 -32.24 -34.86 -0.71
CA THR C 351 -31.94 -35.88 0.28
C THR C 351 -30.51 -36.38 0.15
N GLY C 352 -30.00 -36.46 -1.08
CA GLY C 352 -28.75 -37.12 -1.37
C GLY C 352 -28.92 -38.55 -1.85
N CYS C 353 -30.02 -39.21 -1.48
CA CYS C 353 -30.32 -40.55 -1.99
C CYS C 353 -31.82 -40.79 -1.80
N ASP C 354 -32.61 -40.51 -2.84
CA ASP C 354 -34.06 -40.52 -2.66
C ASP C 354 -34.59 -41.89 -2.28
N LYS C 355 -33.99 -42.96 -2.81
CA LYS C 355 -34.47 -44.30 -2.48
C LYS C 355 -34.39 -44.62 -0.99
N ALA C 356 -33.59 -43.88 -0.24
CA ALA C 356 -33.45 -44.14 1.19
C ALA C 356 -34.47 -43.39 2.04
N PHE C 357 -35.09 -42.34 1.49
CA PHE C 357 -35.97 -41.48 2.27
C PHE C 357 -37.39 -41.34 1.72
N ILE C 358 -37.62 -41.74 0.47
CA ILE C 358 -38.89 -41.52 -0.22
C ILE C 358 -39.59 -42.86 -0.37
N LEU C 359 -40.80 -42.96 0.18
CA LEU C 359 -41.56 -44.19 0.07
C LEU C 359 -42.92 -43.91 -0.55
N SER C 360 -43.44 -44.88 -1.31
CA SER C 360 -44.77 -44.76 -1.85
C SER C 360 -45.79 -44.73 -0.72
N LYS C 361 -46.85 -43.95 -0.93
CA LYS C 361 -47.85 -43.73 0.10
C LYS C 361 -48.42 -45.04 0.65
N ASP C 362 -48.47 -46.09 -0.18
CA ASP C 362 -49.03 -47.37 0.20
C ASP C 362 -47.98 -48.38 0.65
N ASP C 363 -46.72 -47.96 0.82
CA ASP C 363 -45.66 -48.89 1.19
C ASP C 363 -45.85 -49.38 2.62
N VAL C 364 -45.72 -50.70 2.80
CA VAL C 364 -45.95 -51.29 4.12
C VAL C 364 -44.91 -50.81 5.13
N LYS C 365 -43.69 -50.52 4.68
CA LYS C 365 -42.64 -50.08 5.60
C LYS C 365 -42.99 -48.79 6.31
N LEU C 366 -43.96 -48.02 5.81
CA LEU C 366 -44.37 -46.81 6.50
C LEU C 366 -44.98 -47.12 7.87
N ASN C 367 -45.43 -48.36 8.09
CA ASN C 367 -45.86 -48.76 9.43
C ASN C 367 -44.73 -48.69 10.44
N LEU C 368 -43.48 -48.73 9.97
CA LEU C 368 -42.32 -48.58 10.83
C LEU C 368 -42.06 -47.13 11.24
N VAL C 369 -42.58 -46.16 10.48
CA VAL C 369 -42.24 -44.75 10.68
C VAL C 369 -43.37 -44.06 11.43
N ASP C 370 -43.03 -43.42 12.56
CA ASP C 370 -43.97 -42.56 13.23
C ASP C 370 -44.42 -41.43 12.31
N ASP C 371 -45.71 -41.12 12.36
CA ASP C 371 -46.27 -40.14 11.44
C ASP C 371 -45.67 -38.75 11.62
N LYS C 372 -45.10 -38.46 12.79
CA LYS C 372 -44.48 -37.16 12.99
C LYS C 372 -43.25 -36.95 12.11
N PHE C 373 -42.66 -38.03 11.61
CA PHE C 373 -41.51 -37.93 10.71
C PHE C 373 -41.88 -37.83 9.24
N LEU C 374 -43.15 -38.04 8.88
CA LEU C 374 -43.53 -38.18 7.49
C LEU C 374 -44.07 -36.87 6.94
N LYS C 375 -43.62 -36.53 5.73
CA LYS C 375 -44.05 -35.33 5.02
C LYS C 375 -44.60 -35.72 3.65
N CYS C 376 -45.55 -34.94 3.13
CA CYS C 376 -46.04 -35.17 1.78
C CYS C 376 -44.98 -34.77 0.74
N TRP C 377 -44.84 -35.60 -0.29
CA TRP C 377 -43.75 -35.46 -1.25
C TRP C 377 -44.32 -35.44 -2.65
N ILE C 378 -44.14 -34.33 -3.37
CA ILE C 378 -44.63 -34.20 -4.73
C ILE C 378 -43.45 -34.08 -5.68
N LYS C 379 -43.67 -34.50 -6.93
CA LYS C 379 -42.69 -34.42 -8.00
C LYS C 379 -43.16 -33.43 -9.06
N SER C 380 -42.27 -33.15 -10.02
CA SER C 380 -42.51 -32.07 -10.97
C SER C 380 -43.82 -32.26 -11.73
N LYS C 381 -44.22 -33.50 -12.00
CA LYS C 381 -45.42 -33.74 -12.78
C LYS C 381 -46.70 -33.45 -11.99
N ASN C 382 -46.62 -33.39 -10.66
CA ASN C 382 -47.83 -33.12 -9.89
C ASN C 382 -48.31 -31.68 -10.03
N ILE C 383 -47.51 -30.78 -10.60
CA ILE C 383 -47.83 -29.36 -10.61
C ILE C 383 -48.62 -29.02 -11.87
N ASN C 384 -49.78 -28.41 -11.70
CA ASN C 384 -50.56 -27.84 -12.79
C ASN C 384 -50.62 -26.33 -12.60
N LYS C 385 -51.21 -25.64 -13.58
CA LYS C 385 -51.56 -24.25 -13.34
C LYS C 385 -52.52 -24.19 -12.15
N TYR C 386 -52.21 -23.30 -11.21
CA TYR C 386 -53.04 -22.90 -10.06
C TYR C 386 -53.12 -23.90 -8.92
N ILE C 387 -52.88 -25.20 -9.14
CA ILE C 387 -53.16 -26.21 -8.13
C ILE C 387 -52.22 -27.39 -8.30
N VAL C 388 -52.03 -28.13 -7.21
CA VAL C 388 -51.10 -29.26 -7.14
C VAL C 388 -51.91 -30.54 -6.98
N ASP C 389 -51.51 -31.60 -7.70
CA ASP C 389 -52.12 -32.90 -7.51
C ASP C 389 -51.80 -33.44 -6.12
N LYS C 390 -52.70 -34.28 -5.61
CA LYS C 390 -52.46 -34.95 -4.33
C LYS C 390 -51.19 -35.78 -4.40
N SER C 391 -50.38 -35.70 -3.35
CA SER C 391 -49.13 -36.43 -3.30
C SER C 391 -49.38 -37.94 -3.24
N GLU C 392 -48.47 -38.69 -3.86
CA GLU C 392 -48.49 -40.14 -3.82
C GLU C 392 -47.29 -40.71 -3.09
N TYR C 393 -46.44 -39.85 -2.51
CA TYR C 393 -45.20 -40.26 -1.86
C TYR C 393 -45.07 -39.57 -0.51
N ARG C 394 -44.31 -40.20 0.37
CA ARG C 394 -43.97 -39.65 1.67
C ARG C 394 -42.46 -39.53 1.79
N LEU C 395 -42.04 -38.46 2.45
CA LEU C 395 -40.65 -38.20 2.78
C LEU C 395 -40.45 -38.48 4.26
N ILE C 396 -39.44 -39.29 4.57
CA ILE C 396 -38.98 -39.47 5.94
C ILE C 396 -38.02 -38.32 6.25
N TYR C 397 -38.45 -37.38 7.10
CA TYR C 397 -37.62 -36.22 7.43
C TYR C 397 -36.66 -36.65 8.55
N SER C 398 -35.60 -37.35 8.14
CA SER C 398 -34.75 -38.06 9.10
C SER C 398 -33.96 -37.11 10.01
N ASN C 399 -33.82 -35.83 9.65
CA ASN C 399 -33.11 -34.90 10.54
C ASN C 399 -33.77 -34.80 11.90
N ASP C 400 -35.09 -35.01 11.98
CA ASP C 400 -35.76 -34.90 13.27
C ASP C 400 -35.48 -36.07 14.20
N ILE C 401 -34.82 -37.11 13.72
CA ILE C 401 -34.41 -38.21 14.59
C ILE C 401 -33.22 -37.76 15.43
N ASP C 402 -33.36 -37.86 16.77
CA ASP C 402 -32.38 -37.26 17.67
C ASP C 402 -31.00 -37.90 17.51
N ASN C 403 -30.94 -39.22 17.43
CA ASN C 403 -29.68 -39.93 17.28
C ASN C 403 -29.99 -41.35 16.78
N GLU C 404 -28.97 -42.22 16.79
CA GLU C 404 -29.16 -43.59 16.33
C GLU C 404 -29.80 -44.49 17.37
N ASN C 405 -29.84 -44.09 18.63
CA ASN C 405 -30.34 -44.93 19.71
C ASN C 405 -31.80 -44.69 20.06
N THR C 406 -32.49 -43.82 19.33
CA THR C 406 -33.88 -43.50 19.65
C THR C 406 -34.89 -44.17 18.73
N ASN C 407 -34.59 -44.27 17.43
CA ASN C 407 -35.52 -44.79 16.43
C ASN C 407 -34.80 -45.79 15.54
N LYS C 408 -34.12 -46.75 16.18
CA LYS C 408 -33.22 -47.65 15.46
C LYS C 408 -33.89 -48.38 14.32
N ARG C 409 -35.18 -48.70 14.45
CA ARG C 409 -35.83 -49.55 13.45
C ARG C 409 -35.94 -48.84 12.10
N ILE C 410 -36.23 -47.55 12.10
CA ILE C 410 -36.28 -46.78 10.86
C ILE C 410 -34.93 -46.80 10.16
N LEU C 411 -33.86 -46.58 10.93
CA LEU C 411 -32.52 -46.58 10.33
C LEU C 411 -32.18 -47.96 9.78
N ASP C 412 -32.52 -49.02 10.52
CA ASP C 412 -32.07 -50.36 10.15
C ASP C 412 -32.84 -50.90 8.95
N GLU C 413 -34.15 -50.66 8.89
CA GLU C 413 -34.98 -51.32 7.89
C GLU C 413 -35.25 -50.48 6.66
N ILE C 414 -35.05 -49.17 6.72
CA ILE C 414 -35.37 -48.33 5.58
C ILE C 414 -34.13 -47.56 5.11
N ILE C 415 -33.63 -46.66 5.94
CA ILE C 415 -32.57 -45.75 5.51
C ILE C 415 -31.26 -46.52 5.32
N GLY C 416 -30.91 -47.36 6.30
CA GLY C 416 -29.64 -48.07 6.30
C GLY C 416 -29.44 -48.98 5.11
N LEU C 417 -30.51 -49.29 4.39
CA LEU C 417 -30.37 -50.08 3.16
C LEU C 417 -29.45 -49.40 2.17
N TYR C 418 -29.25 -48.09 2.27
CA TYR C 418 -28.35 -47.38 1.37
C TYR C 418 -27.19 -46.72 2.13
N LYS C 419 -26.84 -47.29 3.29
CA LYS C 419 -25.92 -46.63 4.21
C LYS C 419 -24.59 -46.30 3.52
N THR C 420 -24.02 -47.27 2.80
CA THR C 420 -22.76 -47.03 2.11
C THR C 420 -22.87 -45.80 1.21
N LYS C 421 -23.92 -45.76 0.39
CA LYS C 421 -24.11 -44.62 -0.50
C LYS C 421 -24.24 -43.34 0.30
N LEU C 422 -25.03 -43.39 1.38
CA LEU C 422 -25.22 -42.20 2.19
C LEU C 422 -23.91 -41.77 2.83
N GLU C 423 -23.04 -42.73 3.15
CA GLU C 423 -21.77 -42.39 3.76
C GLU C 423 -20.84 -41.68 2.79
N ASN C 424 -21.07 -41.81 1.48
CA ASN C 424 -20.17 -41.21 0.52
C ASN C 424 -20.53 -39.77 0.18
N ARG C 425 -21.61 -39.24 0.73
CA ARG C 425 -21.96 -37.85 0.50
C ARG C 425 -20.90 -36.94 1.13
N ARG C 426 -20.67 -35.79 0.48
CA ARG C 426 -19.55 -34.95 0.88
C ARG C 426 -19.63 -34.54 2.34
N GLU C 427 -20.81 -34.10 2.78
CA GLU C 427 -20.96 -33.61 4.15
C GLU C 427 -20.87 -34.72 5.19
N CYS C 428 -21.14 -35.97 4.80
CA CYS C 428 -20.92 -37.07 5.74
C CYS C 428 -19.44 -37.37 5.92
N LYS C 429 -18.69 -37.41 4.82
CA LYS C 429 -17.25 -37.69 4.92
C LYS C 429 -16.53 -36.60 5.69
N SER C 430 -17.01 -35.36 5.61
CA SER C 430 -16.43 -34.31 6.43
C SER C 430 -16.97 -34.34 7.86
N GLY C 431 -17.91 -35.22 8.19
CA GLY C 431 -18.36 -35.37 9.54
C GLY C 431 -19.35 -34.34 10.05
N ILE C 432 -19.80 -33.41 9.20
CA ILE C 432 -20.78 -32.42 9.68
C ILE C 432 -22.21 -32.90 9.51
N ARG C 433 -22.43 -33.98 8.76
CA ARG C 433 -23.76 -34.54 8.53
C ARG C 433 -23.74 -36.01 8.91
N LYS C 434 -24.73 -36.45 9.68
CA LYS C 434 -24.81 -37.85 10.04
C LYS C 434 -25.21 -38.68 8.82
N TRP C 435 -24.83 -39.96 8.82
CA TRP C 435 -25.07 -40.78 7.63
C TRP C 435 -26.55 -40.92 7.30
N TYR C 436 -27.42 -40.91 8.31
CA TYR C 436 -28.85 -41.08 8.06
C TYR C 436 -29.60 -39.77 7.84
N GLU C 437 -28.93 -38.62 7.98
CA GLU C 437 -29.62 -37.34 7.84
C GLU C 437 -29.75 -36.96 6.37
N LEU C 438 -30.77 -36.14 6.08
CA LEU C 438 -30.90 -35.59 4.73
C LEU C 438 -29.69 -34.70 4.43
N GLN C 439 -29.24 -34.72 3.17
CA GLN C 439 -28.06 -33.94 2.83
C GLN C 439 -28.35 -32.44 2.90
N TRP C 440 -29.41 -31.98 2.23
CA TRP C 440 -29.85 -30.59 2.32
C TRP C 440 -31.32 -30.62 2.71
N GLY C 441 -31.57 -30.65 4.01
CA GLY C 441 -32.93 -30.70 4.52
C GLY C 441 -33.65 -29.37 4.60
N ARG C 442 -32.95 -28.26 4.36
CA ARG C 442 -33.54 -26.92 4.27
C ARG C 442 -34.24 -26.60 5.60
N GLU C 443 -35.35 -25.87 5.55
CA GLU C 443 -36.10 -25.51 6.75
C GLU C 443 -37.57 -25.88 6.58
N LYS C 444 -38.07 -26.73 7.48
CA LYS C 444 -39.46 -27.16 7.41
C LYS C 444 -40.42 -25.99 7.45
N LEU C 445 -40.08 -24.93 8.18
CA LEU C 445 -40.94 -23.76 8.27
C LEU C 445 -41.20 -23.12 6.91
N PHE C 446 -40.28 -23.30 5.96
CA PHE C 446 -40.48 -22.76 4.62
C PHE C 446 -41.47 -23.58 3.80
N PHE C 447 -41.51 -24.90 4.00
CA PHE C 447 -42.41 -25.75 3.23
C PHE C 447 -43.80 -25.84 3.87
N GLU C 448 -43.87 -25.82 5.19
CA GLU C 448 -45.12 -26.03 5.90
C GLU C 448 -45.87 -24.71 6.08
N ARG C 449 -46.18 -24.10 4.95
CA ARG C 449 -46.92 -22.84 4.91
C ARG C 449 -47.52 -22.70 3.52
N LYS C 450 -48.46 -21.76 3.41
CA LYS C 450 -49.01 -21.43 2.10
C LYS C 450 -47.92 -20.83 1.22
N LYS C 451 -47.78 -21.36 0.01
CA LYS C 451 -46.70 -20.96 -0.87
C LYS C 451 -47.08 -21.29 -2.30
N ILE C 452 -46.25 -20.84 -3.23
CA ILE C 452 -46.40 -21.13 -4.65
C ILE C 452 -45.28 -22.08 -5.05
N MET C 453 -45.61 -23.09 -5.84
CA MET C 453 -44.65 -24.06 -6.32
C MET C 453 -44.74 -24.16 -7.83
N TYR C 454 -43.62 -24.51 -8.46
CA TYR C 454 -43.58 -24.66 -9.90
C TYR C 454 -42.51 -25.67 -10.30
N PRO C 455 -42.74 -26.44 -11.36
CA PRO C 455 -41.74 -27.45 -11.75
C PRO C 455 -40.48 -26.80 -12.32
N TYR C 456 -39.35 -27.46 -12.11
CA TYR C 456 -38.07 -26.86 -12.49
C TYR C 456 -37.84 -26.89 -13.99
N LYS C 457 -38.55 -27.76 -14.71
CA LYS C 457 -38.43 -27.91 -16.17
C LYS C 457 -39.82 -28.20 -16.70
N SER C 458 -40.28 -27.40 -17.67
CA SER C 458 -41.65 -27.56 -18.15
C SER C 458 -41.80 -26.94 -19.52
N ASN C 459 -42.90 -27.30 -20.19
CA ASN C 459 -43.22 -26.70 -21.48
C ASN C 459 -43.89 -25.34 -21.35
N GLU C 460 -44.40 -24.98 -20.16
CA GLU C 460 -45.21 -23.77 -20.04
C GLU C 460 -45.22 -23.32 -18.59
N ASN C 461 -45.70 -22.09 -18.38
CA ASN C 461 -45.82 -21.54 -17.03
C ASN C 461 -46.81 -22.35 -16.22
N ARG C 462 -46.35 -22.95 -15.12
CA ARG C 462 -47.20 -23.76 -14.24
C ARG C 462 -46.89 -23.39 -12.79
N PHE C 463 -47.59 -22.39 -12.27
CA PHE C 463 -47.43 -21.90 -10.91
C PHE C 463 -48.69 -22.22 -10.12
N ALA C 464 -48.53 -22.98 -9.04
CA ALA C 464 -49.66 -23.43 -8.26
C ALA C 464 -49.52 -22.96 -6.82
N ILE C 465 -50.66 -22.73 -6.18
CA ILE C 465 -50.71 -22.50 -4.74
C ILE C 465 -50.79 -23.84 -4.06
N ASP C 466 -49.84 -24.12 -3.16
CA ASP C 466 -49.85 -25.32 -2.34
C ASP C 466 -50.56 -25.00 -1.03
N TYR C 467 -51.62 -25.75 -0.73
CA TYR C 467 -52.33 -25.62 0.54
C TYR C 467 -52.00 -26.73 1.52
N ASP C 468 -51.20 -27.73 1.11
CA ASP C 468 -51.10 -28.96 1.87
C ASP C 468 -49.70 -29.21 2.46
N ASN C 469 -48.90 -28.16 2.62
CA ASN C 469 -47.56 -28.26 3.21
C ASN C 469 -46.73 -29.32 2.47
N ASN C 470 -46.67 -29.19 1.15
CA ASN C 470 -46.00 -30.18 0.32
C ASN C 470 -44.50 -29.96 0.31
N PHE C 471 -43.76 -31.02 0.56
CA PHE C 471 -42.31 -31.04 0.35
C PHE C 471 -42.02 -31.60 -1.03
N SER C 472 -40.83 -31.30 -1.53
CA SER C 472 -40.44 -31.74 -2.86
C SER C 472 -38.93 -31.77 -2.95
N SER C 473 -38.44 -32.45 -3.98
CA SER C 473 -37.02 -32.42 -4.31
C SER C 473 -36.71 -31.16 -5.12
N ALA C 474 -35.51 -31.12 -5.71
CA ALA C 474 -35.07 -29.96 -6.47
C ALA C 474 -35.75 -29.84 -7.84
N ASP C 475 -36.59 -30.81 -8.20
CA ASP C 475 -37.38 -30.71 -9.43
C ASP C 475 -38.63 -29.85 -9.26
N VAL C 476 -38.84 -29.26 -8.10
CA VAL C 476 -39.93 -28.31 -7.86
C VAL C 476 -39.39 -27.17 -7.01
N TYR C 477 -39.51 -25.94 -7.49
CA TYR C 477 -39.10 -24.77 -6.72
C TYR C 477 -40.30 -24.15 -6.02
N SER C 478 -40.04 -23.45 -4.91
CA SER C 478 -41.10 -22.82 -4.14
C SER C 478 -40.75 -21.36 -3.86
N PHE C 479 -41.78 -20.56 -3.64
CA PHE C 479 -41.58 -19.24 -3.06
C PHE C 479 -42.79 -18.85 -2.23
N PHE C 480 -42.55 -18.03 -1.22
CA PHE C 480 -43.65 -17.39 -0.52
C PHE C 480 -43.47 -15.88 -0.57
N ILE C 481 -44.52 -15.17 -0.22
CA ILE C 481 -44.52 -13.71 -0.30
C ILE C 481 -43.99 -13.13 1.00
N LYS C 482 -43.15 -12.11 0.87
CA LYS C 482 -42.59 -11.43 2.04
C LYS C 482 -43.72 -10.83 2.88
N GLU C 483 -43.51 -10.81 4.20
CA GLU C 483 -44.54 -10.29 5.09
C GLU C 483 -44.87 -8.84 4.78
N GLU C 484 -43.86 -8.05 4.42
CA GLU C 484 -44.10 -6.62 4.17
C GLU C 484 -44.73 -6.35 2.81
N TYR C 485 -44.93 -7.37 1.97
CA TYR C 485 -45.61 -7.22 0.69
C TYR C 485 -46.95 -7.95 0.64
N LEU C 486 -47.40 -8.51 1.76
CA LEU C 486 -48.63 -9.31 1.74
C LEU C 486 -49.87 -8.45 1.50
N ASP C 487 -49.88 -7.23 2.04
CA ASP C 487 -51.00 -6.33 1.79
C ASP C 487 -51.02 -5.80 0.36
N LYS C 488 -49.94 -5.98 -0.39
CA LYS C 488 -49.80 -5.50 -1.76
C LYS C 488 -50.08 -6.59 -2.79
N PHE C 489 -49.61 -7.80 -2.57
CA PHE C 489 -49.81 -8.91 -3.49
C PHE C 489 -50.34 -10.12 -2.75
N SER C 490 -51.27 -10.83 -3.38
CA SER C 490 -51.81 -12.06 -2.85
C SER C 490 -51.36 -13.22 -3.73
N TYR C 491 -51.41 -14.42 -3.18
CA TYR C 491 -51.03 -15.60 -3.95
C TYR C 491 -51.96 -15.82 -5.14
N GLU C 492 -53.26 -15.57 -4.94
CA GLU C 492 -54.21 -15.76 -6.03
C GLU C 492 -53.93 -14.80 -7.18
N TYR C 493 -53.67 -13.53 -6.88
CA TYR C 493 -53.31 -12.59 -7.94
C TYR C 493 -52.04 -13.04 -8.66
N LEU C 494 -51.03 -13.47 -7.90
CA LEU C 494 -49.76 -13.88 -8.50
C LEU C 494 -49.94 -15.05 -9.44
N VAL C 495 -50.62 -16.12 -8.98
CA VAL C 495 -50.79 -17.27 -9.87
C VAL C 495 -51.67 -16.89 -11.06
N GLY C 496 -52.60 -15.95 -10.87
CA GLY C 496 -53.36 -15.48 -12.02
C GLY C 496 -52.49 -14.88 -13.10
N ILE C 497 -51.63 -13.92 -12.72
CA ILE C 497 -50.86 -13.29 -13.77
C ILE C 497 -49.75 -14.21 -14.27
N LEU C 498 -49.17 -15.03 -13.38
CA LEU C 498 -48.04 -15.87 -13.76
C LEU C 498 -48.46 -17.00 -14.71
N ASN C 499 -49.72 -17.41 -14.68
CA ASN C 499 -50.18 -18.49 -15.54
C ASN C 499 -50.83 -17.99 -16.83
N SER C 500 -50.90 -16.67 -17.03
CA SER C 500 -51.58 -16.15 -18.20
C SER C 500 -50.73 -16.37 -19.45
N SER C 501 -51.40 -16.26 -20.61
CA SER C 501 -50.70 -16.37 -21.90
C SER C 501 -49.64 -15.29 -22.05
N VAL C 502 -49.94 -14.09 -21.55
CA VAL C 502 -48.99 -12.98 -21.59
C VAL C 502 -47.69 -13.37 -20.88
N TYR C 503 -47.79 -13.89 -19.65
CA TYR C 503 -46.59 -14.17 -18.89
C TYR C 503 -45.88 -15.43 -19.39
N ASP C 504 -46.60 -16.36 -19.99
CA ASP C 504 -45.93 -17.49 -20.63
C ASP C 504 -45.04 -17.03 -21.79
N LYS C 505 -45.59 -16.18 -22.67
CA LYS C 505 -44.77 -15.62 -23.75
C LYS C 505 -43.62 -14.80 -23.20
N TYR C 506 -43.91 -13.94 -22.21
CA TYR C 506 -42.92 -13.04 -21.64
C TYR C 506 -41.76 -13.80 -21.01
N PHE C 507 -42.05 -14.84 -20.23
CA PHE C 507 -40.98 -15.63 -19.66
C PHE C 507 -40.18 -16.34 -20.74
N LYS C 508 -40.86 -16.89 -21.75
CA LYS C 508 -40.12 -17.64 -22.76
C LYS C 508 -39.29 -16.75 -23.68
N ILE C 509 -39.45 -15.43 -23.62
CA ILE C 509 -38.57 -14.57 -24.43
C ILE C 509 -37.09 -14.78 -24.04
N THR C 510 -36.82 -14.98 -22.74
CA THR C 510 -35.44 -15.14 -22.29
C THR C 510 -35.17 -16.45 -21.56
N ALA C 511 -36.13 -17.35 -21.49
CA ALA C 511 -35.93 -18.59 -20.74
C ALA C 511 -34.89 -19.48 -21.43
N LYS C 512 -34.31 -20.38 -20.65
CA LYS C 512 -33.25 -21.27 -21.10
C LYS C 512 -33.88 -22.53 -21.68
N LYS C 513 -33.83 -22.67 -23.01
CA LYS C 513 -34.39 -23.82 -23.70
C LYS C 513 -33.45 -25.02 -23.58
N MET C 514 -33.94 -26.10 -22.97
CA MET C 514 -33.13 -27.26 -22.58
C MET C 514 -33.21 -28.41 -23.58
N SER C 515 -34.42 -28.79 -23.96
CA SER C 515 -34.65 -29.90 -24.88
C SER C 515 -36.04 -29.69 -25.48
N LYS C 516 -36.49 -30.66 -26.26
CA LYS C 516 -37.76 -30.54 -26.96
C LYS C 516 -38.90 -30.28 -25.98
N ASN C 517 -39.55 -29.13 -26.14
CA ASN C 517 -40.70 -28.73 -25.31
C ASN C 517 -40.35 -28.58 -23.84
N ILE C 518 -39.11 -28.26 -23.49
CA ILE C 518 -38.71 -28.09 -22.11
C ILE C 518 -37.89 -26.83 -21.97
N TYR C 519 -38.32 -25.93 -21.08
CA TYR C 519 -37.54 -24.80 -20.61
C TYR C 519 -37.18 -25.02 -19.14
N ASP C 520 -36.03 -24.48 -18.74
CA ASP C 520 -35.69 -24.39 -17.33
C ASP C 520 -36.59 -23.34 -16.67
N TYR C 521 -37.24 -23.72 -15.56
CA TYR C 521 -37.88 -22.75 -14.67
C TYR C 521 -37.11 -22.77 -13.36
N TYR C 522 -36.00 -22.02 -13.32
CA TYR C 522 -35.19 -21.89 -12.13
C TYR C 522 -35.27 -20.46 -11.59
N PRO C 523 -35.01 -20.28 -10.29
CA PRO C 523 -35.11 -18.92 -9.73
C PRO C 523 -34.20 -17.91 -10.38
N ASN C 524 -33.05 -18.32 -10.94
CA ASN C 524 -32.17 -17.33 -11.54
C ASN C 524 -32.83 -16.59 -12.71
N LYS C 525 -33.86 -17.16 -13.32
CA LYS C 525 -34.66 -16.41 -14.27
C LYS C 525 -36.09 -16.15 -13.80
N VAL C 526 -36.69 -17.07 -13.05
CA VAL C 526 -38.08 -16.88 -12.62
C VAL C 526 -38.20 -15.70 -11.67
N MET C 527 -37.22 -15.52 -10.78
CA MET C 527 -37.30 -14.42 -9.83
C MET C 527 -37.04 -13.06 -10.47
N LYS C 528 -36.57 -13.02 -11.72
CA LYS C 528 -36.45 -11.76 -12.44
C LYS C 528 -37.73 -11.37 -13.18
N ILE C 529 -38.73 -12.25 -13.22
CA ILE C 529 -40.02 -11.90 -13.83
C ILE C 529 -40.57 -10.65 -13.14
N ARG C 530 -40.95 -9.66 -13.94
CA ARG C 530 -41.45 -8.41 -13.40
C ARG C 530 -42.97 -8.45 -13.29
N ILE C 531 -43.48 -7.72 -12.30
CA ILE C 531 -44.88 -7.80 -11.86
C ILE C 531 -45.44 -6.39 -11.77
N PHE C 532 -46.71 -6.24 -12.13
CA PHE C 532 -47.37 -4.94 -12.06
C PHE C 532 -48.48 -4.98 -11.02
N ARG C 533 -49.04 -3.80 -10.76
CA ARG C 533 -50.18 -3.68 -9.84
C ARG C 533 -50.89 -2.38 -10.17
N ASP C 534 -52.14 -2.50 -10.62
CA ASP C 534 -52.93 -1.32 -11.01
C ASP C 534 -54.40 -1.61 -10.74
N ASN C 535 -55.29 -0.80 -11.33
CA ASN C 535 -56.72 -0.87 -11.06
C ASN C 535 -57.39 -2.15 -11.56
N ASN C 536 -56.70 -2.96 -12.36
CA ASN C 536 -57.26 -4.25 -12.74
C ASN C 536 -57.02 -5.33 -11.69
N TYR C 537 -56.33 -4.99 -10.59
CA TYR C 537 -55.90 -6.00 -9.62
C TYR C 537 -57.07 -6.82 -9.12
N GLU C 538 -58.15 -6.15 -8.68
CA GLU C 538 -59.23 -6.86 -7.99
C GLU C 538 -59.89 -7.89 -8.89
N GLU C 539 -60.15 -7.53 -10.16
CA GLU C 539 -60.82 -8.46 -11.05
C GLU C 539 -59.90 -9.58 -11.52
N ILE C 540 -58.61 -9.30 -11.69
CA ILE C 540 -57.67 -10.38 -11.98
C ILE C 540 -57.65 -11.39 -10.83
N GLU C 541 -57.59 -10.87 -9.59
CA GLU C 541 -57.62 -11.76 -8.43
C GLU C 541 -58.94 -12.53 -8.36
N ASN C 542 -60.05 -11.86 -8.63
CA ASN C 542 -61.35 -12.53 -8.58
C ASN C 542 -61.44 -13.65 -9.60
N LEU C 543 -60.96 -13.40 -10.82
CA LEU C 543 -60.97 -14.44 -11.84
C LEU C 543 -60.08 -15.60 -11.45
N SER C 544 -58.91 -15.31 -10.87
CA SER C 544 -58.02 -16.38 -10.42
C SER C 544 -58.69 -17.24 -9.35
N LYS C 545 -59.39 -16.61 -8.41
CA LYS C 545 -60.09 -17.37 -7.37
C LYS C 545 -61.21 -18.21 -7.97
N GLN C 546 -61.96 -17.67 -8.93
CA GLN C 546 -63.02 -18.44 -9.58
C GLN C 546 -62.45 -19.65 -10.31
N ILE C 547 -61.32 -19.46 -11.01
CA ILE C 547 -60.66 -20.58 -11.67
C ILE C 547 -60.22 -21.64 -10.67
N ILE C 548 -59.61 -21.21 -9.55
CA ILE C 548 -59.15 -22.17 -8.54
C ILE C 548 -60.35 -22.94 -8.00
N SER C 549 -61.44 -22.24 -7.74
CA SER C 549 -62.65 -22.89 -7.22
C SER C 549 -63.16 -23.94 -8.19
N ILE C 550 -63.15 -23.63 -9.49
CA ILE C 550 -63.61 -24.62 -10.46
C ILE C 550 -62.65 -25.82 -10.51
N LEU C 551 -61.35 -25.55 -10.49
CA LEU C 551 -60.38 -26.64 -10.62
C LEU C 551 -60.43 -27.58 -9.43
N LEU C 552 -60.65 -27.05 -8.23
CA LEU C 552 -60.78 -27.90 -7.06
C LEU C 552 -62.12 -28.63 -6.99
N ASN C 553 -63.09 -28.23 -7.80
CA ASN C 553 -64.43 -28.81 -7.72
C ASN C 553 -64.44 -30.23 -8.30
N LYS C 554 -65.51 -30.95 -7.99
CA LYS C 554 -65.62 -32.35 -8.42
C LYS C 554 -65.81 -32.45 -9.93
N SER C 555 -66.72 -31.66 -10.49
CA SER C 555 -67.07 -31.73 -11.91
C SER C 555 -66.46 -30.51 -12.61
N ILE C 556 -65.36 -30.73 -13.33
CA ILE C 556 -64.63 -29.65 -13.98
C ILE C 556 -65.35 -29.23 -15.26
N ASP C 557 -65.38 -27.92 -15.50
CA ASP C 557 -65.88 -27.34 -16.74
C ASP C 557 -64.70 -26.67 -17.44
N LYS C 558 -64.17 -27.33 -18.47
CA LYS C 558 -62.99 -26.81 -19.15
C LYS C 558 -63.30 -25.48 -19.84
N GLY C 559 -64.47 -25.38 -20.47
CA GLY C 559 -64.81 -24.17 -21.21
C GLY C 559 -64.97 -22.95 -20.31
N LYS C 560 -65.56 -23.16 -19.12
CA LYS C 560 -65.69 -22.08 -18.14
C LYS C 560 -64.32 -21.57 -17.71
N VAL C 561 -63.41 -22.49 -17.37
CA VAL C 561 -62.07 -22.08 -17.00
C VAL C 561 -61.44 -21.33 -18.16
N GLU C 562 -61.60 -21.83 -19.39
CA GLU C 562 -60.97 -21.19 -20.55
C GLU C 562 -61.44 -19.74 -20.68
N LYS C 563 -62.75 -19.52 -20.62
CA LYS C 563 -63.26 -18.16 -20.84
C LYS C 563 -62.88 -17.22 -19.70
N LEU C 564 -62.85 -17.71 -18.46
CA LEU C 564 -62.35 -16.89 -17.36
C LEU C 564 -60.88 -16.54 -17.56
N GLN C 565 -60.08 -17.50 -18.02
CA GLN C 565 -58.67 -17.25 -18.27
C GLN C 565 -58.50 -16.20 -19.36
N ILE C 566 -59.34 -16.27 -20.40
CA ILE C 566 -59.27 -15.29 -21.48
C ILE C 566 -59.62 -13.90 -20.97
N LYS C 567 -60.65 -13.78 -20.14
CA LYS C 567 -60.96 -12.47 -19.57
C LYS C 567 -59.80 -11.93 -18.74
N MET C 568 -59.16 -12.81 -17.96
CA MET C 568 -57.98 -12.39 -17.20
C MET C 568 -56.85 -11.94 -18.11
N ASP C 569 -56.62 -12.67 -19.22
CA ASP C 569 -55.58 -12.28 -20.17
C ASP C 569 -55.88 -10.92 -20.77
N ASN C 570 -57.15 -10.67 -21.12
CA ASN C 570 -57.53 -9.38 -21.68
C ASN C 570 -57.22 -8.26 -20.70
N LEU C 571 -57.51 -8.47 -19.41
CA LEU C 571 -57.18 -7.46 -18.41
C LEU C 571 -55.66 -7.26 -18.29
N ILE C 572 -54.90 -8.34 -18.34
CA ILE C 572 -53.45 -8.21 -18.24
C ILE C 572 -52.89 -7.42 -19.43
N MET C 573 -53.38 -7.71 -20.63
CA MET C 573 -52.96 -6.98 -21.83
C MET C 573 -53.38 -5.52 -21.75
N ASP C 574 -54.57 -5.25 -21.25
CA ASP C 574 -55.00 -3.87 -21.03
C ASP C 574 -54.04 -3.16 -20.09
N SER C 575 -53.67 -3.82 -19.00
CA SER C 575 -52.79 -3.20 -18.01
C SER C 575 -51.41 -2.91 -18.59
N LEU C 576 -50.84 -3.85 -19.32
CA LEU C 576 -49.48 -3.71 -19.81
C LEU C 576 -49.39 -2.93 -21.12
N GLY C 577 -50.51 -2.46 -21.65
CA GLY C 577 -50.51 -1.70 -22.88
C GLY C 577 -50.07 -2.50 -24.10
N ILE C 578 -50.36 -3.79 -24.14
CA ILE C 578 -49.96 -4.64 -25.26
C ILE C 578 -51.01 -4.60 -26.35
#